data_1O46
# 
_entry.id   1O46 
# 
_audit_conform.dict_name       mmcif_pdbx.dic 
_audit_conform.dict_version    5.376 
_audit_conform.dict_location   http://mmcif.pdb.org/dictionaries/ascii/mmcif_pdbx.dic 
# 
loop_
_database_2.database_id 
_database_2.database_code 
_database_2.pdbx_database_accession 
_database_2.pdbx_DOI 
PDB   1O46         pdb_00001o46 10.2210/pdb1o46/pdb 
RCSB  RCSB001781   ?            ?                   
WWPDB D_1000001781 ?            ?                   
# 
_pdbx_database_status.status_code                     REL 
_pdbx_database_status.entry_id                        1O46 
_pdbx_database_status.recvd_initial_deposition_date   2003-06-15 
_pdbx_database_status.deposit_site                    RCSB 
_pdbx_database_status.process_site                    RCSB 
_pdbx_database_status.SG_entry                        . 
_pdbx_database_status.status_code_sf                  ? 
_pdbx_database_status.status_code_mr                  ? 
_pdbx_database_status.status_code_cs                  ? 
_pdbx_database_status.methods_development_category    ? 
_pdbx_database_status.pdb_format_compatible           Y 
_pdbx_database_status.status_code_nmr_data            ? 
# 
loop_
_audit_author.name 
_audit_author.pdbx_ordinal 
'Lange, G.'  1 
'Loenze, P.' 2 
'Liesum, A.' 3 
# 
_citation.id                        primary 
_citation.title                     
;Requirements for specific binding of low affinity inhibitor fragments to the SH2 domain of (pp60)Src are identical to those for high affinity binding of full length inhibitors.
;
_citation.journal_abbrev            J.Med.Chem. 
_citation.journal_volume            46 
_citation.page_first                5184 
_citation.page_last                 5195 
_citation.year                      2003 
_citation.journal_id_ASTM           JMCMAR 
_citation.country                   US 
_citation.journal_id_ISSN           0022-2623 
_citation.journal_id_CSD            0151 
_citation.book_publisher            ? 
_citation.pdbx_database_id_PubMed   14613321 
_citation.pdbx_database_id_DOI      10.1021/jm020970s 
# 
loop_
_citation_author.citation_id 
_citation_author.name 
_citation_author.ordinal 
_citation_author.identifier_ORCID 
primary 'Lange, G.'       1  ? 
primary 'Lesuisse, D.'    2  ? 
primary 'Deprez, P.'      3  ? 
primary 'Schoot, B.'      4  ? 
primary 'Loenze, P.'      5  ? 
primary 'Benard, D.'      6  ? 
primary 'Marquette, J.P.' 7  ? 
primary 'Broto, P.'       8  ? 
primary 'Sarubbi, E.'     9  ? 
primary 'Mandine, E.'     10 ? 
# 
_cell.entry_id           1O46 
_cell.length_a           26.587 
_cell.length_b           58.554 
_cell.length_c           64.188 
_cell.angle_alpha        90.00 
_cell.angle_beta         90.00 
_cell.angle_gamma        90.00 
_cell.Z_PDB              4 
_cell.pdbx_unique_axis   ? 
_cell.length_a_esd       ? 
_cell.length_b_esd       ? 
_cell.length_c_esd       ? 
_cell.angle_alpha_esd    ? 
_cell.angle_beta_esd     ? 
_cell.angle_gamma_esd    ? 
# 
_symmetry.entry_id                         1O46 
_symmetry.space_group_name_H-M             'P 21 21 21' 
_symmetry.pdbx_full_space_group_name_H-M   ? 
_symmetry.Int_Tables_number                19 
_symmetry.cell_setting                     ? 
_symmetry.space_group_name_Hall            ? 
# 
loop_
_entity.id 
_entity.type 
_entity.src_method 
_entity.pdbx_description 
_entity.formula_weight 
_entity.pdbx_number_of_molecules 
_entity.pdbx_ec 
_entity.pdbx_mutation 
_entity.pdbx_fragment 
_entity.details 
1 polymer     man 'PROTO-ONCOGENE TYROSINE-PROTEIN KINASE SRC' 12374.964 1   2.7.1.112 ? 'SH2 DOMAIN' ? 
2 non-polymer syn 
'2-{4-[2-ACETYLAMINO-2-(1-BIPHENYL-4-YLMETHYL-2-OXO-AZEPAN-3-YLCARBAMOYL)-ETHYL]-2-METHOXYCARBONYL-PHENYL}-2-FLUORO-MALONIC ACID' 
661.673   1   ?         ? ?            ? 
3 water       nat water 18.015    142 ?         ? ?            ? 
# 
_entity_name_com.entity_id   1 
_entity_name_com.name        'P60-SRC, C-SRC' 
# 
_entity_poly.entity_id                      1 
_entity_poly.type                           'polypeptide(L)' 
_entity_poly.nstd_linkage                   no 
_entity_poly.nstd_monomer                   no 
_entity_poly.pdbx_seq_one_letter_code       
;SIQAEEWYFGKITRRESERLLLNAENPRGTFLVRESETTKGAYCLSVSDFDNAKGLNVKHYKIRKLDSGGFYITSRTQFN
SLQQLVAYYSKHADGLCHRLTTVCPTSK
;
_entity_poly.pdbx_seq_one_letter_code_can   
;SIQAEEWYFGKITRRESERLLLNAENPRGTFLVRESETTKGAYCLSVSDFDNAKGLNVKHYKIRKLDSGGFYITSRTQFN
SLQQLVAYYSKHADGLCHRLTTVCPTSK
;
_entity_poly.pdbx_strand_id                 A 
_entity_poly.pdbx_target_identifier         ? 
# 
loop_
_entity_poly_seq.entity_id 
_entity_poly_seq.num 
_entity_poly_seq.mon_id 
_entity_poly_seq.hetero 
1 1   SER n 
1 2   ILE n 
1 3   GLN n 
1 4   ALA n 
1 5   GLU n 
1 6   GLU n 
1 7   TRP n 
1 8   TYR n 
1 9   PHE n 
1 10  GLY n 
1 11  LYS n 
1 12  ILE n 
1 13  THR n 
1 14  ARG n 
1 15  ARG n 
1 16  GLU n 
1 17  SER n 
1 18  GLU n 
1 19  ARG n 
1 20  LEU n 
1 21  LEU n 
1 22  LEU n 
1 23  ASN n 
1 24  ALA n 
1 25  GLU n 
1 26  ASN n 
1 27  PRO n 
1 28  ARG n 
1 29  GLY n 
1 30  THR n 
1 31  PHE n 
1 32  LEU n 
1 33  VAL n 
1 34  ARG n 
1 35  GLU n 
1 36  SER n 
1 37  GLU n 
1 38  THR n 
1 39  THR n 
1 40  LYS n 
1 41  GLY n 
1 42  ALA n 
1 43  TYR n 
1 44  CYS n 
1 45  LEU n 
1 46  SER n 
1 47  VAL n 
1 48  SER n 
1 49  ASP n 
1 50  PHE n 
1 51  ASP n 
1 52  ASN n 
1 53  ALA n 
1 54  LYS n 
1 55  GLY n 
1 56  LEU n 
1 57  ASN n 
1 58  VAL n 
1 59  LYS n 
1 60  HIS n 
1 61  TYR n 
1 62  LYS n 
1 63  ILE n 
1 64  ARG n 
1 65  LYS n 
1 66  LEU n 
1 67  ASP n 
1 68  SER n 
1 69  GLY n 
1 70  GLY n 
1 71  PHE n 
1 72  TYR n 
1 73  ILE n 
1 74  THR n 
1 75  SER n 
1 76  ARG n 
1 77  THR n 
1 78  GLN n 
1 79  PHE n 
1 80  ASN n 
1 81  SER n 
1 82  LEU n 
1 83  GLN n 
1 84  GLN n 
1 85  LEU n 
1 86  VAL n 
1 87  ALA n 
1 88  TYR n 
1 89  TYR n 
1 90  SER n 
1 91  LYS n 
1 92  HIS n 
1 93  ALA n 
1 94  ASP n 
1 95  GLY n 
1 96  LEU n 
1 97  CYS n 
1 98  HIS n 
1 99  ARG n 
1 100 LEU n 
1 101 THR n 
1 102 THR n 
1 103 VAL n 
1 104 CYS n 
1 105 PRO n 
1 106 THR n 
1 107 SER n 
1 108 LYS n 
# 
_entity_src_gen.entity_id                          1 
_entity_src_gen.pdbx_src_id                        1 
_entity_src_gen.pdbx_alt_source_flag               sample 
_entity_src_gen.pdbx_seq_type                      ? 
_entity_src_gen.pdbx_beg_seq_num                   ? 
_entity_src_gen.pdbx_end_seq_num                   ? 
_entity_src_gen.gene_src_common_name               human 
_entity_src_gen.gene_src_genus                     ? 
_entity_src_gen.pdbx_gene_src_gene                 SRC 
_entity_src_gen.gene_src_species                   ? 
_entity_src_gen.gene_src_strain                    ? 
_entity_src_gen.gene_src_tissue                    ? 
_entity_src_gen.gene_src_tissue_fraction           ? 
_entity_src_gen.gene_src_details                   ? 
_entity_src_gen.pdbx_gene_src_fragment             ? 
_entity_src_gen.pdbx_gene_src_scientific_name      'Homo sapiens' 
_entity_src_gen.pdbx_gene_src_ncbi_taxonomy_id     9606 
_entity_src_gen.pdbx_gene_src_variant              ? 
_entity_src_gen.pdbx_gene_src_cell_line            ? 
_entity_src_gen.pdbx_gene_src_atcc                 ? 
_entity_src_gen.pdbx_gene_src_organ                ? 
_entity_src_gen.pdbx_gene_src_organelle            ? 
_entity_src_gen.pdbx_gene_src_cell                 ? 
_entity_src_gen.pdbx_gene_src_cellular_location    ? 
_entity_src_gen.host_org_common_name               ? 
_entity_src_gen.pdbx_host_org_scientific_name      'Escherichia coli' 
_entity_src_gen.pdbx_host_org_ncbi_taxonomy_id     469008 
_entity_src_gen.host_org_genus                     ? 
_entity_src_gen.pdbx_host_org_gene                 ? 
_entity_src_gen.pdbx_host_org_organ                ? 
_entity_src_gen.host_org_species                   ? 
_entity_src_gen.pdbx_host_org_tissue               ? 
_entity_src_gen.pdbx_host_org_tissue_fraction      ? 
_entity_src_gen.pdbx_host_org_strain               'BL21(DE3)' 
_entity_src_gen.pdbx_host_org_variant              ? 
_entity_src_gen.pdbx_host_org_cell_line            ? 
_entity_src_gen.pdbx_host_org_atcc                 ? 
_entity_src_gen.pdbx_host_org_culture_collection   ? 
_entity_src_gen.pdbx_host_org_cell                 ? 
_entity_src_gen.pdbx_host_org_organelle            ? 
_entity_src_gen.pdbx_host_org_cellular_location    ? 
_entity_src_gen.pdbx_host_org_vector_type          ? 
_entity_src_gen.pdbx_host_org_vector               ? 
_entity_src_gen.host_org_details                   ? 
_entity_src_gen.expression_system_id               ? 
_entity_src_gen.plasmid_name                       ? 
_entity_src_gen.plasmid_details                    ? 
_entity_src_gen.pdbx_description                   ? 
# 
_struct_ref.id                         1 
_struct_ref.db_name                    UNP 
_struct_ref.db_code                    SRC_HUMAN 
_struct_ref.pdbx_db_accession          P12931 
_struct_ref.entity_id                  1 
_struct_ref.pdbx_seq_one_letter_code   
;SIQAEEWYFGKITRRESERLLLNAENPRGTFLVRESETTKGAYCLSVSDFDNAKGLNVKHYKIRKLDSGGFYITSRTQFN
SLQQLVAYYSKHADGLCHRLTTVCPTSK
;
_struct_ref.pdbx_align_begin           144 
_struct_ref.pdbx_db_isoform            ? 
# 
_struct_ref_seq.align_id                      1 
_struct_ref_seq.ref_id                        1 
_struct_ref_seq.pdbx_PDB_id_code              1O46 
_struct_ref_seq.pdbx_strand_id                A 
_struct_ref_seq.seq_align_beg                 1 
_struct_ref_seq.pdbx_seq_align_beg_ins_code   ? 
_struct_ref_seq.seq_align_end                 108 
_struct_ref_seq.pdbx_seq_align_end_ins_code   ? 
_struct_ref_seq.pdbx_db_accession             P12931 
_struct_ref_seq.db_align_beg                  144 
_struct_ref_seq.pdbx_db_align_beg_ins_code    ? 
_struct_ref_seq.db_align_end                  251 
_struct_ref_seq.pdbx_db_align_end_ins_code    ? 
_struct_ref_seq.pdbx_auth_seq_align_beg       1 
_struct_ref_seq.pdbx_auth_seq_align_end       108 
# 
loop_
_chem_comp.id 
_chem_comp.type 
_chem_comp.mon_nstd_flag 
_chem_comp.name 
_chem_comp.pdbx_synonyms 
_chem_comp.formula 
_chem_comp.formula_weight 
903 non-polymer         . 
'2-{4-[2-ACETYLAMINO-2-(1-BIPHENYL-4-YLMETHYL-2-OXO-AZEPAN-3-YLCARBAMOYL)-ETHYL]-2-METHOXYCARBONYL-PHENYL}-2-FLUORO-MALONIC ACID' 
RU90395 'C35 H36 F N3 O9' 661.673 
ALA 'L-peptide linking' y ALANINE ?       'C3 H7 N O2'      89.093  
ARG 'L-peptide linking' y ARGININE ?       'C6 H15 N4 O2 1'  175.209 
ASN 'L-peptide linking' y ASPARAGINE ?       'C4 H8 N2 O3'     132.118 
ASP 'L-peptide linking' y 'ASPARTIC ACID' ?       'C4 H7 N O4'      133.103 
CYS 'L-peptide linking' y CYSTEINE ?       'C3 H7 N O2 S'    121.158 
GLN 'L-peptide linking' y GLUTAMINE ?       'C5 H10 N2 O3'    146.144 
GLU 'L-peptide linking' y 'GLUTAMIC ACID' ?       'C5 H9 N O4'      147.129 
GLY 'peptide linking'   y GLYCINE ?       'C2 H5 N O2'      75.067  
HIS 'L-peptide linking' y HISTIDINE ?       'C6 H10 N3 O2 1'  156.162 
HOH non-polymer         . WATER ?       'H2 O'            18.015  
ILE 'L-peptide linking' y ISOLEUCINE ?       'C6 H13 N O2'     131.173 
LEU 'L-peptide linking' y LEUCINE ?       'C6 H13 N O2'     131.173 
LYS 'L-peptide linking' y LYSINE ?       'C6 H15 N2 O2 1'  147.195 
PHE 'L-peptide linking' y PHENYLALANINE ?       'C9 H11 N O2'     165.189 
PRO 'L-peptide linking' y PROLINE ?       'C5 H9 N O2'      115.130 
SER 'L-peptide linking' y SERINE ?       'C3 H7 N O3'      105.093 
THR 'L-peptide linking' y THREONINE ?       'C4 H9 N O3'      119.119 
TRP 'L-peptide linking' y TRYPTOPHAN ?       'C11 H12 N2 O2'   204.225 
TYR 'L-peptide linking' y TYROSINE ?       'C9 H11 N O3'     181.189 
VAL 'L-peptide linking' y VALINE ?       'C5 H11 N O2'     117.146 
# 
_exptl.entry_id          1O46 
_exptl.method            'X-RAY DIFFRACTION' 
_exptl.crystals_number   1 
# 
_exptl_crystal.id                    1 
_exptl_crystal.density_meas          ? 
_exptl_crystal.density_Matthews      2.2 
_exptl_crystal.density_percent_sol   41.9 
_exptl_crystal.description           ? 
_exptl_crystal.F_000                 ? 
_exptl_crystal.preparation           ? 
# 
_exptl_crystal_grow.crystal_id      1 
_exptl_crystal_grow.method          ? 
_exptl_crystal_grow.temp            ? 
_exptl_crystal_grow.temp_details    ? 
_exptl_crystal_grow.pH              5.50 
_exptl_crystal_grow.pdbx_pH_range   ? 
_exptl_crystal_grow.pdbx_details    'pH 5.50' 
# 
_diffrn.id                     1 
_diffrn.ambient_temp           100.0 
_diffrn.ambient_temp_details   ? 
_diffrn.crystal_id             1 
# 
_diffrn_detector.diffrn_id              1 
_diffrn_detector.detector               'IMAGE PLATE' 
_diffrn_detector.type                   'MAR scanner 345 mm plate' 
_diffrn_detector.pdbx_collection_date   1999-07-13 
_diffrn_detector.details                ? 
# 
_diffrn_radiation.diffrn_id                        1 
_diffrn_radiation.wavelength_id                    1 
_diffrn_radiation.pdbx_monochromatic_or_laue_m_l   M 
_diffrn_radiation.monochromator                    GRAPHITE 
_diffrn_radiation.pdbx_diffrn_protocol             'SINGLE WAVELENGTH' 
_diffrn_radiation.pdbx_scattering_type             x-ray 
# 
_diffrn_radiation_wavelength.id           1 
_diffrn_radiation_wavelength.wavelength   1.5418 
_diffrn_radiation_wavelength.wt           1.0 
# 
_diffrn_source.diffrn_id                   1 
_diffrn_source.source                      'ROTATING ANODE' 
_diffrn_source.type                        'ELLIOTT GX-21' 
_diffrn_source.pdbx_synchrotron_site       ? 
_diffrn_source.pdbx_synchrotron_beamline   ? 
_diffrn_source.pdbx_wavelength             1.5418 
_diffrn_source.pdbx_wavelength_list        ? 
# 
_reflns.entry_id                     1O46 
_reflns.observed_criterion_sigma_I   -3.000 
_reflns.observed_criterion_sigma_F   ? 
_reflns.d_resolution_low             40.000 
_reflns.d_resolution_high            2.00 
_reflns.number_obs                   6879 
_reflns.number_all                   ? 
_reflns.percent_possible_obs         95.3 
_reflns.pdbx_Rmerge_I_obs            0.078 
_reflns.pdbx_Rsym_value              ? 
_reflns.pdbx_netI_over_sigmaI        12 
_reflns.B_iso_Wilson_estimate        ? 
_reflns.pdbx_redundancy              ? 
_reflns.pdbx_ordinal                 1 
_reflns.pdbx_diffrn_id               1 
_reflns.R_free_details               ? 
_reflns.limit_h_max                  ? 
_reflns.limit_h_min                  ? 
_reflns.limit_k_max                  ? 
_reflns.limit_k_min                  ? 
_reflns.limit_l_max                  ? 
_reflns.limit_l_min                  ? 
_reflns.observed_criterion_F_max     ? 
_reflns.observed_criterion_F_min     ? 
_reflns.pdbx_chi_squared             ? 
_reflns.pdbx_scaling_rejects         ? 
# 
_reflns_shell.d_res_high             2.00 
_reflns_shell.d_res_low              2.10 
_reflns_shell.percent_possible_all   94.5 
_reflns_shell.Rmerge_I_obs           0.265 
_reflns_shell.pdbx_Rsym_value        ? 
_reflns_shell.meanI_over_sigI_obs    4.2 
_reflns_shell.pdbx_redundancy        ? 
_reflns_shell.pdbx_ordinal           1 
_reflns_shell.pdbx_diffrn_id         1 
_reflns_shell.percent_possible_obs   ? 
_reflns_shell.number_unique_all      ? 
_reflns_shell.number_measured_all    ? 
_reflns_shell.number_measured_obs    ? 
_reflns_shell.number_unique_obs      ? 
_reflns_shell.pdbx_chi_squared       ? 
# 
_refine.entry_id                                 1O46 
_refine.ls_number_reflns_obs                     6879 
_refine.ls_number_reflns_all                     ? 
_refine.pdbx_ls_sigma_I                          ? 
_refine.pdbx_ls_sigma_F                          ? 
_refine.pdbx_data_cutoff_high_absF               1000000.000 
_refine.pdbx_data_cutoff_low_absF                0.1000 
_refine.pdbx_data_cutoff_high_rms_absF           ? 
_refine.ls_d_res_low                             8.00 
_refine.ls_d_res_high                            2.00 
_refine.ls_percent_reflns_obs                    95.3 
_refine.ls_R_factor_obs                          0.192 
_refine.ls_R_factor_all                          ? 
_refine.ls_R_factor_R_work                       0.192 
_refine.ls_R_factor_R_free                       ? 
_refine.ls_R_factor_R_free_error                 ? 
_refine.ls_R_factor_R_free_error_details         ? 
_refine.ls_percent_reflns_R_free                 ? 
_refine.ls_number_reflns_R_free                  ? 
_refine.ls_number_parameters                     ? 
_refine.ls_number_restraints                     ? 
_refine.occupancy_min                            ? 
_refine.occupancy_max                            ? 
_refine.correlation_coeff_Fo_to_Fc               ? 
_refine.correlation_coeff_Fo_to_Fc_free          ? 
_refine.B_iso_mean                               28.3 
_refine.aniso_B[1][1]                            ? 
_refine.aniso_B[2][2]                            ? 
_refine.aniso_B[3][3]                            ? 
_refine.aniso_B[1][2]                            ? 
_refine.aniso_B[1][3]                            ? 
_refine.aniso_B[2][3]                            ? 
_refine.solvent_model_details                    ? 
_refine.solvent_model_param_ksol                 ? 
_refine.solvent_model_param_bsol                 ? 
_refine.pdbx_solvent_vdw_probe_radii             ? 
_refine.pdbx_solvent_ion_probe_radii             ? 
_refine.pdbx_solvent_shrinkage_radii             ? 
_refine.pdbx_ls_cross_valid_method               ? 
_refine.details                                  ? 
_refine.pdbx_starting_model                      'PDB entry 1SHD' 
_refine.pdbx_method_to_determine_struct          MR 
_refine.pdbx_isotropic_thermal_model             ? 
_refine.pdbx_stereochemistry_target_values       ? 
_refine.pdbx_stereochem_target_val_spec_case     ? 
_refine.pdbx_R_Free_selection_details            ? 
_refine.pdbx_overall_ESU_R                       ? 
_refine.pdbx_overall_ESU_R_Free                  ? 
_refine.overall_SU_ML                            ? 
_refine.overall_SU_B                             ? 
_refine.pdbx_refine_id                           'X-RAY DIFFRACTION' 
_refine.pdbx_diffrn_id                           1 
_refine.ls_redundancy_reflns_obs                 ? 
_refine.pdbx_overall_phase_error                 ? 
_refine.B_iso_min                                ? 
_refine.B_iso_max                                ? 
_refine.overall_SU_R_Cruickshank_DPI             ? 
_refine.overall_SU_R_free                        ? 
_refine.ls_wR_factor_R_free                      ? 
_refine.ls_wR_factor_R_work                      ? 
_refine.overall_FOM_free_R_set                   ? 
_refine.overall_FOM_work_R_set                   ? 
_refine.pdbx_TLS_residual_ADP_flag               ? 
_refine.pdbx_overall_SU_R_free_Cruickshank_DPI   ? 
_refine.pdbx_overall_SU_R_Blow_DPI               ? 
_refine.pdbx_overall_SU_R_free_Blow_DPI          ? 
# 
_refine_hist.pdbx_refine_id                   'X-RAY DIFFRACTION' 
_refine_hist.cycle_id                         LAST 
_refine_hist.pdbx_number_atoms_protein        855 
_refine_hist.pdbx_number_atoms_nucleic_acid   0 
_refine_hist.pdbx_number_atoms_ligand         48 
_refine_hist.number_atoms_solvent             142 
_refine_hist.number_atoms_total               1045 
_refine_hist.d_res_high                       2.00 
_refine_hist.d_res_low                        8.00 
# 
loop_
_refine_ls_restr.type 
_refine_ls_restr.dev_ideal 
_refine_ls_restr.dev_ideal_target 
_refine_ls_restr.weight 
_refine_ls_restr.number 
_refine_ls_restr.pdbx_refine_id 
_refine_ls_restr.pdbx_restraint_function 
x_bond_d                0.010 ? ? ? 'X-RAY DIFFRACTION' ? 
x_bond_d_na             ?     ? ? ? 'X-RAY DIFFRACTION' ? 
x_bond_d_prot           ?     ? ? ? 'X-RAY DIFFRACTION' ? 
x_angle_d               ?     ? ? ? 'X-RAY DIFFRACTION' ? 
x_angle_d_na            ?     ? ? ? 'X-RAY DIFFRACTION' ? 
x_angle_d_prot          ?     ? ? ? 'X-RAY DIFFRACTION' ? 
x_angle_deg             1.1   ? ? ? 'X-RAY DIFFRACTION' ? 
x_angle_deg_na          ?     ? ? ? 'X-RAY DIFFRACTION' ? 
x_angle_deg_prot        ?     ? ? ? 'X-RAY DIFFRACTION' ? 
x_dihedral_angle_d      ?     ? ? ? 'X-RAY DIFFRACTION' ? 
x_dihedral_angle_d_na   ?     ? ? ? 'X-RAY DIFFRACTION' ? 
x_dihedral_angle_d_prot ?     ? ? ? 'X-RAY DIFFRACTION' ? 
x_improper_angle_d      ?     ? ? ? 'X-RAY DIFFRACTION' ? 
x_improper_angle_d_na   ?     ? ? ? 'X-RAY DIFFRACTION' ? 
x_improper_angle_d_prot ?     ? ? ? 'X-RAY DIFFRACTION' ? 
x_mcbond_it             ?     ? ? ? 'X-RAY DIFFRACTION' ? 
x_mcangle_it            ?     ? ? ? 'X-RAY DIFFRACTION' ? 
x_scbond_it             ?     ? ? ? 'X-RAY DIFFRACTION' ? 
x_scangle_it            ?     ? ? ? 'X-RAY DIFFRACTION' ? 
# 
_struct.entry_id                  1O46 
_struct.title                     'CRYSTAL STRUCTURE OF SH2 IN COMPLEX WITH RU90395.' 
_struct.pdbx_model_details        ? 
_struct.pdbx_CASP_flag            ? 
_struct.pdbx_model_type_details   ? 
# 
_struct_keywords.entry_id        1O46 
_struct_keywords.pdbx_keywords   'SIGNALING PROTEIN' 
_struct_keywords.text            'SH2 DOMAIN FRAGMENT APPROACH, SIGNALING PROTEIN' 
# 
loop_
_struct_asym.id 
_struct_asym.pdbx_blank_PDB_chainid_flag 
_struct_asym.pdbx_modified 
_struct_asym.entity_id 
_struct_asym.details 
A N N 1 ? 
B N N 2 ? 
C N N 3 ? 
# 
_struct_biol.id        1 
_struct_biol.details   ? 
# 
loop_
_struct_conf.conf_type_id 
_struct_conf.id 
_struct_conf.pdbx_PDB_helix_id 
_struct_conf.beg_label_comp_id 
_struct_conf.beg_label_asym_id 
_struct_conf.beg_label_seq_id 
_struct_conf.pdbx_beg_PDB_ins_code 
_struct_conf.end_label_comp_id 
_struct_conf.end_label_asym_id 
_struct_conf.end_label_seq_id 
_struct_conf.pdbx_end_PDB_ins_code 
_struct_conf.beg_auth_comp_id 
_struct_conf.beg_auth_asym_id 
_struct_conf.beg_auth_seq_id 
_struct_conf.end_auth_comp_id 
_struct_conf.end_auth_asym_id 
_struct_conf.end_auth_seq_id 
_struct_conf.pdbx_PDB_helix_class 
_struct_conf.details 
_struct_conf.pdbx_PDB_helix_length 
HELX_P HELX_P1 1 SER A 1  ? GLU A 5  ? SER A 1  GLU A 5  5 ? 5  
HELX_P HELX_P2 2 THR A 13 ? LEU A 22 ? THR A 13 LEU A 22 1 ? 10 
HELX_P HELX_P3 3 SER A 81 ? HIS A 92 ? SER A 81 HIS A 92 1 ? 12 
# 
_struct_conf_type.id          HELX_P 
_struct_conf_type.criteria    ? 
_struct_conf_type.reference   ? 
# 
_struct_sheet.id               A 
_struct_sheet.type             ? 
_struct_sheet.number_strands   6 
_struct_sheet.details          ? 
# 
loop_
_struct_sheet_order.sheet_id 
_struct_sheet_order.range_id_1 
_struct_sheet_order.range_id_2 
_struct_sheet_order.offset 
_struct_sheet_order.sense 
A 1 2 ? parallel      
A 2 3 ? anti-parallel 
A 3 4 ? anti-parallel 
A 4 5 ? anti-parallel 
A 5 6 ? anti-parallel 
# 
loop_
_struct_sheet_range.sheet_id 
_struct_sheet_range.id 
_struct_sheet_range.beg_label_comp_id 
_struct_sheet_range.beg_label_asym_id 
_struct_sheet_range.beg_label_seq_id 
_struct_sheet_range.pdbx_beg_PDB_ins_code 
_struct_sheet_range.end_label_comp_id 
_struct_sheet_range.end_label_asym_id 
_struct_sheet_range.end_label_seq_id 
_struct_sheet_range.pdbx_end_PDB_ins_code 
_struct_sheet_range.beg_auth_comp_id 
_struct_sheet_range.beg_auth_asym_id 
_struct_sheet_range.beg_auth_seq_id 
_struct_sheet_range.end_auth_comp_id 
_struct_sheet_range.end_auth_asym_id 
_struct_sheet_range.end_auth_seq_id 
A 1 TYR A 8  ? GLY A 10 ? TYR A 8  GLY A 10 
A 2 PHE A 31 ? GLU A 35 ? PHE A 31 GLU A 35 
A 3 TYR A 43 ? ASP A 51 ? TYR A 43 ASP A 51 
A 4 GLY A 55 ? LYS A 65 ? GLY A 55 LYS A 65 
A 5 PHE A 71 ? TYR A 72 ? PHE A 71 TYR A 72 
A 6 GLN A 78 ? PHE A 79 ? GLN A 78 PHE A 79 
# 
loop_
_pdbx_struct_sheet_hbond.sheet_id 
_pdbx_struct_sheet_hbond.range_id_1 
_pdbx_struct_sheet_hbond.range_id_2 
_pdbx_struct_sheet_hbond.range_1_label_atom_id 
_pdbx_struct_sheet_hbond.range_1_label_comp_id 
_pdbx_struct_sheet_hbond.range_1_label_asym_id 
_pdbx_struct_sheet_hbond.range_1_label_seq_id 
_pdbx_struct_sheet_hbond.range_1_PDB_ins_code 
_pdbx_struct_sheet_hbond.range_1_auth_atom_id 
_pdbx_struct_sheet_hbond.range_1_auth_comp_id 
_pdbx_struct_sheet_hbond.range_1_auth_asym_id 
_pdbx_struct_sheet_hbond.range_1_auth_seq_id 
_pdbx_struct_sheet_hbond.range_2_label_atom_id 
_pdbx_struct_sheet_hbond.range_2_label_comp_id 
_pdbx_struct_sheet_hbond.range_2_label_asym_id 
_pdbx_struct_sheet_hbond.range_2_label_seq_id 
_pdbx_struct_sheet_hbond.range_2_PDB_ins_code 
_pdbx_struct_sheet_hbond.range_2_auth_atom_id 
_pdbx_struct_sheet_hbond.range_2_auth_comp_id 
_pdbx_struct_sheet_hbond.range_2_auth_asym_id 
_pdbx_struct_sheet_hbond.range_2_auth_seq_id 
A 1 2 N GLY A 10 ? N GLY A 10 O GLU A 35 ? O GLU A 35 
A 2 3 N ARG A 34 ? N ARG A 34 O CYS A 44 ? O CYS A 44 
A 3 4 N TYR A 43 ? N TYR A 43 O ILE A 63 ? O ILE A 63 
A 4 5 N ARG A 64 ? N ARG A 64 O TYR A 72 ? O TYR A 72 
A 5 6 N PHE A 71 ? N PHE A 71 O PHE A 79 ? O PHE A 79 
# 
_struct_site.id                   AC1 
_struct_site.pdbx_evidence_code   Software 
_struct_site.pdbx_auth_asym_id    A 
_struct_site.pdbx_auth_comp_id    903 
_struct_site.pdbx_auth_seq_id     300 
_struct_site.pdbx_auth_ins_code   ? 
_struct_site.pdbx_num_residues    17 
_struct_site.details              'BINDING SITE FOR RESIDUE 903 A 300' 
# 
loop_
_struct_site_gen.id 
_struct_site_gen.site_id 
_struct_site_gen.pdbx_num_res 
_struct_site_gen.label_comp_id 
_struct_site_gen.label_asym_id 
_struct_site_gen.label_seq_id 
_struct_site_gen.pdbx_auth_ins_code 
_struct_site_gen.auth_comp_id 
_struct_site_gen.auth_asym_id 
_struct_site_gen.auth_seq_id 
_struct_site_gen.label_atom_id 
_struct_site_gen.label_alt_id 
_struct_site_gen.symmetry 
_struct_site_gen.details 
1  AC1 17 ARG A 14  ? ARG A 14  . ? 1_555 ? 
2  AC1 17 ARG A 34  ? ARG A 34  . ? 1_555 ? 
3  AC1 17 SER A 36  ? SER A 36  . ? 1_555 ? 
4  AC1 17 GLU A 37  ? GLU A 37  . ? 1_555 ? 
5  AC1 17 THR A 38  ? THR A 38  . ? 1_555 ? 
6  AC1 17 CYS A 44  ? CYS A 44  . ? 1_555 ? 
7  AC1 17 HIS A 60  ? HIS A 60  . ? 1_555 ? 
8  AC1 17 LYS A 62  ? LYS A 62  . ? 1_555 ? 
9  AC1 17 GLY A 95  ? GLY A 95  . ? 1_555 ? 
10 AC1 17 LEU A 96  ? LEU A 96  . ? 1_555 ? 
11 AC1 17 VAL A 103 ? VAL A 103 . ? 1_655 ? 
12 AC1 17 PRO A 105 ? PRO A 105 . ? 1_655 ? 
13 AC1 17 THR A 106 ? THR A 106 . ? 1_655 ? 
14 AC1 17 HOH C .   ? HOH A 337 . ? 1_655 ? 
15 AC1 17 HOH C .   ? HOH A 344 . ? 1_655 ? 
16 AC1 17 HOH C .   ? HOH A 377 . ? 1_555 ? 
17 AC1 17 HOH C .   ? HOH A 421 . ? 1_555 ? 
# 
_atom_sites.entry_id                    1O46 
_atom_sites.fract_transf_matrix[1][1]   0.03289371 
_atom_sites.fract_transf_matrix[1][2]   -0.00038559 
_atom_sites.fract_transf_matrix[1][3]   -0.01823507 
_atom_sites.fract_transf_matrix[2][1]   -0.00826624 
_atom_sites.fract_transf_matrix[2][2]   -0.00135514 
_atom_sites.fract_transf_matrix[2][3]   -0.01488257 
_atom_sites.fract_transf_matrix[3][1]   -0.00046015 
_atom_sites.fract_transf_matrix[3][2]   0.01552906 
_atom_sites.fract_transf_matrix[3][3]   -0.00115842 
_atom_sites.fract_transf_vector[1]      0.396317 
_atom_sites.fract_transf_vector[2]      0.329378 
_atom_sites.fract_transf_vector[3]      0.314646 
# 
loop_
_atom_type.symbol 
C 
F 
N 
O 
S 
# 
loop_
_atom_site.group_PDB 
_atom_site.id 
_atom_site.type_symbol 
_atom_site.label_atom_id 
_atom_site.label_alt_id 
_atom_site.label_comp_id 
_atom_site.label_asym_id 
_atom_site.label_entity_id 
_atom_site.label_seq_id 
_atom_site.pdbx_PDB_ins_code 
_atom_site.Cartn_x 
_atom_site.Cartn_y 
_atom_site.Cartn_z 
_atom_site.occupancy 
_atom_site.B_iso_or_equiv 
_atom_site.pdbx_formal_charge 
_atom_site.auth_seq_id 
_atom_site.auth_comp_id 
_atom_site.auth_asym_id 
_atom_site.auth_atom_id 
_atom_site.pdbx_PDB_model_num 
ATOM   1    N N   . SER A 1 1   ? -3.932  -13.947 9.078   1.00 68.39  ? 1   SER A N   1 
ATOM   2    C CA  . SER A 1 1   ? -4.681  -14.169 7.785   1.00 67.92  ? 1   SER A CA  1 
ATOM   3    C C   . SER A 1 1   ? -5.068  -12.817 7.075   1.00 66.74  ? 1   SER A C   1 
ATOM   4    O O   . SER A 1 1   ? -6.126  -12.198 7.362   1.00 66.71  ? 1   SER A O   1 
ATOM   5    C CB  . SER A 1 1   ? -5.832  -15.157 8.058   1.00 68.40  ? 1   SER A CB  1 
ATOM   6    O OG  . SER A 1 1   ? -5.949  -16.090 7.000   1.00 68.09  ? 1   SER A OG  1 
ATOM   7    N N   . ILE A 1 2   ? -4.232  -12.435 6.087   1.00 64.24  ? 2   ILE A N   1 
ATOM   8    C CA  . ILE A 1 2   ? -4.377  -11.174 5.360   1.00 61.66  ? 2   ILE A CA  1 
ATOM   9    C C   . ILE A 1 2   ? -5.734  -10.879 4.802   1.00 60.33  ? 2   ILE A C   1 
ATOM   10   O O   . ILE A 1 2   ? -6.238  -9.794  5.038   1.00 60.55  ? 2   ILE A O   1 
ATOM   11   C CB  . ILE A 1 2   ? -3.227  -10.893 4.322   1.00 60.70  ? 2   ILE A CB  1 
ATOM   12   C CG1 . ILE A 1 2   ? -3.000  -12.060 3.376   1.00 60.73  ? 2   ILE A CG1 1 
ATOM   13   C CG2 . ILE A 1 2   ? -1.945  -10.604 5.060   1.00 60.19  ? 2   ILE A CG2 1 
ATOM   14   C CD1 . ILE A 1 2   ? -1.668  -11.976 2.618   1.00 60.17  ? 2   ILE A CD1 1 
ATOM   15   N N   . GLN A 1 3   ? -6.381  -11.879 4.225   1.00 59.91  ? 3   GLN A N   1 
ATOM   16   C CA  . GLN A 1 3   ? -7.723  -11.730 3.631   1.00 58.72  ? 3   GLN A CA  1 
ATOM   17   C C   . GLN A 1 3   ? -8.688  -11.013 4.580   1.00 56.77  ? 3   GLN A C   1 
ATOM   18   O O   . GLN A 1 3   ? -9.632  -10.369 4.130   1.00 57.00  ? 3   GLN A O   1 
ATOM   19   C CB  . GLN A 1 3   ? -8.264  -13.112 3.178   1.00 60.32  ? 3   GLN A CB  1 
ATOM   20   C CG  . GLN A 1 3   ? -7.560  -13.863 1.925   1.00 62.06  ? 3   GLN A CG  1 
ATOM   21   C CD  . GLN A 1 3   ? -8.084  -13.387 0.538   1.00 63.54  ? 3   GLN A CD  1 
ATOM   22   O OE1 . GLN A 1 3   ? -9.089  -12.661 0.430   1.00 63.97  ? 3   GLN A OE1 1 
ATOM   23   N NE2 . GLN A 1 3   ? -7.418  -13.835 -0.522  1.00 63.75  ? 3   GLN A NE2 1 
ATOM   24   N N   . ALA A 1 4   ? -8.378  -11.073 5.875   1.00 53.48  ? 4   ALA A N   1 
ATOM   25   C CA  . ALA A 1 4   ? -9.184  -10.481 6.933   1.00 50.14  ? 4   ALA A CA  1 
ATOM   26   C C   . ALA A 1 4   ? -8.904  -9.004  7.264   1.00 46.94  ? 4   ALA A C   1 
ATOM   27   O O   . ALA A 1 4   ? -9.847  -8.269  7.622   1.00 47.19  ? 4   ALA A O   1 
ATOM   28   C CB  . ALA A 1 4   ? -9.026  -11.327 8.192   1.00 51.43  ? 4   ALA A CB  1 
ATOM   29   N N   . GLU A 1 5   ? -7.631  -8.595  7.251   1.00 41.61  ? 5   GLU A N   1 
ATOM   30   C CA  . GLU A 1 5   ? -7.286  -7.214  7.554   1.00 36.08  ? 5   GLU A CA  1 
ATOM   31   C C   . GLU A 1 5   ? -8.123  -6.268  6.705   1.00 32.42  ? 5   GLU A C   1 
ATOM   32   O O   . GLU A 1 5   ? -8.216  -6.479  5.496   1.00 30.83  ? 5   GLU A O   1 
ATOM   33   C CB  . GLU A 1 5   ? -5.882  -6.878  7.110   1.00 36.93  ? 5   GLU A CB  1 
ATOM   34   C CG  . GLU A 1 5   ? -4.848  -7.924  7.439   1.00 37.28  ? 5   GLU A CG  1 
ATOM   35   C CD  . GLU A 1 5   ? -4.768  -8.167  8.906   1.00 37.63  ? 5   GLU A CD  1 
ATOM   36   O OE1 . GLU A 1 5   ? -4.276  -9.274  9.246   1.00 41.41  ? 5   GLU A OE1 1 
ATOM   37   O OE2 . GLU A 1 5   ? -5.178  -7.280  9.699   1.00 32.58  ? 5   GLU A OE2 1 
ATOM   38   N N   . GLU A 1 6   ? -8.704  -5.245  7.331   1.00 28.32  ? 6   GLU A N   1 
ATOM   39   C CA  . GLU A 1 6   ? -9.532  -4.250  6.626   1.00 26.13  ? 6   GLU A CA  1 
ATOM   40   C C   . GLU A 1 6   ? -8.789  -3.432  5.517   1.00 25.74  ? 6   GLU A C   1 
ATOM   41   O O   . GLU A 1 6   ? -9.447  -2.884  4.644   1.00 25.89  ? 6   GLU A O   1 
ATOM   42   C CB  . GLU A 1 6   ? -10.286 -3.307  7.593   1.00 22.91  ? 6   GLU A CB  1 
ATOM   43   C CG  . GLU A 1 6   ? -9.382  -2.287  8.181   1.00 21.80  ? 6   GLU A CG  1 
ATOM   44   C CD  . GLU A 1 6   ? -8.483  -2.795  9.377   1.00 20.06  ? 6   GLU A CD  1 
ATOM   45   O OE1 . GLU A 1 6   ? -7.675  -2.023  9.841   1.00 22.26  ? 6   GLU A OE1 1 
ATOM   46   O OE2 . GLU A 1 6   ? -8.535  -3.924  9.836   1.00 20.29  ? 6   GLU A OE2 1 
ATOM   47   N N   . TRP A 1 7   ? -7.482  -3.261  5.602   1.00 23.56  ? 7   TRP A N   1 
ATOM   48   C CA  . TRP A 1 7   ? -6.770  -2.568  4.537   1.00 21.97  ? 7   TRP A CA  1 
ATOM   49   C C   . TRP A 1 7   ? -6.448  -3.533  3.395   1.00 21.49  ? 7   TRP A C   1 
ATOM   50   O O   . TRP A 1 7   ? -5.835  -3.082  2.441   1.00 22.62  ? 7   TRP A O   1 
ATOM   51   C CB  . TRP A 1 7   ? -5.458  -1.948  5.034   1.00 21.30  ? 7   TRP A CB  1 
ATOM   52   C CG  . TRP A 1 7   ? -4.740  -2.743  6.015   1.00 19.61  ? 7   TRP A CG  1 
ATOM   53   C CD1 . TRP A 1 7   ? -4.740  -2.564  7.385   1.00 20.13  ? 7   TRP A CD1 1 
ATOM   54   C CD2 . TRP A 1 7   ? -3.890  -3.858  5.757   1.00 21.78  ? 7   TRP A CD2 1 
ATOM   55   N NE1 . TRP A 1 7   ? -3.931  -3.510  7.985   1.00 21.58  ? 7   TRP A NE1 1 
ATOM   56   C CE2 . TRP A 1 7   ? -3.408  -4.327  7.015   1.00 21.70  ? 7   TRP A CE2 1 
ATOM   57   C CE3 . TRP A 1 7   ? -3.490  -4.530  4.583   1.00 22.64  ? 7   TRP A CE3 1 
ATOM   58   C CZ2 . TRP A 1 7   ? -2.559  -5.410  7.131   1.00 22.36  ? 7   TRP A CZ2 1 
ATOM   59   C CZ3 . TRP A 1 7   ? -2.644  -5.620  4.700   1.00 23.58  ? 7   TRP A CZ3 1 
ATOM   60   C CH2 . TRP A 1 7   ? -2.183  -6.054  5.976   1.00 23.71  ? 7   TRP A CH2 1 
ATOM   61   N N   . TYR A 1 8   ? -6.784  -4.815  3.519   1.00 21.04  ? 8   TYR A N   1 
ATOM   62   C CA  . TYR A 1 8   ? -6.533  -5.771  2.399   1.00 22.76  ? 8   TYR A CA  1 
ATOM   63   C C   . TYR A 1 8   ? -7.734  -5.898  1.448   1.00 21.89  ? 8   TYR A C   1 
ATOM   64   O O   . TYR A 1 8   ? -8.777  -6.513  1.734   1.00 19.97  ? 8   TYR A O   1 
ATOM   65   C CB  . TYR A 1 8   ? -6.130  -7.151  2.880   1.00 24.31  ? 8   TYR A CB  1 
ATOM   66   C CG  . TYR A 1 8   ? -5.590  -8.031  1.765   1.00 28.00  ? 8   TYR A CG  1 
ATOM   67   C CD1 . TYR A 1 8   ? -4.354  -7.741  1.132   1.00 29.68  ? 8   TYR A CD1 1 
ATOM   68   C CD2 . TYR A 1 8   ? -6.355  -9.099  1.254   1.00 28.53  ? 8   TYR A CD2 1 
ATOM   69   C CE1 . TYR A 1 8   ? -3.918  -8.498  0.008   1.00 29.17  ? 8   TYR A CE1 1 
ATOM   70   C CE2 . TYR A 1 8   ? -5.933  -9.819  0.155   1.00 29.52  ? 8   TYR A CE2 1 
ATOM   71   C CZ  . TYR A 1 8   ? -4.725  -9.513  -0.464  1.00 30.06  ? 8   TYR A CZ  1 
ATOM   72   O OH  . TYR A 1 8   ? -4.402  -10.183 -1.622  1.00 31.33  ? 8   TYR A OH  1 
ATOM   73   N N   . PHE A 1 9   ? -7.577  -5.246  0.296   1.00 21.50  ? 9   PHE A N   1 
ATOM   74   C CA  . PHE A 1 9   ? -8.605  -5.202  -0.753  1.00 21.49  ? 9   PHE A CA  1 
ATOM   75   C C   . PHE A 1 9   ? -8.502  -6.419  -1.712  1.00 22.38  ? 9   PHE A C   1 
ATOM   76   O O   . PHE A 1 9   ? -9.344  -6.612  -2.590  1.00 22.89  ? 9   PHE A O   1 
ATOM   77   C CB  . PHE A 1 9   ? -8.547  -3.846  -1.486  1.00 21.34  ? 9   PHE A CB  1 
ATOM   78   C CG  . PHE A 1 9   ? -9.117  -2.677  -0.700  1.00 22.61  ? 9   PHE A CG  1 
ATOM   79   C CD1 . PHE A 1 9   ? -8.975  -2.583  0.677   1.00 24.15  ? 9   PHE A CD1 1 
ATOM   80   C CD2 . PHE A 1 9   ? -9.776  -1.660  -1.335  1.00 22.21  ? 9   PHE A CD2 1 
ATOM   81   C CE1 . PHE A 1 9   ? -9.495  -1.484  1.401   1.00 21.82  ? 9   PHE A CE1 1 
ATOM   82   C CE2 . PHE A 1 9   ? -10.301 -0.555  -0.631  1.00 25.36  ? 9   PHE A CE2 1 
ATOM   83   C CZ  . PHE A 1 9   ? -10.152 -0.472  0.752   1.00 24.65  ? 9   PHE A CZ  1 
ATOM   84   N N   . GLY A 1 10  ? -7.444  -7.200  -1.566  1.00 20.72  ? 10  GLY A N   1 
ATOM   85   C CA  . GLY A 1 10  ? -7.268  -8.371  -2.391  1.00 24.34  ? 10  GLY A CA  1 
ATOM   86   C C   . GLY A 1 10  ? -7.275  -8.116  -3.915  1.00 26.14  ? 10  GLY A C   1 
ATOM   87   O O   . GLY A 1 10  ? -6.594  -7.233  -4.450  1.00 23.52  ? 10  GLY A O   1 
ATOM   88   N N   . LYS A 1 11  ? -8.103  -8.894  -4.615  1.00 28.93  ? 11  LYS A N   1 
ATOM   89   C CA  . LYS A 1 11  ? -8.178  -8.823  -6.075  1.00 30.74  ? 11  LYS A CA  1 
ATOM   90   C C   . LYS A 1 11  ? -8.946  -7.631  -6.707  1.00 29.85  ? 11  LYS A C   1 
ATOM   91   O O   . LYS A 1 11  ? -10.065 -7.722  -7.190  1.00 32.17  ? 11  LYS A O   1 
ATOM   92   C CB  . LYS A 1 11  ? -8.631  -10.213 -6.585  1.00 29.69  ? 11  LYS A CB  1 
ATOM   93   C CG  . LYS A 1 11  ? -8.134  -10.427 -7.972  1.00 32.11  ? 11  LYS A CG  1 
ATOM   94   C CD  . LYS A 1 11  ? -8.530  -11.857 -8.396  1.00 32.44  ? 11  LYS A CD  1 
ATOM   95   C CE  . LYS A 1 11  ? -8.640  -12.004 -10.000 1.00 32.89  ? 11  LYS A CE  1 
ATOM   96   N NZ  . LYS A 1 11  ? -10.044 -11.683 -10.506 1.00 31.39  ? 11  LYS A NZ  1 
ATOM   97   N N   . ILE A 1 12  ? -8.341  -6.463  -6.673  1.00 28.32  ? 12  ILE A N   1 
ATOM   98   C CA  . ILE A 1 12  ? -8.945  -5.303  -7.313  1.00 25.91  ? 12  ILE A CA  1 
ATOM   99   C C   . ILE A 1 12  ? -7.808  -4.794  -8.153  1.00 24.44  ? 12  ILE A C   1 
ATOM   100  O O   . ILE A 1 12  ? -6.634  -5.042  -7.893  1.00 21.06  ? 12  ILE A O   1 
ATOM   101  C CB  . ILE A 1 12  ? -9.442  -4.170  -6.347  1.00 25.94  ? 12  ILE A CB  1 
ATOM   102  C CG1 . ILE A 1 12  ? -8.304  -3.606  -5.525  1.00 25.20  ? 12  ILE A CG1 1 
ATOM   103  C CG2 . ILE A 1 12  ? -10.644 -4.617  -5.540  1.00 26.33  ? 12  ILE A CG2 1 
ATOM   104  C CD1 . ILE A 1 12  ? -8.648  -2.288  -5.043  1.00 24.77  ? 12  ILE A CD1 1 
ATOM   105  N N   . THR A 1 13  ? -8.193  -4.116  -9.212  1.00 23.10  ? 13  THR A N   1 
ATOM   106  C CA  . THR A 1 13  ? -7.297  -3.559  -10.194 1.00 21.54  ? 13  THR A CA  1 
ATOM   107  C C   . THR A 1 13  ? -6.646  -2.286  -9.725  1.00 20.63  ? 13  THR A C   1 
ATOM   108  O O   . THR A 1 13  ? -7.102  -1.585  -8.809  1.00 19.81  ? 13  THR A O   1 
ATOM   109  C CB  . THR A 1 13  ? -8.110  -3.169  -11.514 1.00 21.73  ? 13  THR A CB  1 
ATOM   110  O OG1 . THR A 1 13  ? -9.199  -2.298  -11.149 1.00 21.14  ? 13  THR A OG1 1 
ATOM   111  C CG2 . THR A 1 13  ? -8.661  -4.460  -12.224 1.00 20.95  ? 13  THR A CG2 1 
ATOM   112  N N   . ARG A 1 14  ? -5.627  -1.938  -10.499 1.00 19.49  ? 14  ARG A N   1 
ATOM   113  C CA  . ARG A 1 14  ? -4.875  -0.721  -10.338 1.00 21.90  ? 14  ARG A CA  1 
ATOM   114  C C   . ARG A 1 14  ? -5.788  0.588   -10.464 1.00 22.31  ? 14  ARG A C   1 
ATOM   115  O O   . ARG A 1 14  ? -5.905  1.467   -9.573  1.00 19.45  ? 14  ARG A O   1 
ATOM   116  C CB  . ARG A 1 14  ? -3.732  -0.824  -11.324 1.00 21.19  ? 14  ARG A CB  1 
ATOM   117  C CG  . ARG A 1 14  ? -3.122  0.482   -11.276 1.00 23.42  ? 14  ARG A CG  1 
ATOM   118  C CD  . ARG A 1 14  ? -2.139  0.400   -12.351 1.00 28.21  ? 14  ARG A CD  1 
ATOM   119  N NE  . ARG A 1 14  ? -1.345  1.592   -12.417 1.00 26.30  ? 14  ARG A NE  1 
ATOM   120  C CZ  . ARG A 1 14  ? -0.101  1.693   -11.975 1.00 26.23  ? 14  ARG A CZ  1 
ATOM   121  N NH1 . ARG A 1 14  ? 0.474   2.909   -12.121 1.00 27.97  ? 14  ARG A NH1 1 
ATOM   122  N NH2 . ARG A 1 14  ? 0.547   0.661   -11.401 1.00 22.67  ? 14  ARG A NH2 1 
ATOM   123  N N   . ARG A 1 15  ? -6.524  0.651   -11.587 1.00 21.78  ? 15  ARG A N   1 
ATOM   124  C CA  . ARG A 1 15  ? -7.462  1.727   -11.875 1.00 20.91  ? 15  ARG A CA  1 
ATOM   125  C C   . ARG A 1 15  ? -8.507  1.848   -10.772 1.00 19.05  ? 15  ARG A C   1 
ATOM   126  O O   . ARG A 1 15  ? -8.904  2.961   -10.501 1.00 19.92  ? 15  ARG A O   1 
ATOM   127  C CB  . ARG A 1 15  ? -8.143  1.495   -13.257 1.00 20.82  ? 15  ARG A CB  1 
ATOM   128  C CG  . ARG A 1 15  ? -9.413  2.269   -13.439 1.00 22.26  ? 15  ARG A CG  1 
ATOM   129  C CD  . ARG A 1 15  ? -9.896  2.256   -14.988 1.00 25.39  ? 15  ARG A CD  1 
ATOM   130  N NE  . ARG A 1 15  ? -10.859 3.323   -15.306 1.00 26.99  ? 15  ARG A NE  1 
ATOM   131  C CZ  . ARG A 1 15  ? -10.540 4.558   -15.740 1.00 29.13  ? 15  ARG A CZ  1 
ATOM   132  N NH1 . ARG A 1 15  ? -9.271  4.927   -15.949 1.00 27.89  ? 15  ARG A NH1 1 
ATOM   133  N NH2 . ARG A 1 15  ? -11.505 5.477   -15.875 1.00 31.08  ? 15  ARG A NH2 1 
ATOM   134  N N   . GLU A 1 16  ? -9.054  0.740   -10.285 1.00 20.94  ? 16  GLU A N   1 
ATOM   135  C CA  . GLU A 1 16  ? -10.059 0.809   -9.208  1.00 21.98  ? 16  GLU A CA  1 
ATOM   136  C C   . GLU A 1 16  ? -9.511  1.358   -7.883  1.00 21.01  ? 16  GLU A C   1 
ATOM   137  O O   . GLU A 1 16  ? -10.178 2.118   -7.174  1.00 21.34  ? 16  GLU A O   1 
ATOM   138  C CB  . GLU A 1 16  ? -10.626 -0.569  -8.956  1.00 24.07  ? 16  GLU A CB  1 
ATOM   139  C CG  . GLU A 1 16  ? -11.524 -0.934  -7.821  1.00 25.54  ? 16  GLU A CG  1 
ATOM   140  C CD  . GLU A 1 16  ? -12.826 -0.166  -7.809  1.00 28.06  ? 16  GLU A CD  1 
ATOM   141  O OE1 . GLU A 1 16  ? -13.709 -0.612  -7.066  1.00 31.86  ? 16  GLU A OE1 1 
ATOM   142  O OE2 . GLU A 1 16  ? -13.004 0.849   -8.500  1.00 28.61  ? 16  GLU A OE2 1 
ATOM   143  N N   . SER A 1 17  ? -8.381  0.808   -7.452  1.00 20.78  ? 17  SER A N   1 
ATOM   144  C CA  . SER A 1 17  ? -7.682  1.326   -6.259  1.00 20.53  ? 17  SER A CA  1 
ATOM   145  C C   . SER A 1 17  ? -7.470  2.884   -6.449  1.00 20.18  ? 17  SER A C   1 
ATOM   146  O O   . SER A 1 17  ? -7.632  3.768   -5.504  1.00 19.39  ? 17  SER A O   1 
ATOM   147  C CB  . SER A 1 17  ? -6.376  0.534   -6.146  1.00 19.44  ? 17  SER A CB  1 
ATOM   148  O OG  . SER A 1 17  ? -5.378  1.243   -6.925  1.00 21.82  ? 17  SER A OG  1 
ATOM   149  N N   . GLU A 1 18  ? -7.080  3.310   -7.683  1.00 19.88  ? 18  GLU A N   1 
ATOM   150  C CA  . GLU A 1 18  ? -6.895  4.754   -7.892  1.00 19.18  ? 18  GLU A CA  1 
ATOM   151  C C   . GLU A 1 18  ? -8.252  5.494   -7.808  1.00 19.57  ? 18  GLU A C   1 
ATOM   152  O O   . GLU A 1 18  ? -8.344  6.614   -7.348  1.00 16.30  ? 18  GLU A O   1 
ATOM   153  C CB  . GLU A 1 18  ? -6.362  5.124   -9.276  1.00 20.94  ? 18  GLU A CB  1 
ATOM   154  C CG  . GLU A 1 18  ? -5.019  4.543   -9.282  1.00 25.05  ? 18  GLU A CG  1 
ATOM   155  C CD  . GLU A 1 18  ? -4.227  4.903   -10.530 1.00 29.67  ? 18  GLU A CD  1 
ATOM   156  O OE1 . GLU A 1 18  ? -3.055  4.467   -10.679 1.00 29.23  ? 18  GLU A OE1 1 
ATOM   157  O OE2 . GLU A 1 18  ? -4.775  5.621   -11.399 1.00 32.85  ? 18  GLU A OE2 1 
ATOM   158  N N   . ARG A 1 19  ? -9.321  4.846   -8.284  1.00 18.63  ? 19  ARG A N   1 
ATOM   159  C CA  . ARG A 1 19  ? -10.616 5.488   -8.223  1.00 17.87  ? 19  ARG A CA  1 
ATOM   160  C C   . ARG A 1 19  ? -10.946 5.617   -6.721  1.00 16.99  ? 19  ARG A C   1 
ATOM   161  O O   . ARG A 1 19  ? -11.531 6.590   -6.436  1.00 17.91  ? 19  ARG A O   1 
ATOM   162  C CB  . ARG A 1 19  ? -11.660 4.608   -8.926  1.00 19.39  ? 19  ARG A CB  1 
ATOM   163  C CG  . ARG A 1 19  ? -13.139 5.315   -9.128  1.00 20.11  ? 19  ARG A CG  1 
ATOM   164  C CD  . ARG A 1 19  ? -14.208 4.242   -9.575  1.00 18.86  ? 19  ARG A CD  1 
ATOM   165  N NE  . ARG A 1 19  ? -14.429 3.206   -8.575  1.00 21.73  ? 19  ARG A NE  1 
ATOM   166  C CZ  . ARG A 1 19  ? -15.177 3.339   -7.478  1.00 20.82  ? 19  ARG A CZ  1 
ATOM   167  N NH1 . ARG A 1 19  ? -15.793 4.464   -7.218  1.00 24.14  ? 19  ARG A NH1 1 
ATOM   168  N NH2 . ARG A 1 19  ? -15.360 2.306   -6.669  1.00 24.12  ? 19  ARG A NH2 1 
ATOM   169  N N   . LEU A 1 20  ? -10.607 4.654   -5.848  1.00 19.04  ? 20  LEU A N   1 
ATOM   170  C CA  . LEU A 1 20  ? -10.913 4.704   -4.429  1.00 19.51  ? 20  LEU A CA  1 
ATOM   171  C C   . LEU A 1 20  ? -10.061 5.767   -3.732  1.00 20.85  ? 20  LEU A C   1 
ATOM   172  O O   . LEU A 1 20  ? -10.570 6.671   -3.021  1.00 18.64  ? 20  LEU A O   1 
ATOM   173  C CB  . LEU A 1 20  ? -10.682 3.337   -3.859  1.00 22.66  ? 20  LEU A CB  1 
ATOM   174  C CG  . LEU A 1 20  ? -11.725 2.272   -4.292  1.00 23.31  ? 20  LEU A CG  1 
ATOM   175  C CD1 . LEU A 1 20  ? -11.387 0.860   -3.767  1.00 20.97  ? 20  LEU A CD1 1 
ATOM   176  C CD2 . LEU A 1 20  ? -13.092 2.680   -3.845  1.00 24.01  ? 20  LEU A CD2 1 
ATOM   177  N N   . LEU A 1 21  ? -8.778  5.811   -4.089  1.00 20.66  ? 21  LEU A N   1 
ATOM   178  C CA  . LEU A 1 21  ? -7.846  6.780   -3.470  1.00 21.01  ? 21  LEU A CA  1 
ATOM   179  C C   . LEU A 1 21  ? -7.935  8.261   -3.796  1.00 22.35  ? 21  LEU A C   1 
ATOM   180  O O   . LEU A 1 21  ? -7.610  9.178   -3.034  1.00 21.43  ? 21  LEU A O   1 
ATOM   181  C CB  . LEU A 1 21  ? -6.386  6.281   -3.621  1.00 19.82  ? 21  LEU A CB  1 
ATOM   182  C CG  . LEU A 1 21  ? -6.161  4.926   -2.959  1.00 17.22  ? 21  LEU A CG  1 
ATOM   183  C CD1 . LEU A 1 21  ? -4.956  4.223   -3.544  1.00 16.80  ? 21  LEU A CD1 1 
ATOM   184  C CD2 . LEU A 1 21  ? -6.015  5.106   -1.430  1.00 15.22  ? 21  LEU A CD2 1 
ATOM   185  N N   . LEU A 1 22  ? -8.364  8.530   -5.010  1.00 24.09  ? 22  LEU A N   1 
ATOM   186  C CA  . LEU A 1 22  ? -8.490  9.896   -5.465  1.00 24.84  ? 22  LEU A CA  1 
ATOM   187  C C   . LEU A 1 22  ? -9.737  10.535  -4.964  1.00 24.93  ? 22  LEU A C   1 
ATOM   188  O O   . LEU A 1 22  ? -10.327 11.317  -5.634  1.00 27.67  ? 22  LEU A O   1 
ATOM   189  C CB  . LEU A 1 22  ? -8.432  10.025  -6.982  1.00 24.78  ? 22  LEU A CB  1 
ATOM   190  C CG  . LEU A 1 22  ? -7.128  9.641   -7.653  1.00 26.87  ? 22  LEU A CG  1 
ATOM   191  C CD1 . LEU A 1 22  ? -7.456  9.530   -9.147  1.00 28.56  ? 22  LEU A CD1 1 
ATOM   192  C CD2 . LEU A 1 22  ? -6.040  10.715  -7.379  1.00 23.78  ? 22  LEU A CD2 1 
ATOM   193  N N   . ASN A 1 23  ? -10.153 10.242  -3.767  1.00 24.99  ? 23  ASN A N   1 
ATOM   194  C CA  . ASN A 1 23  ? -11.300 10.947  -3.300  1.00 23.44  ? 23  ASN A CA  1 
ATOM   195  C C   . ASN A 1 23  ? -10.731 12.191  -2.553  1.00 23.18  ? 23  ASN A C   1 
ATOM   196  O O   . ASN A 1 23  ? -9.722  12.116  -1.828  1.00 20.83  ? 23  ASN A O   1 
ATOM   197  C CB  . ASN A 1 23  ? -12.093 9.958   -2.545  1.00 26.34  ? 23  ASN A CB  1 
ATOM   198  C CG  . ASN A 1 23  ? -13.263 10.590  -1.849  1.00 30.72  ? 23  ASN A CG  1 
ATOM   199  O OD1 . ASN A 1 23  ? -13.117 11.622  -1.211  1.00 30.97  ? 23  ASN A OD1 1 
ATOM   200  N ND2 . ASN A 1 23  ? -14.443 9.986   -1.981  1.00 33.71  ? 23  ASN A ND2 1 
ATOM   201  N N   . ALA A 1 24  ? -11.316 13.374  -2.796  1.00 22.32  ? 24  ALA A N   1 
ATOM   202  C CA  . ALA A 1 24  ? -10.881 14.640  -2.137  1.00 22.93  ? 24  ALA A CA  1 
ATOM   203  C C   . ALA A 1 24  ? -10.876 14.627  -0.583  1.00 22.93  ? 24  ALA A C   1 
ATOM   204  O O   . ALA A 1 24  ? -10.274 15.454  0.079   1.00 23.10  ? 24  ALA A O   1 
ATOM   205  C CB  . ALA A 1 24  ? -11.746 15.713  -2.562  1.00 26.14  ? 24  ALA A CB  1 
ATOM   206  N N   . GLU A 1 25  ? -11.669 13.725  -0.018  1.00 23.01  ? 25  GLU A N   1 
ATOM   207  C CA  . GLU A 1 25  ? -11.746 13.541  1.402   1.00 22.33  ? 25  GLU A CA  1 
ATOM   208  C C   . GLU A 1 25  ? -10.541 12.754  1.886   1.00 21.02  ? 25  GLU A C   1 
ATOM   209  O O   . GLU A 1 25  ? -10.368 12.769  3.103   1.00 20.30  ? 25  GLU A O   1 
ATOM   210  C CB  . GLU A 1 25  ? -12.890 12.610  1.809   1.00 22.66  ? 25  GLU A CB  1 
ATOM   211  C CG  . GLU A 1 25  ? -13.847 13.781  1.639   1.00 29.43  ? 25  GLU A CG  1 
ATOM   212  C CD  . GLU A 1 25  ? -15.277 13.412  1.945   1.00 31.85  ? 25  GLU A CD  1 
ATOM   213  O OE1 . GLU A 1 25  ? -16.124 14.329  1.955   1.00 35.48  ? 25  GLU A OE1 1 
ATOM   214  O OE2 . GLU A 1 25  ? -15.571 12.204  2.084   1.00 32.33  ? 25  GLU A OE2 1 
ATOM   215  N N   . ASN A 1 26  ? -9.776  12.087  1.028   1.00 17.26  ? 26  ASN A N   1 
ATOM   216  C CA  . ASN A 1 26  ? -8.630  11.299  1.498   1.00 17.25  ? 26  ASN A CA  1 
ATOM   217  C C   . ASN A 1 26  ? -7.404  12.175  1.903   1.00 17.76  ? 26  ASN A C   1 
ATOM   218  O O   . ASN A 1 26  ? -7.029  13.122  1.148   1.00 14.03  ? 26  ASN A O   1 
ATOM   219  C CB  . ASN A 1 26  ? -8.203  10.273  0.442   1.00 17.36  ? 26  ASN A CB  1 
ATOM   220  C CG  . ASN A 1 26  ? -9.188  9.157   0.313   1.00 18.37  ? 26  ASN A CG  1 
ATOM   221  O OD1 . ASN A 1 26  ? -10.035 8.978   1.167   1.00 18.20  ? 26  ASN A OD1 1 
ATOM   222  N ND2 . ASN A 1 26  ? -9.097  8.390   -0.769  1.00 16.77  ? 26  ASN A ND2 1 
ATOM   223  N N   . PRO A 1 27  ? -6.927  12.036  3.202   1.00 18.43  ? 27  PRO A N   1 
ATOM   224  C CA  . PRO A 1 27  ? -5.742  12.838  3.625   1.00 17.00  ? 27  PRO A CA  1 
ATOM   225  C C   . PRO A 1 27  ? -4.503  12.078  3.114   1.00 17.76  ? 27  PRO A C   1 
ATOM   226  O O   . PRO A 1 27  ? -4.697  10.903  2.788   1.00 13.53  ? 27  PRO A O   1 
ATOM   227  C CB  . PRO A 1 27  ? -5.821  12.797  5.154   1.00 17.23  ? 27  PRO A CB  1 
ATOM   228  C CG  . PRO A 1 27  ? -6.401  11.547  5.459   1.00 18.77  ? 27  PRO A CG  1 
ATOM   229  C CD  . PRO A 1 27  ? -7.461  11.258  4.345   1.00 19.23  ? 27  PRO A CD  1 
ATOM   230  N N   . ARG A 1 28  ? -3.346  12.718  2.944   1.00 18.21  ? 28  ARG A N   1 
ATOM   231  C CA  . ARG A 1 28  ? -2.153  11.970  2.577   1.00 20.75  ? 28  ARG A CA  1 
ATOM   232  C C   . ARG A 1 28  ? -1.923  10.654  3.369   1.00 20.69  ? 28  ARG A C   1 
ATOM   233  O O   . ARG A 1 28  ? -2.141  10.492  4.589   1.00 21.49  ? 28  ARG A O   1 
ATOM   234  C CB  . ARG A 1 28  ? -0.912  12.856  2.726   1.00 21.64  ? 28  ARG A CB  1 
ATOM   235  C CG  . ARG A 1 28  ? -0.805  14.074  1.886   1.00 28.14  ? 28  ARG A CG  1 
ATOM   236  C CD  . ARG A 1 28  ? 0.614   14.642  2.036   1.00 33.11  ? 28  ARG A CD  1 
ATOM   237  N NE  . ARG A 1 28  ? 0.549   16.000  2.539   1.00 40.25  ? 28  ARG A NE  1 
ATOM   238  C CZ  . ARG A 1 28  ? 0.597   16.382  3.829   1.00 41.01  ? 28  ARG A CZ  1 
ATOM   239  N NH1 . ARG A 1 28  ? 0.500   17.672  4.145   1.00 41.54  ? 28  ARG A NH1 1 
ATOM   240  N NH2 . ARG A 1 28  ? 0.772   15.509  4.817   1.00 43.90  ? 28  ARG A NH2 1 
ATOM   241  N N   . GLY A 1 29  ? -1.454  9.618   2.667   1.00 18.94  ? 29  GLY A N   1 
ATOM   242  C CA  . GLY A 1 29  ? -1.226  8.421   3.390   1.00 15.91  ? 29  GLY A CA  1 
ATOM   243  C C   . GLY A 1 29  ? -2.416  7.467   3.415   1.00 16.48  ? 29  GLY A C   1 
ATOM   244  O O   . GLY A 1 29  ? -2.326  6.424   4.003   1.00 12.37  ? 29  GLY A O   1 
ATOM   245  N N   . THR A 1 30  ? -3.554  7.836   2.832   1.00 16.27  ? 30  THR A N   1 
ATOM   246  C CA  . THR A 1 30  ? -4.672  6.862   2.739   1.00 15.12  ? 30  THR A CA  1 
ATOM   247  C C   . THR A 1 30  ? -4.182  5.625   1.910   1.00 16.01  ? 30  THR A C   1 
ATOM   248  O O   . THR A 1 30  ? -3.470  5.810   0.897   1.00 16.88  ? 30  THR A O   1 
ATOM   249  C CB  . THR A 1 30  ? -5.935  7.535   2.131   1.00 12.35  ? 30  THR A CB  1 
ATOM   250  O OG1 . THR A 1 30  ? -6.262  8.669   2.930   1.00 13.71  ? 30  THR A OG1 1 
ATOM   251  C CG2 . THR A 1 30  ? -7.104  6.501   2.179   1.00 14.71  ? 30  THR A CG2 1 
ATOM   252  N N   . PHE A 1 31  ? -4.560  4.416   2.301   1.00 15.13  ? 31  PHE A N   1 
ATOM   253  C CA  . PHE A 1 31  ? -3.973  3.245   1.672   1.00 14.51  ? 31  PHE A CA  1 
ATOM   254  C C   . PHE A 1 31  ? -4.776  1.973   1.702   1.00 14.38  ? 31  PHE A C   1 
ATOM   255  O O   . PHE A 1 31  ? -5.779  1.789   2.371   1.00 17.06  ? 31  PHE A O   1 
ATOM   256  C CB  . PHE A 1 31  ? -2.590  2.871   2.348   1.00 13.77  ? 31  PHE A CB  1 
ATOM   257  C CG  . PHE A 1 31  ? -2.710  2.179   3.763   1.00 13.30  ? 31  PHE A CG  1 
ATOM   258  C CD1 . PHE A 1 31  ? -2.585  0.813   3.877   1.00 14.96  ? 31  PHE A CD1 1 
ATOM   259  C CD2 . PHE A 1 31  ? -3.003  2.914   4.923   1.00 13.70  ? 31  PHE A CD2 1 
ATOM   260  C CE1 . PHE A 1 31  ? -2.751  0.097   5.129   1.00 16.40  ? 31  PHE A CE1 1 
ATOM   261  C CE2 . PHE A 1 31  ? -3.189  2.281   6.161   1.00 13.36  ? 31  PHE A CE2 1 
ATOM   262  C CZ  . PHE A 1 31  ? -3.068  0.845   6.274   1.00 12.69  ? 31  PHE A CZ  1 
ATOM   263  N N   . LEU A 1 32  ? -4.359  1.080   0.821   1.00 12.28  ? 32  LEU A N   1 
ATOM   264  C CA  . LEU A 1 32  ? -4.929  -0.210  0.766   1.00 13.60  ? 32  LEU A CA  1 
ATOM   265  C C   . LEU A 1 32  ? -3.817  -1.091  0.225   1.00 13.36  ? 32  LEU A C   1 
ATOM   266  O O   . LEU A 1 32  ? -2.852  -0.606  -0.397  1.00 13.30  ? 32  LEU A O   1 
ATOM   267  C CB  . LEU A 1 32  ? -6.179  -0.158  -0.101  1.00 13.17  ? 32  LEU A CB  1 
ATOM   268  C CG  . LEU A 1 32  ? -5.814  0.253   -1.535  1.00 17.04  ? 32  LEU A CG  1 
ATOM   269  C CD1 . LEU A 1 32  ? -5.448  -1.056  -2.376  1.00 9.42   ? 32  LEU A CD1 1 
ATOM   270  C CD2 . LEU A 1 32  ? -6.916  1.171   -2.171  1.00 14.74  ? 32  LEU A CD2 1 
ATOM   271  N N   . VAL A 1 33  ? -3.926  -2.383  0.479   1.00 14.25  ? 33  VAL A N   1 
ATOM   272  C CA  . VAL A 1 33  ? -3.011  -3.387  -0.067  1.00 15.14  ? 33  VAL A CA  1 
ATOM   273  C C   . VAL A 1 33  ? -3.882  -4.242  -0.996  1.00 16.89  ? 33  VAL A C   1 
ATOM   274  O O   . VAL A 1 33  ? -5.085  -4.402  -0.724  1.00 17.58  ? 33  VAL A O   1 
ATOM   275  C CB  . VAL A 1 33  ? -2.341  -4.221  1.092   1.00 14.23  ? 33  VAL A CB  1 
ATOM   276  C CG1 . VAL A 1 33  ? -1.529  -5.435  0.511   1.00 17.32  ? 33  VAL A CG1 1 
ATOM   277  C CG2 . VAL A 1 33  ? -1.425  -3.269  1.931   1.00 12.52  ? 33  VAL A CG2 1 
ATOM   278  N N   . ARG A 1 34  ? -3.345  -4.663  -2.138  1.00 18.08  ? 34  ARG A N   1 
ATOM   279  C CA  . ARG A 1 34  ? -4.103  -5.516  -3.084  1.00 16.80  ? 34  ARG A CA  1 
ATOM   280  C C   . ARG A 1 34  ? -3.122  -6.448  -3.758  1.00 16.92  ? 34  ARG A C   1 
ATOM   281  O O   . ARG A 1 34  ? -1.904  -6.477  -3.525  1.00 15.01  ? 34  ARG A O   1 
ATOM   282  C CB  . ARG A 1 34  ? -4.813  -4.623  -4.115  1.00 17.25  ? 34  ARG A CB  1 
ATOM   283  C CG  . ARG A 1 34  ? -3.770  -3.703  -4.834  1.00 13.96  ? 34  ARG A CG  1 
ATOM   284  C CD  . ARG A 1 34  ? -4.436  -2.844  -5.966  1.00 13.45  ? 34  ARG A CD  1 
ATOM   285  N NE  . ARG A 1 34  ? -3.474  -1.895  -6.612  1.00 15.39  ? 34  ARG A NE  1 
ATOM   286  C CZ  . ARG A 1 34  ? -2.780  -2.041  -7.763  1.00 14.45  ? 34  ARG A CZ  1 
ATOM   287  N NH1 . ARG A 1 34  ? -1.979  -1.032  -8.202  1.00 12.38  ? 34  ARG A NH1 1 
ATOM   288  N NH2 . ARG A 1 34  ? -2.834  -3.171  -8.442  1.00 14.09  ? 34  ARG A NH2 1 
ATOM   289  N N   . GLU A 1 35  ? -3.685  -7.306  -4.585  1.00 19.89  ? 35  GLU A N   1 
ATOM   290  C CA  . GLU A 1 35  ? -2.898  -8.218  -5.419  1.00 19.83  ? 35  GLU A CA  1 
ATOM   291  C C   . GLU A 1 35  ? -2.262  -7.415  -6.560  1.00 17.93  ? 35  GLU A C   1 
ATOM   292  O O   . GLU A 1 35  ? -2.733  -6.362  -7.011  1.00 16.89  ? 35  GLU A O   1 
ATOM   293  C CB  . GLU A 1 35  ? -3.788  -9.219  -6.119  1.00 23.13  ? 35  GLU A CB  1 
ATOM   294  C CG  . GLU A 1 35  ? -4.098  -10.221 -5.168  1.00 30.31  ? 35  GLU A CG  1 
ATOM   295  C CD  . GLU A 1 35  ? -4.831  -11.363 -5.810  1.00 36.54  ? 35  GLU A CD  1 
ATOM   296  O OE1 . GLU A 1 35  ? -5.055  -12.400 -5.109  1.00 38.97  ? 35  GLU A OE1 1 
ATOM   297  O OE2 . GLU A 1 35  ? -5.185  -11.209 -7.033  1.00 40.32  ? 35  GLU A OE2 1 
ATOM   298  N N   . SER A 1 36  ? -1.080  -7.846  -6.962  1.00 18.35  ? 36  SER A N   1 
ATOM   299  C CA  . SER A 1 36  ? -0.431  -7.151  -8.077  1.00 18.49  ? 36  SER A CA  1 
ATOM   300  C C   . SER A 1 36  ? -1.195  -7.640  -9.329  1.00 19.18  ? 36  SER A C   1 
ATOM   301  O O   . SER A 1 36  ? -1.496  -8.831  -9.335  1.00 18.50  ? 36  SER A O   1 
ATOM   302  C CB  . SER A 1 36  ? 1.016   -7.623  -8.162  1.00 18.73  ? 36  SER A CB  1 
ATOM   303  O OG  . SER A 1 36  ? 1.470   -7.743  -9.480  1.00 21.12  ? 36  SER A OG  1 
ATOM   304  N N   . GLU A 1 37  ? -1.581  -6.774  -10.278 1.00 22.24  ? 37  GLU A N   1 
ATOM   305  C CA  . GLU A 1 37  ? -2.253  -7.236  -11.526 1.00 24.49  ? 37  GLU A CA  1 
ATOM   306  C C   . GLU A 1 37  ? -1.391  -8.258  -12.355 1.00 28.07  ? 37  GLU A C   1 
ATOM   307  O O   . GLU A 1 37  ? -1.939  -9.257  -12.882 1.00 30.54  ? 37  GLU A O   1 
ATOM   308  C CB  . GLU A 1 37  ? -2.529  -6.057  -12.449 1.00 22.31  ? 37  GLU A CB  1 
ATOM   309  C CG  . GLU A 1 37  ? -3.694  -5.192  -11.990 1.00 21.82  ? 37  GLU A CG  1 
ATOM   310  C CD  . GLU A 1 37  ? -4.025  -4.143  -12.996 1.00 24.78  ? 37  GLU A CD  1 
ATOM   311  O OE1 . GLU A 1 37  ? -3.333  -4.091  -14.018 1.00 28.58  ? 37  GLU A OE1 1 
ATOM   312  O OE2 . GLU A 1 37  ? -4.949  -3.317  -12.794 1.00 27.62  ? 37  GLU A OE2 1 
ATOM   313  N N   . THR A 1 38  ? -0.068  -8.063  -12.416 1.00 29.90  ? 38  THR A N   1 
ATOM   314  C CA  . THR A 1 38  ? 0.784   -8.944  -13.201 1.00 31.87  ? 38  THR A CA  1 
ATOM   315  C C   . THR A 1 38  ? 1.852   -9.874  -12.536 1.00 35.45  ? 38  THR A C   1 
ATOM   316  O O   . THR A 1 38  ? 2.296   -10.859 -13.168 1.00 36.29  ? 38  THR A O   1 
ATOM   317  C CB  . THR A 1 38  ? 1.346   -8.114  -14.428 1.00 32.04  ? 38  THR A CB  1 
ATOM   318  O OG1 . THR A 1 38  ? 2.106   -6.948  -14.024 1.00 29.78  ? 38  THR A OG1 1 
ATOM   319  C CG2 . THR A 1 38  ? 0.169   -7.597  -15.242 1.00 31.18  ? 38  THR A CG2 1 
ATOM   320  N N   . THR A 1 39  ? 2.306   -9.608  -11.301 1.00 36.81  ? 39  THR A N   1 
ATOM   321  C CA  . THR A 1 39  ? 3.320   -10.514 -10.687 1.00 37.91  ? 39  THR A CA  1 
ATOM   322  C C   . THR A 1 39  ? 2.596   -11.483 -9.727  1.00 37.96  ? 39  THR A C   1 
ATOM   323  O O   . THR A 1 39  ? 1.995   -10.976 -8.792  1.00 37.44  ? 39  THR A O   1 
ATOM   324  C CB  . THR A 1 39  ? 4.441   -9.730  -9.891  1.00 37.99  ? 39  THR A CB  1 
ATOM   325  O OG1 . THR A 1 39  ? 5.024   -8.681  -10.708 1.00 39.24  ? 39  THR A OG1 1 
ATOM   326  C CG2 . THR A 1 39  ? 5.533   -10.716 -9.367  1.00 37.07  ? 39  THR A CG2 1 
ATOM   327  N N   . LYS A 1 40  ? 2.572   -12.798 -9.952  1.00 38.76  ? 40  LYS A N   1 
ATOM   328  C CA  . LYS A 1 40  ? 1.869   -13.662 -8.996  1.00 39.88  ? 40  LYS A CA  1 
ATOM   329  C C   . LYS A 1 40  ? 2.708   -13.679 -7.734  1.00 39.29  ? 40  LYS A C   1 
ATOM   330  O O   . LYS A 1 40  ? 3.944   -13.422 -7.792  1.00 39.17  ? 40  LYS A O   1 
ATOM   331  C CB  . LYS A 1 40  ? 1.521   -15.055 -9.564  1.00 43.19  ? 40  LYS A CB  1 
ATOM   332  C CG  . LYS A 1 40  ? 2.717   -15.828 -10.032 1.00 46.88  ? 40  LYS A CG  1 
ATOM   333  C CD  . LYS A 1 40  ? 2.358   -16.814 -11.134 1.00 50.39  ? 40  LYS A CD  1 
ATOM   334  C CE  . LYS A 1 40  ? 1.901   -18.178 -10.550 1.00 52.93  ? 40  LYS A CE  1 
ATOM   335  N NZ  . LYS A 1 40  ? 2.318   -19.275 -11.531 1.00 55.01  ? 40  LYS A NZ  1 
ATOM   336  N N   . GLY A 1 41  ? 2.012   -13.791 -6.598  1.00 37.78  ? 41  GLY A N   1 
ATOM   337  C CA  . GLY A 1 41  ? 2.696   -13.793 -5.319  1.00 36.83  ? 41  GLY A CA  1 
ATOM   338  C C   . GLY A 1 41  ? 3.179   -12.425 -4.850  1.00 34.41  ? 41  GLY A C   1 
ATOM   339  O O   . GLY A 1 41  ? 3.763   -12.363 -3.755  1.00 35.93  ? 41  GLY A O   1 
ATOM   340  N N   . ALA A 1 42  ? 3.049   -11.381 -5.687  1.00 31.08  ? 42  ALA A N   1 
ATOM   341  C CA  . ALA A 1 42  ? 3.403   -9.996  -5.286  1.00 27.05  ? 42  ALA A CA  1 
ATOM   342  C C   . ALA A 1 42  ? 2.096   -9.227  -5.011  1.00 25.01  ? 42  ALA A C   1 
ATOM   343  O O   . ALA A 1 42  ? 0.975   -9.620  -5.502  1.00 23.74  ? 42  ALA A O   1 
ATOM   344  C CB  . ALA A 1 42  ? 4.261   -9.265  -6.341  1.00 24.56  ? 42  ALA A CB  1 
ATOM   345  N N   . TYR A 1 43  ? 2.236   -8.195  -4.173  1.00 21.65  ? 43  TYR A N   1 
ATOM   346  C CA  . TYR A 1 43  ? 1.149   -7.337  -3.823  1.00 21.16  ? 43  TYR A CA  1 
ATOM   347  C C   . TYR A 1 43  ? 1.509   -5.952  -4.060  1.00 18.58  ? 43  TYR A C   1 
ATOM   348  O O   . TYR A 1 43  ? 2.654   -5.617  -4.299  1.00 17.49  ? 43  TYR A O   1 
ATOM   349  C CB  . TYR A 1 43  ? 0.900   -7.297  -2.335  1.00 24.11  ? 43  TYR A CB  1 
ATOM   350  C CG  . TYR A 1 43  ? 0.619   -8.648  -1.803  1.00 29.26  ? 43  TYR A CG  1 
ATOM   351  C CD1 . TYR A 1 43  ? 1.657   -9.419  -1.311  1.00 31.86  ? 43  TYR A CD1 1 
ATOM   352  C CD2 . TYR A 1 43  ? -0.687  -9.171  -1.804  1.00 31.45  ? 43  TYR A CD2 1 
ATOM   353  C CE1 . TYR A 1 43  ? 1.425   -10.652 -0.858  1.00 34.87  ? 43  TYR A CE1 1 
ATOM   354  C CE2 . TYR A 1 43  ? -0.954  -10.399 -1.327  1.00 32.67  ? 43  TYR A CE2 1 
ATOM   355  C CZ  . TYR A 1 43  ? 0.114   -11.158 -0.858  1.00 35.77  ? 43  TYR A CZ  1 
ATOM   356  O OH  . TYR A 1 43  ? -0.067  -12.446 -0.405  1.00 38.62  ? 43  TYR A OH  1 
ATOM   357  N N   . CYS A 1 44  ? 0.511   -5.094  -4.034  1.00 18.63  ? 44  CYS A N   1 
ATOM   358  C CA  . CYS A 1 44  ? 0.780   -3.711  -4.198  1.00 19.74  ? 44  CYS A CA  1 
ATOM   359  C C   . CYS A 1 44  ? 0.148   -2.937  -3.109  1.00 18.80  ? 44  CYS A C   1 
ATOM   360  O O   . CYS A 1 44  ? -0.994  -3.224  -2.725  1.00 18.72  ? 44  CYS A O   1 
ATOM   361  C CB  . CYS A 1 44  ? 0.239   -3.074  -5.513  1.00 20.86  ? 44  CYS A CB  1 
ATOM   362  S SG  . CYS A 1 44  ? 0.981   -3.923  -6.974  1.00 32.60  ? 44  CYS A SG  1 
ATOM   363  N N   . LEU A 1 45  ? 0.941   -1.995  -2.598  1.00 17.92  ? 45  LEU A N   1 
ATOM   364  C CA  . LEU A 1 45  ? 0.507   -0.994  -1.589  1.00 16.74  ? 45  LEU A CA  1 
ATOM   365  C C   . LEU A 1 45  ? 0.165   0.295   -2.405  1.00 15.95  ? 45  LEU A C   1 
ATOM   366  O O   . LEU A 1 45  ? 1.093   0.884   -3.010  1.00 13.72  ? 45  LEU A O   1 
ATOM   367  C CB  . LEU A 1 45  ? 1.630   -0.792  -0.537  1.00 15.58  ? 45  LEU A CB  1 
ATOM   368  C CG  . LEU A 1 45  ? 1.429   0.318   0.480   1.00 14.40  ? 45  LEU A CG  1 
ATOM   369  C CD1 . LEU A 1 45  ? 0.310   -0.102  1.440   1.00 16.04  ? 45  LEU A CD1 1 
ATOM   370  C CD2 . LEU A 1 45  ? 2.762   0.626   1.240   1.00 14.17  ? 45  LEU A CD2 1 
ATOM   371  N N   . SER A 1 46  ? -1.120  0.668   -2.482  1.00 12.22  ? 46  SER A N   1 
ATOM   372  C CA  . SER A 1 46  ? -1.560  1.859   -3.210  1.00 13.16  ? 46  SER A CA  1 
ATOM   373  C C   . SER A 1 46  ? -1.776  2.943   -2.145  1.00 14.55  ? 46  SER A C   1 
ATOM   374  O O   . SER A 1 46  ? -2.533  2.747   -1.155  1.00 15.45  ? 46  SER A O   1 
ATOM   375  C CB  . SER A 1 46  ? -2.758  1.520   -4.126  1.00 11.24  ? 46  SER A CB  1 
ATOM   376  O OG  . SER A 1 46  ? -2.257  0.535   -5.039  1.00 13.66  ? 46  SER A OG  1 
ATOM   377  N N   . VAL A 1 47  ? -1.188  4.104   -2.381  1.00 14.02  ? 47  VAL A N   1 
ATOM   378  C CA  . VAL A 1 47  ? -1.177  5.157   -1.360  1.00 14.66  ? 47  VAL A CA  1 
ATOM   379  C C   . VAL A 1 47  ? -1.539  6.486   -1.904  1.00 15.86  ? 47  VAL A C   1 
ATOM   380  O O   . VAL A 1 47  ? -1.034  6.899   -2.946  1.00 15.96  ? 47  VAL A O   1 
ATOM   381  C CB  . VAL A 1 47  ? 0.309   5.202   -0.669  1.00 14.70  ? 47  VAL A CB  1 
ATOM   382  C CG1 . VAL A 1 47  ? 0.368   6.351   0.454   1.00 11.28  ? 47  VAL A CG1 1 
ATOM   383  C CG2 . VAL A 1 47  ? 0.667   3.786   -0.078  1.00 9.78   ? 47  VAL A CG2 1 
ATOM   384  N N   . SER A 1 48  ? -2.392  7.209   -1.183  1.00 16.49  ? 48  SER A N   1 
ATOM   385  C CA  . SER A 1 48  ? -2.733  8.532   -1.669  1.00 17.53  ? 48  SER A CA  1 
ATOM   386  C C   . SER A 1 48  ? -1.698  9.527   -1.147  1.00 19.12  ? 48  SER A C   1 
ATOM   387  O O   . SER A 1 48  ? -1.104  9.365   -0.051  1.00 19.10  ? 48  SER A O   1 
ATOM   388  C CB  . SER A 1 48  ? -4.157  8.967   -1.247  1.00 15.74  ? 48  SER A CB  1 
ATOM   389  O OG  . SER A 1 48  ? -4.249  9.282   0.138   1.00 15.66  ? 48  SER A OG  1 
ATOM   390  N N   . ASP A 1 49  ? -1.410  10.485  -2.011  1.00 19.53  ? 49  ASP A N   1 
ATOM   391  C CA  . ASP A 1 49  ? -0.498  11.553  -1.741  1.00 22.87  ? 49  ASP A CA  1 
ATOM   392  C C   . ASP A 1 49  ? -1.204  12.825  -2.214  1.00 24.14  ? 49  ASP A C   1 
ATOM   393  O O   . ASP A 1 49  ? -2.319  12.742  -2.808  1.00 25.95  ? 49  ASP A O   1 
ATOM   394  C CB  . ASP A 1 49  ? 0.864   11.330  -2.398  1.00 24.10  ? 49  ASP A CB  1 
ATOM   395  C CG  . ASP A 1 49  ? 1.931   12.300  -1.871  1.00 24.32  ? 49  ASP A CG  1 
ATOM   396  O OD1 . ASP A 1 49  ? 1.792   12.903  -0.775  1.00 25.46  ? 49  ASP A OD1 1 
ATOM   397  O OD2 . ASP A 1 49  ? 2.966   12.401  -2.515  1.00 26.18  ? 49  ASP A OD2 1 
ATOM   398  N N   . PHE A 1 50  ? -0.617  13.973  -1.843  1.00 25.01  ? 50  PHE A N   1 
ATOM   399  C CA  . PHE A 1 50  ? -1.103  15.308  -2.167  1.00 26.09  ? 50  PHE A CA  1 
ATOM   400  C C   . PHE A 1 50  ? 0.048   16.341  -2.064  1.00 27.87  ? 50  PHE A C   1 
ATOM   401  O O   . PHE A 1 50  ? 0.758   16.307  -1.042  1.00 28.14  ? 50  PHE A O   1 
ATOM   402  C CB  . PHE A 1 50  ? -2.178  15.757  -1.138  1.00 24.16  ? 50  PHE A CB  1 
ATOM   403  C CG  . PHE A 1 50  ? -2.737  17.092  -1.395  1.00 22.31  ? 50  PHE A CG  1 
ATOM   404  C CD1 . PHE A 1 50  ? -2.133  18.214  -0.841  1.00 22.49  ? 50  PHE A CD1 1 
ATOM   405  C CD2 . PHE A 1 50  ? -3.762  17.251  -2.296  1.00 22.09  ? 50  PHE A CD2 1 
ATOM   406  C CE1 . PHE A 1 50  ? -2.517  19.513  -1.214  1.00 23.21  ? 50  PHE A CE1 1 
ATOM   407  C CE2 . PHE A 1 50  ? -4.187  18.512  -2.694  1.00 20.59  ? 50  PHE A CE2 1 
ATOM   408  C CZ  . PHE A 1 50  ? -3.577  19.675  -2.179  1.00 22.84  ? 50  PHE A CZ  1 
ATOM   409  N N   . ASP A 1 51  ? 0.256   17.143  -3.120  1.00 29.53  ? 51  ASP A N   1 
ATOM   410  C CA  . ASP A 1 51  ? 1.217   18.263  -3.123  1.00 33.60  ? 51  ASP A CA  1 
ATOM   411  C C   . ASP A 1 51  ? 0.607   19.409  -3.952  1.00 35.82  ? 51  ASP A C   1 
ATOM   412  O O   . ASP A 1 51  ? -0.498  19.285  -4.536  1.00 36.59  ? 51  ASP A O   1 
ATOM   413  C CB  . ASP A 1 51  ? 2.706   17.849  -3.240  1.00 32.76  ? 51  ASP A CB  1 
ATOM   414  C CG  . ASP A 1 51  ? 3.072   17.270  -4.583  1.00 35.45  ? 51  ASP A CG  1 
ATOM   415  O OD1 . ASP A 1 51  ? 3.966   16.341  -4.599  1.00 34.15  ? 51  ASP A OD1 1 
ATOM   416  O OD2 . ASP A 1 51  ? 2.483   17.743  -5.591  1.00 33.73  ? 51  ASP A OD2 1 
ATOM   417  N N   . ASN A 1 52  ? 1.200   20.594  -3.839  1.00 38.84  ? 52  ASN A N   1 
ATOM   418  C CA  . ASN A 1 52  ? 0.650   21.726  -4.607  1.00 41.43  ? 52  ASN A CA  1 
ATOM   419  C C   . ASN A 1 52  ? 1.108   21.547  -6.034  1.00 41.42  ? 52  ASN A C   1 
ATOM   420  O O   . ASN A 1 52  ? 0.372   22.024  -6.919  1.00 42.44  ? 52  ASN A O   1 
ATOM   421  C CB  . ASN A 1 52  ? 1.097   23.107  -4.075  1.00 43.51  ? 52  ASN A CB  1 
ATOM   422  C CG  . ASN A 1 52  ? 0.478   23.452  -2.711  1.00 43.36  ? 52  ASN A CG  1 
ATOM   423  O OD1 . ASN A 1 52  ? -0.523  22.846  -2.273  1.00 42.27  ? 52  ASN A OD1 1 
ATOM   424  N ND2 . ASN A 1 52  ? 1.079   24.418  -2.041  1.00 40.86  ? 52  ASN A ND2 1 
ATOM   425  N N   . ALA A 1 53  ? 2.265   20.881  -6.224  1.00 39.97  ? 53  ALA A N   1 
ATOM   426  C CA  . ALA A 1 53  ? 2.822   20.595  -7.556  1.00 39.76  ? 53  ALA A CA  1 
ATOM   427  C C   . ALA A 1 53  ? 1.785   19.719  -8.301  1.00 39.97  ? 53  ALA A C   1 
ATOM   428  O O   . ALA A 1 53  ? 1.155   20.230  -9.244  1.00 40.14  ? 53  ALA A O   1 
ATOM   429  C CB  . ALA A 1 53  ? 4.213   19.884  -7.466  1.00 36.66  ? 53  ALA A CB  1 
ATOM   430  N N   . LYS A 1 54  ? 1.590   18.468  -7.858  1.00 38.40  ? 54  LYS A N   1 
ATOM   431  C CA  . LYS A 1 54  ? 0.631   17.566  -8.455  1.00 36.37  ? 54  LYS A CA  1 
ATOM   432  C C   . LYS A 1 54  ? -0.783  17.558  -7.851  1.00 35.43  ? 54  LYS A C   1 
ATOM   433  O O   . LYS A 1 54  ? -1.625  16.974  -8.536  1.00 35.78  ? 54  LYS A O   1 
ATOM   434  C CB  . LYS A 1 54  ? 0.973   16.111  -8.142  1.00 37.56  ? 54  LYS A CB  1 
ATOM   435  C CG  . LYS A 1 54  ? 2.432   15.905  -8.503  1.00 41.74  ? 54  LYS A CG  1 
ATOM   436  C CD  . LYS A 1 54  ? 2.863   14.408  -8.728  1.00 42.82  ? 54  LYS A CD  1 
ATOM   437  C CE  . LYS A 1 54  ? 4.013   14.462  -9.704  1.00 45.57  ? 54  LYS A CE  1 
ATOM   438  N NZ  . LYS A 1 54  ? 4.448   13.177  -10.350 1.00 48.98  ? 54  LYS A NZ  1 
ATOM   439  N N   . GLY A 1 55  ? -1.087  18.183  -6.707  1.00 31.84  ? 55  GLY A N   1 
ATOM   440  C CA  . GLY A 1 55  ? -2.431  17.963  -6.170  1.00 29.27  ? 55  GLY A CA  1 
ATOM   441  C C   . GLY A 1 55  ? -2.583  16.490  -5.616  1.00 26.35  ? 55  GLY A C   1 
ATOM   442  O O   . GLY A 1 55  ? -1.589  15.838  -5.196  1.00 23.99  ? 55  GLY A O   1 
ATOM   443  N N   . LEU A 1 56  ? -3.827  15.984  -5.595  1.00 25.24  ? 56  LEU A N   1 
ATOM   444  C CA  . LEU A 1 56  ? -4.176  14.618  -5.124  1.00 25.66  ? 56  LEU A CA  1 
ATOM   445  C C   . LEU A 1 56  ? -3.676  13.533  -6.103  1.00 25.17  ? 56  LEU A C   1 
ATOM   446  O O   . LEU A 1 56  ? -3.986  13.581  -7.279  1.00 24.22  ? 56  LEU A O   1 
ATOM   447  C CB  . LEU A 1 56  ? -5.704  14.471  -4.946  1.00 25.31  ? 56  LEU A CB  1 
ATOM   448  C CG  . LEU A 1 56  ? -6.228  13.178  -4.320  1.00 26.34  ? 56  LEU A CG  1 
ATOM   449  C CD1 . LEU A 1 56  ? -5.285  12.662  -3.283  1.00 27.58  ? 56  LEU A CD1 1 
ATOM   450  C CD2 . LEU A 1 56  ? -7.552  13.444  -3.671  1.00 27.67  ? 56  LEU A CD2 1 
ATOM   451  N N   . ASN A 1 57  ? -2.922  12.554  -5.629  1.00 24.45  ? 57  ASN A N   1 
ATOM   452  C CA  . ASN A 1 57  ? -2.414  11.578  -6.552  1.00 22.13  ? 57  ASN A CA  1 
ATOM   453  C C   . ASN A 1 57  ? -2.161  10.246  -5.850  1.00 22.71  ? 57  ASN A C   1 
ATOM   454  O O   . ASN A 1 57  ? -2.216  10.154  -4.615  1.00 21.92  ? 57  ASN A O   1 
ATOM   455  C CB  . ASN A 1 57  ? -1.219  12.249  -7.265  1.00 22.36  ? 57  ASN A CB  1 
ATOM   456  C CG  . ASN A 1 57  ? 0.043   12.366  -6.372  1.00 21.31  ? 57  ASN A CG  1 
ATOM   457  O OD1 . ASN A 1 57  ? 0.939   11.511  -6.441  1.00 22.77  ? 57  ASN A OD1 1 
ATOM   458  N ND2 . ASN A 1 57  ? 0.142   13.444  -5.610  1.00 19.05  ? 57  ASN A ND2 1 
ATOM   459  N N   . VAL A 1 58  ? -1.877  9.197   -6.627  1.00 21.20  ? 58  VAL A N   1 
ATOM   460  C CA  . VAL A 1 58  ? -1.661  7.921   -6.046  1.00 20.99  ? 58  VAL A CA  1 
ATOM   461  C C   . VAL A 1 58  ? -0.287  7.350   -6.403  1.00 21.32  ? 58  VAL A C   1 
ATOM   462  O O   . VAL A 1 58  ? 0.159   7.653   -7.529  1.00 21.41  ? 58  VAL A O   1 
ATOM   463  C CB  . VAL A 1 58  ? -2.783  6.936   -6.522  1.00 19.51  ? 58  VAL A CB  1 
ATOM   464  C CG1 . VAL A 1 58  ? -2.520  5.478   -5.944  1.00 19.84  ? 58  VAL A CG1 1 
ATOM   465  C CG2 . VAL A 1 58  ? -4.157  7.536   -6.145  1.00 17.19  ? 58  VAL A CG2 1 
ATOM   466  N N   . LYS A 1 59  ? 0.317   6.552   -5.507  1.00 19.33  ? 59  LYS A N   1 
ATOM   467  C CA  . LYS A 1 59  ? 1.559   5.855   -5.785  1.00 18.58  ? 59  LYS A CA  1 
ATOM   468  C C   . LYS A 1 59  ? 1.280   4.461   -5.484  1.00 19.28  ? 59  LYS A C   1 
ATOM   469  O O   . LYS A 1 59  ? 0.340   4.123   -4.692  1.00 19.28  ? 59  LYS A O   1 
ATOM   470  C CB  . LYS A 1 59  ? 2.649   6.138   -4.785  1.00 21.35  ? 59  LYS A CB  1 
ATOM   471  C CG  . LYS A 1 59  ? 2.884   7.580   -5.071  1.00 24.29  ? 59  LYS A CG  1 
ATOM   472  C CD  . LYS A 1 59  ? 3.712   7.707   -6.229  1.00 31.08  ? 59  LYS A CD  1 
ATOM   473  C CE  . LYS A 1 59  ? 4.139   9.122   -6.376  1.00 35.19  ? 59  LYS A CE  1 
ATOM   474  N NZ  . LYS A 1 59  ? 4.455   9.456   -7.796  1.00 37.58  ? 59  LYS A NZ  1 
ATOM   475  N N   . HIS A 1 60  ? 1.987   3.610   -6.233  1.00 17.49  ? 60  HIS A N   1 
ATOM   476  C CA  . HIS A 1 60  ? 1.883   2.171   -6.110  1.00 17.89  ? 60  HIS A CA  1 
ATOM   477  C C   . HIS A 1 60  ? 3.244   1.576   -5.854  1.00 17.28  ? 60  HIS A C   1 
ATOM   478  O O   . HIS A 1 60  ? 4.146   1.669   -6.667  1.00 17.33  ? 60  HIS A O   1 
ATOM   479  C CB  . HIS A 1 60  ? 1.284   1.508   -7.411  1.00 17.35  ? 60  HIS A CB  1 
ATOM   480  C CG  . HIS A 1 60  ? -0.053  2.105   -7.828  1.00 16.30  ? 60  HIS A CG  1 
ATOM   481  N ND1 . HIS A 1 60  ? -1.259  1.737   -7.243  1.00 14.77  ? 60  HIS A ND1 1 
ATOM   482  C CD2 . HIS A 1 60  ? -0.345  3.090   -8.710  1.00 15.09  ? 60  HIS A CD2 1 
ATOM   483  C CE1 . HIS A 1 60  ? -2.228  2.488   -7.737  1.00 15.31  ? 60  HIS A CE1 1 
ATOM   484  N NE2 . HIS A 1 60  ? -1.697  3.324   -8.616  1.00 17.91  ? 60  HIS A NE2 1 
ATOM   485  N N   . TYR A 1 61  ? 3.347   0.903   -4.729  1.00 15.47  ? 61  TYR A N   1 
ATOM   486  C CA  . TYR A 1 61  ? 4.594   0.242   -4.322  1.00 17.46  ? 61  TYR A CA  1 
ATOM   487  C C   . TYR A 1 61  ? 4.434   -1.272  -4.327  1.00 16.90  ? 61  TYR A C   1 
ATOM   488  O O   . TYR A 1 61  ? 3.505   -1.855  -3.751  1.00 17.81  ? 61  TYR A O   1 
ATOM   489  C CB  . TYR A 1 61  ? 4.888   0.653   -2.869  1.00 15.39  ? 61  TYR A CB  1 
ATOM   490  C CG  . TYR A 1 61  ? 5.008   2.113   -2.771  1.00 14.14  ? 61  TYR A CG  1 
ATOM   491  C CD1 . TYR A 1 61  ? 3.927   2.928   -2.312  1.00 15.35  ? 61  TYR A CD1 1 
ATOM   492  C CD2 . TYR A 1 61  ? 6.224   2.750   -3.127  1.00 16.08  ? 61  TYR A CD2 1 
ATOM   493  C CE1 . TYR A 1 61  ? 4.061   4.359   -2.201  1.00 13.54  ? 61  TYR A CE1 1 
ATOM   494  C CE2 . TYR A 1 61  ? 6.362   4.097   -3.021  1.00 13.49  ? 61  TYR A CE2 1 
ATOM   495  C CZ  . TYR A 1 61  ? 5.281   4.894   -2.568  1.00 15.18  ? 61  TYR A CZ  1 
ATOM   496  O OH  . TYR A 1 61  ? 5.428   6.205   -2.610  1.00 12.84  ? 61  TYR A OH  1 
ATOM   497  N N   . LYS A 1 62  ? 5.309   -1.966  -5.047  1.00 17.87  ? 62  LYS A N   1 
ATOM   498  C CA  . LYS A 1 62  ? 5.238   -3.444  -5.083  1.00 17.96  ? 62  LYS A CA  1 
ATOM   499  C C   . LYS A 1 62  ? 5.811   -4.054  -3.798  1.00 18.48  ? 62  LYS A C   1 
ATOM   500  O O   . LYS A 1 62  ? 6.827   -3.639  -3.278  1.00 17.87  ? 62  LYS A O   1 
ATOM   501  C CB  . LYS A 1 62  ? 5.984   -3.993  -6.319  1.00 22.42  ? 62  LYS A CB  1 
ATOM   502  C CG  . LYS A 1 62  ? 5.368   -5.392  -6.637  1.00 29.18  ? 62  LYS A CG  1 
ATOM   503  C CD  . LYS A 1 62  ? 5.757   -5.976  -8.059  1.00 32.39  ? 62  LYS A CD  1 
ATOM   504  C CE  . LYS A 1 62  ? 5.324   -4.986  -9.285  1.00 34.11  ? 62  LYS A CE  1 
ATOM   505  N NZ  . LYS A 1 62  ? 4.962   -5.761  -10.570 1.00 33.77  ? 62  LYS A NZ  1 
ATOM   506  N N   . ILE A 1 63  ? 5.122   -5.019  -3.261  1.00 17.68  ? 63  ILE A N   1 
ATOM   507  C CA  . ILE A 1 63  ? 5.584   -5.704  -2.067  1.00 20.68  ? 63  ILE A CA  1 
ATOM   508  C C   . ILE A 1 63  ? 5.936   -7.117  -2.503  1.00 22.81  ? 63  ILE A C   1 
ATOM   509  O O   . ILE A 1 63  ? 5.093   -7.823  -3.096  1.00 22.06  ? 63  ILE A O   1 
ATOM   510  C CB  . ILE A 1 63  ? 4.473   -5.816  -0.987  1.00 16.97  ? 63  ILE A CB  1 
ATOM   511  C CG1 . ILE A 1 63  ? 4.010   -4.438  -0.623  1.00 17.23  ? 63  ILE A CG1 1 
ATOM   512  C CG2 . ILE A 1 63  ? 4.896   -6.808  0.091   1.00 15.81  ? 63  ILE A CG2 1 
ATOM   513  C CD1 . ILE A 1 63  ? 2.912   -4.434  0.409   1.00 20.09  ? 63  ILE A CD1 1 
ATOM   514  N N   . ARG A 1 64  ? 7.201   -7.492  -2.297  1.00 26.43  ? 64  ARG A N   1 
ATOM   515  C CA  . ARG A 1 64  ? 7.609   -8.840  -2.632  1.00 30.57  ? 64  ARG A CA  1 
ATOM   516  C C   . ARG A 1 64  ? 7.450   -9.739  -1.390  1.00 31.39  ? 64  ARG A C   1 
ATOM   517  O O   . ARG A 1 64  ? 7.413   -9.318  -0.226  1.00 29.08  ? 64  ARG A O   1 
ATOM   518  C CB  . ARG A 1 64  ? 9.061   -8.867  -3.126  1.00 34.54  ? 64  ARG A CB  1 
ATOM   519  C CG  . ARG A 1 64  ? 9.588   -7.691  -3.894  1.00 39.95  ? 64  ARG A CG  1 
ATOM   520  C CD  . ARG A 1 64  ? 8.759   -7.406  -5.077  1.00 44.11  ? 64  ARG A CD  1 
ATOM   521  N NE  . ARG A 1 64  ? 8.324   -8.635  -5.710  1.00 49.05  ? 64  ARG A NE  1 
ATOM   522  C CZ  . ARG A 1 64  ? 8.913   -9.192  -6.771  1.00 51.50  ? 64  ARG A CZ  1 
ATOM   523  N NH1 . ARG A 1 64  ? 9.975   -8.636  -7.353  1.00 52.00  ? 64  ARG A NH1 1 
ATOM   524  N NH2 . ARG A 1 64  ? 8.462   -10.358 -7.209  1.00 52.07  ? 64  ARG A NH2 1 
ATOM   525  N N   . LYS A 1 65  ? 7.328   -11.016 -1.659  1.00 33.59  ? 65  LYS A N   1 
ATOM   526  C CA  . LYS A 1 65  ? 7.204   -11.982 -0.608  1.00 38.45  ? 65  LYS A CA  1 
ATOM   527  C C   . LYS A 1 65  ? 8.126   -13.116 -1.030  1.00 41.70  ? 65  LYS A C   1 
ATOM   528  O O   . LYS A 1 65  ? 7.928   -13.673 -2.116  1.00 42.78  ? 65  LYS A O   1 
ATOM   529  C CB  . LYS A 1 65  ? 5.746   -12.389 -0.460  1.00 37.95  ? 65  LYS A CB  1 
ATOM   530  C CG  . LYS A 1 65  ? 5.701   -13.677 0.227   1.00 41.63  ? 65  LYS A CG  1 
ATOM   531  C CD  . LYS A 1 65  ? 6.362   -13.659 1.725   1.00 42.91  ? 65  LYS A CD  1 
ATOM   532  C CE  . LYS A 1 65  ? 6.316   -15.146 2.410   1.00 42.87  ? 65  LYS A CE  1 
ATOM   533  N NZ  . LYS A 1 65  ? 4.934   -15.677 2.400   1.00 40.96  ? 65  LYS A NZ  1 
ATOM   534  N N   . LEU A 1 66  ? 9.147   -13.414 -0.214  1.00 44.83  ? 66  LEU A N   1 
ATOM   535  C CA  . LEU A 1 66  ? 10.126  -14.511 -0.435  1.00 46.65  ? 66  LEU A CA  1 
ATOM   536  C C   . LEU A 1 66  ? 9.613   -15.846 0.177   1.00 48.73  ? 66  LEU A C   1 
ATOM   537  O O   . LEU A 1 66  ? 8.690   -15.803 1.014   1.00 48.39  ? 66  LEU A O   1 
ATOM   538  C CB  . LEU A 1 66  ? 11.421  -14.253 0.362   1.00 45.54  ? 66  LEU A CB  1 
ATOM   539  C CG  . LEU A 1 66  ? 12.026  -12.858 0.258   1.00 42.71  ? 66  LEU A CG  1 
ATOM   540  C CD1 . LEU A 1 66  ? 13.199  -12.702 1.187   1.00 42.26  ? 66  LEU A CD1 1 
ATOM   541  C CD2 . LEU A 1 66  ? 12.387  -12.616 -1.205  1.00 42.55  ? 66  LEU A CD2 1 
ATOM   542  N N   . ASP A 1 67  ? 10.174  -16.993 -0.266  1.00 51.71  ? 67  ASP A N   1 
ATOM   543  C CA  . ASP A 1 67  ? 9.826   -18.329 0.296   1.00 54.05  ? 67  ASP A CA  1 
ATOM   544  C C   . ASP A 1 67  ? 10.700  -18.620 1.581   1.00 54.62  ? 67  ASP A C   1 
ATOM   545  O O   . ASP A 1 67  ? 10.482  -19.589 2.391   1.00 55.31  ? 67  ASP A O   1 
ATOM   546  C CB  . ASP A 1 67  ? 9.582   -19.321 -0.857  1.00 56.69  ? 67  ASP A CB  1 
ATOM   547  C CG  . ASP A 1 67  ? 8.245   -19.020 -1.648  1.00 61.21  ? 67  ASP A CG  1 
ATOM   548  O OD1 . ASP A 1 67  ? 7.780   -19.876 -2.457  1.00 62.76  ? 67  ASP A OD1 1 
ATOM   549  O OD2 . ASP A 1 67  ? 7.655   -17.911 -1.450  1.00 62.75  ? 67  ASP A OD2 1 
ATOM   550  N N   . SER A 1 68  ? 11.739  -17.779 1.748   1.00 53.10  ? 68  SER A N   1 
ATOM   551  C CA  . SER A 1 68  ? 12.589  -17.767 2.949   1.00 51.99  ? 68  SER A CA  1 
ATOM   552  C C   . SER A 1 68  ? 11.682  -17.086 4.005   1.00 50.92  ? 68  SER A C   1 
ATOM   553  O O   . SER A 1 68  ? 11.962  -17.138 5.227   1.00 52.42  ? 68  SER A O   1 
ATOM   554  C CB  . SER A 1 68  ? 13.874  -17.023 2.660   1.00 53.27  ? 68  SER A CB  1 
ATOM   555  O OG  . SER A 1 68  ? 14.447  -17.546 1.468   1.00 56.35  ? 68  SER A OG  1 
ATOM   556  N N   . GLY A 1 69  ? 10.680  -16.325 3.505   1.00 48.00  ? 69  GLY A N   1 
ATOM   557  C CA  . GLY A 1 69  ? 9.638   -15.752 4.342   1.00 42.40  ? 69  GLY A CA  1 
ATOM   558  C C   . GLY A 1 69  ? 9.363   -14.290 4.492   1.00 39.21  ? 69  GLY A C   1 
ATOM   559  O O   . GLY A 1 69  ? 8.285   -13.911 5.015   1.00 39.40  ? 69  GLY A O   1 
ATOM   560  N N   . GLY A 1 70  ? 10.286  -13.459 4.060   1.00 34.90  ? 70  GLY A N   1 
ATOM   561  C CA  . GLY A 1 70  ? 10.061  -12.037 4.285   1.00 32.14  ? 70  GLY A CA  1 
ATOM   562  C C   . GLY A 1 70  ? 9.191   -11.260 3.335   1.00 29.55  ? 70  GLY A C   1 
ATOM   563  O O   . GLY A 1 70  ? 9.036   -11.624 2.202   1.00 31.09  ? 70  GLY A O   1 
ATOM   564  N N   . PHE A 1 71  ? 8.478   -10.276 3.837   1.00 28.34  ? 71  PHE A N   1 
ATOM   565  C CA  . PHE A 1 71  ? 7.727   -9.386  2.978   1.00 25.09  ? 71  PHE A CA  1 
ATOM   566  C C   . PHE A 1 71  ? 8.544   -8.076  2.931   1.00 23.03  ? 71  PHE A C   1 
ATOM   567  O O   . PHE A 1 71  ? 9.118   -7.671  3.922   1.00 21.59  ? 71  PHE A O   1 
ATOM   568  C CB  . PHE A 1 71  ? 6.412   -9.012  3.617   1.00 25.83  ? 71  PHE A CB  1 
ATOM   569  C CG  . PHE A 1 71  ? 5.410   -10.120 3.607   1.00 30.19  ? 71  PHE A CG  1 
ATOM   570  C CD1 . PHE A 1 71  ? 5.429   -11.113 4.604   1.00 30.15  ? 71  PHE A CD1 1 
ATOM   571  C CD2 . PHE A 1 71  ? 4.428   -10.182 2.588   1.00 28.93  ? 71  PHE A CD2 1 
ATOM   572  C CE1 . PHE A 1 71  ? 4.464   -12.192 4.588   1.00 31.20  ? 71  PHE A CE1 1 
ATOM   573  C CE2 . PHE A 1 71  ? 3.504   -11.198 2.568   1.00 28.93  ? 71  PHE A CE2 1 
ATOM   574  C CZ  . PHE A 1 71  ? 3.514   -12.213 3.567   1.00 30.38  ? 71  PHE A CZ  1 
ATOM   575  N N   . TYR A 1 72  ? 8.661   -7.428  1.791   1.00 20.04  ? 72  TYR A N   1 
ATOM   576  C CA  . TYR A 1 72  ? 9.302   -6.141  1.814   1.00 17.73  ? 72  TYR A CA  1 
ATOM   577  C C   . TYR A 1 72  ? 8.999   -5.266  0.575   1.00 18.06  ? 72  TYR A C   1 
ATOM   578  O O   . TYR A 1 72  ? 8.488   -5.774  -0.423  1.00 18.43  ? 72  TYR A O   1 
ATOM   579  C CB  . TYR A 1 72  ? 10.822  -6.301  1.805   1.00 17.10  ? 72  TYR A CB  1 
ATOM   580  C CG  . TYR A 1 72  ? 11.306  -7.050  0.610   1.00 19.06  ? 72  TYR A CG  1 
ATOM   581  C CD1 . TYR A 1 72  ? 11.636  -6.384  -0.588  1.00 18.73  ? 72  TYR A CD1 1 
ATOM   582  C CD2 . TYR A 1 72  ? 11.416  -8.436  0.669   1.00 22.55  ? 72  TYR A CD2 1 
ATOM   583  C CE1 . TYR A 1 72  ? 12.054  -7.085  -1.716  1.00 20.73  ? 72  TYR A CE1 1 
ATOM   584  C CE2 . TYR A 1 72  ? 11.861  -9.181  -0.459  1.00 26.05  ? 72  TYR A CE2 1 
ATOM   585  C CZ  . TYR A 1 72  ? 12.170  -8.470  -1.631  1.00 23.53  ? 72  TYR A CZ  1 
ATOM   586  O OH  . TYR A 1 72  ? 12.647  -9.210  -2.652  1.00 29.03  ? 72  TYR A OH  1 
ATOM   587  N N   . ILE A 1 73  ? 9.239   -3.974  0.703   1.00 17.84  ? 73  ILE A N   1 
ATOM   588  C CA  . ILE A 1 73  ? 9.218   -3.097  -0.442  1.00 18.94  ? 73  ILE A CA  1 
ATOM   589  C C   . ILE A 1 73  ? 10.696  -3.013  -0.962  1.00 20.07  ? 73  ILE A C   1 
ATOM   590  O O   . ILE A 1 73  ? 10.968  -3.241  -2.174  1.00 20.47  ? 73  ILE A O   1 
ATOM   591  C CB  . ILE A 1 73  ? 8.553   -1.799  -0.150  1.00 16.50  ? 73  ILE A CB  1 
ATOM   592  C CG1 . ILE A 1 73  ? 7.074   -2.032  0.193   1.00 16.15  ? 73  ILE A CG1 1 
ATOM   593  C CG2 . ILE A 1 73  ? 8.584   -0.896  -1.445  1.00 20.90  ? 73  ILE A CG2 1 
ATOM   594  C CD1 . ILE A 1 73  ? 6.341   -0.743  0.509   1.00 14.56  ? 73  ILE A CD1 1 
ATOM   595  N N   . THR A 1 74  ? 11.654  -2.848  -0.049  1.00 19.44  ? 74  THR A N   1 
ATOM   596  C CA  . THR A 1 74  ? 13.089  -2.859  -0.382  1.00 18.80  ? 74  THR A CA  1 
ATOM   597  C C   . THR A 1 74  ? 13.629  -4.057  0.346   1.00 22.06  ? 74  THR A C   1 
ATOM   598  O O   . THR A 1 74  ? 13.207  -4.246  1.485   1.00 23.96  ? 74  THR A O   1 
ATOM   599  C CB  . THR A 1 74  ? 13.831  -1.590  0.012   1.00 18.52  ? 74  THR A CB  1 
ATOM   600  O OG1 . THR A 1 74  ? 15.223  -1.791  -0.238  1.00 20.11  ? 74  THR A OG1 1 
ATOM   601  C CG2 . THR A 1 74  ? 13.592  -1.151  1.462   1.00 16.48  ? 74  THR A CG2 1 
ATOM   602  N N   . SER A 1 75  ? 14.478  -4.893  -0.273  1.00 21.88  ? 75  SER A N   1 
ATOM   603  C CA  . SER A 1 75  ? 14.974  -6.087  0.382   1.00 24.88  ? 75  SER A CA  1 
ATOM   604  C C   . SER A 1 75  ? 15.773  -5.799  1.652   1.00 25.31  ? 75  SER A C   1 
ATOM   605  O O   . SER A 1 75  ? 16.114  -6.754  2.401   1.00 27.33  ? 75  SER A O   1 
ATOM   606  C CB  . SER A 1 75  ? 15.913  -6.929  -0.546  1.00 22.70  ? 75  SER A CB  1 
ATOM   607  O OG  . SER A 1 75  ? 16.810  -6.016  -1.169  1.00 27.76  ? 75  SER A OG  1 
ATOM   608  N N   . ARG A 1 76  ? 16.232  -4.563  1.752   1.00 27.68  ? 76  ARG A N   1 
ATOM   609  C CA  . ARG A 1 76  ? 17.000  -4.109  2.900   1.00 29.73  ? 76  ARG A CA  1 
ATOM   610  C C   . ARG A 1 76  ? 16.169  -4.016  4.156   1.00 29.68  ? 76  ARG A C   1 
ATOM   611  O O   . ARG A 1 76  ? 16.725  -4.256  5.240   1.00 30.39  ? 76  ARG A O   1 
ATOM   612  C CB  . ARG A 1 76  ? 17.473  -2.665  2.779   1.00 32.22  ? 76  ARG A CB  1 
ATOM   613  C CG  . ARG A 1 76  ? 18.675  -2.536  1.952   1.00 38.02  ? 76  ARG A CG  1 
ATOM   614  C CD  . ARG A 1 76  ? 19.999  -3.108  2.637   1.00 44.65  ? 76  ARG A CD  1 
ATOM   615  N NE  . ARG A 1 76  ? 21.153  -2.550  1.943   1.00 49.87  ? 76  ARG A NE  1 
ATOM   616  C CZ  . ARG A 1 76  ? 22.090  -1.803  2.513   1.00 53.91  ? 76  ARG A CZ  1 
ATOM   617  N NH1 . ARG A 1 76  ? 23.069  -1.314  1.740   1.00 55.18  ? 76  ARG A NH1 1 
ATOM   618  N NH2 . ARG A 1 76  ? 22.088  -1.612  3.855   1.00 55.33  ? 76  ARG A NH2 1 
ATOM   619  N N   . THR A 1 77  ? 14.859  -3.846  3.992   1.00 28.18  ? 77  THR A N   1 
ATOM   620  C CA  . THR A 1 77  ? 13.944  -3.699  5.123   1.00 24.40  ? 77  THR A CA  1 
ATOM   621  C C   . THR A 1 77  ? 12.785  -4.673  5.000   1.00 22.13  ? 77  THR A C   1 
ATOM   622  O O   . THR A 1 77  ? 11.758  -4.275  4.395   1.00 21.98  ? 77  THR A O   1 
ATOM   623  C CB  . THR A 1 77  ? 13.433  -2.276  5.133   1.00 22.14  ? 77  THR A CB  1 
ATOM   624  O OG1 . THR A 1 77  ? 14.561  -1.383  5.054   1.00 23.69  ? 77  THR A OG1 1 
ATOM   625  C CG2 . THR A 1 77  ? 12.577  -1.993  6.376   1.00 20.06  ? 77  THR A CG2 1 
ATOM   626  N N   . GLN A 1 78  ? 12.913  -5.830  5.669   1.00 21.13  ? 78  GLN A N   1 
ATOM   627  C CA  . GLN A 1 78  ? 11.968  -6.972  5.648   1.00 21.37  ? 78  GLN A CA  1 
ATOM   628  C C   . GLN A 1 78  ? 11.174  -7.295  6.907   1.00 21.76  ? 78  GLN A C   1 
ATOM   629  O O   . GLN A 1 78  ? 11.572  -6.916  8.053   1.00 21.32  ? 78  GLN A O   1 
ATOM   630  C CB  . GLN A 1 78  ? 12.692  -8.246  5.308   1.00 21.33  ? 78  GLN A CB  1 
ATOM   631  C CG  . GLN A 1 78  ? 13.299  -8.086  3.951   1.00 21.36  ? 78  GLN A CG  1 
ATOM   632  C CD  . GLN A 1 78  ? 13.877  -9.411  3.390   1.00 23.35  ? 78  GLN A CD  1 
ATOM   633  O OE1 . GLN A 1 78  ? 14.841  -9.378  2.661   1.00 30.14  ? 78  GLN A OE1 1 
ATOM   634  N NE2 . GLN A 1 78  ? 13.309  -10.534 3.718   1.00 25.18  ? 78  GLN A NE2 1 
ATOM   635  N N   . PHE A 1 79  ? 10.026  -7.959  6.691   1.00 20.93  ? 79  PHE A N   1 
ATOM   636  C CA  . PHE A 1 79  ? 9.045   -8.254  7.733   1.00 20.75  ? 79  PHE A CA  1 
ATOM   637  C C   . PHE A 1 79  ? 8.554   -9.667  7.687   1.00 23.23  ? 79  PHE A C   1 
ATOM   638  O O   . PHE A 1 79  ? 8.576   -10.334 6.642   1.00 21.77  ? 79  PHE A O   1 
ATOM   639  C CB  . PHE A 1 79  ? 7.843   -7.261  7.642   1.00 19.07  ? 79  PHE A CB  1 
ATOM   640  C CG  . PHE A 1 79  ? 8.252   -5.808  7.650   1.00 18.21  ? 79  PHE A CG  1 
ATOM   641  C CD1 . PHE A 1 79  ? 8.551   -5.149  6.466   1.00 18.17  ? 79  PHE A CD1 1 
ATOM   642  C CD2 . PHE A 1 79  ? 8.547   -5.155  8.842   1.00 18.51  ? 79  PHE A CD2 1 
ATOM   643  C CE1 . PHE A 1 79  ? 9.143   -3.937  6.452   1.00 12.58  ? 79  PHE A CE1 1 
ATOM   644  C CE2 . PHE A 1 79  ? 9.157   -3.928  8.877   1.00 12.49  ? 79  PHE A CE2 1 
ATOM   645  C CZ  . PHE A 1 79  ? 9.473   -3.296  7.703   1.00 17.72  ? 79  PHE A CZ  1 
ATOM   646  N N   . ASN A 1 80  ? 8.220   -10.182 8.876   1.00 25.91  ? 80  ASN A N   1 
ATOM   647  C CA  . ASN A 1 80  ? 7.672   -11.533 9.001   1.00 28.70  ? 80  ASN A CA  1 
ATOM   648  C C   . ASN A 1 80  ? 6.210   -11.692 8.476   1.00 28.19  ? 80  ASN A C   1 
ATOM   649  O O   . ASN A 1 80  ? 5.726   -12.804 8.217   1.00 30.48  ? 80  ASN A O   1 
ATOM   650  C CB  . ASN A 1 80  ? 7.812   -12.053 10.459  1.00 30.84  ? 80  ASN A CB  1 
ATOM   651  C CG  . ASN A 1 80  ? 9.252   -12.115 10.904  1.00 32.52  ? 80  ASN A CG  1 
ATOM   652  O OD1 . ASN A 1 80  ? 10.120  -12.437 10.096  1.00 32.24  ? 80  ASN A OD1 1 
ATOM   653  N ND2 . ASN A 1 80  ? 9.533   -11.716 12.181  1.00 34.88  ? 80  ASN A ND2 1 
ATOM   654  N N   . SER A 1 81  ? 5.504   -10.588 8.334   1.00 26.74  ? 81  SER A N   1 
ATOM   655  C CA  . SER A 1 81  ? 4.122   -10.604 7.835   1.00 26.23  ? 81  SER A CA  1 
ATOM   656  C C   . SER A 1 81  ? 3.806   -9.247  7.150   1.00 24.52  ? 81  SER A C   1 
ATOM   657  O O   . SER A 1 81  ? 4.500   -8.251  7.327   1.00 25.68  ? 81  SER A O   1 
ATOM   658  C CB  . SER A 1 81  ? 3.145   -10.808 9.010   1.00 24.13  ? 81  SER A CB  1 
ATOM   659  O OG  . SER A 1 81  ? 3.259   -9.746  9.938   1.00 21.76  ? 81  SER A OG  1 
ATOM   660  N N   . LEU A 1 82  ? 2.714   -9.205  6.398   1.00 24.65  ? 82  LEU A N   1 
ATOM   661  C CA  . LEU A 1 82  ? 2.217   -7.992  5.733   1.00 23.21  ? 82  LEU A CA  1 
ATOM   662  C C   . LEU A 1 82  ? 1.796   -6.930  6.802   1.00 21.57  ? 82  LEU A C   1 
ATOM   663  O O   . LEU A 1 82  ? 1.953   -5.703  6.694   1.00 19.09  ? 82  LEU A O   1 
ATOM   664  C CB  . LEU A 1 82  ? 0.987   -8.382  4.854   1.00 26.18  ? 82  LEU A CB  1 
ATOM   665  C CG  . LEU A 1 82  ? 0.726   -7.746  3.487   1.00 29.42  ? 82  LEU A CG  1 
ATOM   666  C CD1 . LEU A 1 82  ? 2.090   -7.649  2.795   1.00 30.99  ? 82  LEU A CD1 1 
ATOM   667  C CD2 . LEU A 1 82  ? -0.167  -8.619  2.583   1.00 28.11  ? 82  LEU A CD2 1 
ATOM   668  N N   . GLN A 1 83  ? 1.243   -7.441  7.896   1.00 21.59  ? 83  GLN A N   1 
ATOM   669  C CA  . GLN A 1 83  ? 0.736   -6.589  9.006   1.00 23.27  ? 83  GLN A CA  1 
ATOM   670  C C   . GLN A 1 83  ? 1.853   -5.754  9.615   1.00 22.35  ? 83  GLN A C   1 
ATOM   671  O O   . GLN A 1 83  ? 1.806   -4.523  9.758   1.00 23.84  ? 83  GLN A O   1 
ATOM   672  C CB  . GLN A 1 83  ? 0.055   -7.470  10.088  1.00 26.27  ? 83  GLN A CB  1 
ATOM   673  C CG  . GLN A 1 83  ? -1.004  -8.060  9.048   1.00 30.52  ? 83  GLN A CG  1 
ATOM   674  C CD  . GLN A 1 83  ? -0.884  -9.566  8.696   1.00 31.58  ? 83  GLN A CD  1 
ATOM   675  O OE1 . GLN A 1 83  ? -1.862  -10.340 8.888   1.00 35.81  ? 83  GLN A OE1 1 
ATOM   676  N NE2 . GLN A 1 83  ? 0.266   -9.985  8.185   1.00 30.18  ? 83  GLN A NE2 1 
ATOM   677  N N   . GLN A 1 84  ? 2.931   -6.446  9.948   1.00 23.45  ? 84  GLN A N   1 
ATOM   678  C CA  . GLN A 1 84  ? 4.108   -5.763  10.513  1.00 22.57  ? 84  GLN A CA  1 
ATOM   679  C C   . GLN A 1 84  ? 4.671   -4.786  9.515   1.00 20.56  ? 84  GLN A C   1 
ATOM   680  O O   . GLN A 1 84  ? 5.175   -3.722  9.932   1.00 19.80  ? 84  GLN A O   1 
ATOM   681  C CB  . GLN A 1 84  ? 5.218   -6.768  10.909  1.00 24.93  ? 84  GLN A CB  1 
ATOM   682  C CG  . GLN A 1 84  ? 4.975   -7.457  12.344  1.00 28.26  ? 84  GLN A CG  1 
ATOM   683  C CD  . GLN A 1 84  ? 5.669   -8.808  12.463  1.00 29.68  ? 84  GLN A CD  1 
ATOM   684  O OE1 . GLN A 1 84  ? 5.796   -9.513  11.495  1.00 31.55  ? 84  GLN A OE1 1 
ATOM   685  N NE2 . GLN A 1 84  ? 6.111   -9.157  13.647  1.00 31.02  ? 84  GLN A NE2 1 
ATOM   686  N N   . LEU A 1 85  ? 4.644   -5.153  8.228   1.00 19.03  ? 85  LEU A N   1 
ATOM   687  C CA  . LEU A 1 85  ? 5.132   -4.230  7.183   1.00 17.38  ? 85  LEU A CA  1 
ATOM   688  C C   . LEU A 1 85  ? 4.255   -2.972  7.217   1.00 14.54  ? 85  LEU A C   1 
ATOM   689  O O   . LEU A 1 85  ? 4.725   -1.797  7.248   1.00 13.69  ? 85  LEU A O   1 
ATOM   690  C CB  . LEU A 1 85  ? 5.143   -4.922  5.798   1.00 16.04  ? 85  LEU A CB  1 
ATOM   691  C CG  . LEU A 1 85  ? 5.595   -4.039  4.615   1.00 17.86  ? 85  LEU A CG  1 
ATOM   692  C CD1 . LEU A 1 85  ? 6.191   -4.921  3.588   1.00 16.65  ? 85  LEU A CD1 1 
ATOM   693  C CD2 . LEU A 1 85  ? 4.436   -3.096  4.047   1.00 17.44  ? 85  LEU A CD2 1 
ATOM   694  N N   . VAL A 1 86  ? 2.941   -3.212  7.258   1.00 14.19  ? 86  VAL A N   1 
ATOM   695  C CA  . VAL A 1 86  ? 2.054   -2.065  7.254   1.00 13.86  ? 86  VAL A CA  1 
ATOM   696  C C   . VAL A 1 86  ? 2.278   -1.170  8.470   1.00 15.32  ? 86  VAL A C   1 
ATOM   697  O O   . VAL A 1 86  ? 2.371   0.059   8.398   1.00 16.14  ? 86  VAL A O   1 
ATOM   698  C CB  . VAL A 1 86  ? 0.581   -2.518  7.156   1.00 16.57  ? 86  VAL A CB  1 
ATOM   699  C CG1 . VAL A 1 86  ? -0.334  -1.443  7.733   1.00 14.33  ? 86  VAL A CG1 1 
ATOM   700  C CG2 . VAL A 1 86  ? 0.187   -2.704  5.660   1.00 16.78  ? 86  VAL A CG2 1 
ATOM   701  N N   . ALA A 1 87  ? 2.435   -1.833  9.623   1.00 16.23  ? 87  ALA A N   1 
ATOM   702  C CA  . ALA A 1 87  ? 2.622   -1.122  10.878  1.00 14.23  ? 87  ALA A CA  1 
ATOM   703  C C   . ALA A 1 87  ? 3.880   -0.264  10.860  1.00 13.41  ? 87  ALA A C   1 
ATOM   704  O O   . ALA A 1 87  ? 3.830   0.900   11.262  1.00 14.94  ? 87  ALA A O   1 
ATOM   705  C CB  . ALA A 1 87  ? 2.619   -2.154  12.012  1.00 12.95  ? 87  ALA A CB  1 
ATOM   706  N N   . TYR A 1 88  ? 4.969   -0.771  10.285  1.00 13.70  ? 88  TYR A N   1 
ATOM   707  C CA  . TYR A 1 88  ? 6.252   -0.070  10.220  1.00 13.39  ? 88  TYR A CA  1 
ATOM   708  C C   . TYR A 1 88  ? 6.186   1.229   9.428   1.00 14.04  ? 88  TYR A C   1 
ATOM   709  O O   . TYR A 1 88  ? 6.604   2.355   9.805   1.00 13.00  ? 88  TYR A O   1 
ATOM   710  C CB  . TYR A 1 88  ? 7.319   -1.054  9.652   1.00 15.42  ? 88  TYR A CB  1 
ATOM   711  C CG  . TYR A 1 88  ? 8.666   -0.390  9.437   1.00 15.75  ? 88  TYR A CG  1 
ATOM   712  C CD1 . TYR A 1 88  ? 9.680   -0.429  10.435  1.00 18.90  ? 88  TYR A CD1 1 
ATOM   713  C CD2 . TYR A 1 88  ? 8.918   0.322   8.270   1.00 17.30  ? 88  TYR A CD2 1 
ATOM   714  C CE1 . TYR A 1 88  ? 10.966  0.264   10.225  1.00 19.70  ? 88  TYR A CE1 1 
ATOM   715  C CE2 . TYR A 1 88  ? 10.116  1.016   8.047   1.00 17.85  ? 88  TYR A CE2 1 
ATOM   716  C CZ  . TYR A 1 88  ? 11.149  0.986   9.018   1.00 21.22  ? 88  TYR A CZ  1 
ATOM   717  O OH  . TYR A 1 88  ? 12.306  1.655   8.713   1.00 18.03  ? 88  TYR A OH  1 
ATOM   718  N N   . TYR A 1 89  ? 5.538   1.060   8.270   1.00 15.59  ? 89  TYR A N   1 
ATOM   719  C CA  . TYR A 1 89  ? 5.322   2.141   7.288   1.00 15.56  ? 89  TYR A CA  1 
ATOM   720  C C   . TYR A 1 89  ? 4.257   3.136   7.788   1.00 16.98  ? 89  TYR A C   1 
ATOM   721  O O   . TYR A 1 89  ? 4.072   4.183   7.165   1.00 15.11  ? 89  TYR A O   1 
ATOM   722  C CB  . TYR A 1 89  ? 5.140   1.498   5.895   1.00 13.74  ? 89  TYR A CB  1 
ATOM   723  C CG  . TYR A 1 89  ? 6.422   1.018   5.280   1.00 9.78   ? 89  TYR A CG  1 
ATOM   724  C CD1 . TYR A 1 89  ? 6.597   -0.314  4.962   1.00 11.38  ? 89  TYR A CD1 1 
ATOM   725  C CD2 . TYR A 1 89  ? 7.498   1.924   5.103   1.00 13.43  ? 89  TYR A CD2 1 
ATOM   726  C CE1 . TYR A 1 89  ? 7.843   -0.789  4.473   1.00 12.53  ? 89  TYR A CE1 1 
ATOM   727  C CE2 . TYR A 1 89  ? 8.728   1.487   4.643   1.00 13.13  ? 89  TYR A CE2 1 
ATOM   728  C CZ  . TYR A 1 89  ? 8.890   0.144   4.333   1.00 13.75  ? 89  TYR A CZ  1 
ATOM   729  O OH  . TYR A 1 89  ? 10.134  -0.339  3.955   1.00 16.12  ? 89  TYR A OH  1 
ATOM   730  N N   . SER A 1 90  ? 3.476   2.773   8.834   1.00 18.17  ? 90  SER A N   1 
ATOM   731  C CA  . SER A 1 90  ? 2.521   3.789   9.362   1.00 18.37  ? 90  SER A CA  1 
ATOM   732  C C   . SER A 1 90  ? 3.313   4.750   10.255  1.00 19.08  ? 90  SER A C   1 
ATOM   733  O O   . SER A 1 90  ? 2.823   5.813   10.593  1.00 21.03  ? 90  SER A O   1 
ATOM   734  C CB  . SER A 1 90  ? 1.362   3.164   10.145  1.00 18.42  ? 90  SER A CB  1 
ATOM   735  O OG  . SER A 1 90  ? 0.732   2.083   9.436   1.00 16.82  ? 90  SER A OG  1 
ATOM   736  N N   . LYS A 1 91  ? 4.538   4.384   10.653  1.00 20.36  ? 91  LYS A N   1 
ATOM   737  C CA  . LYS A 1 91  ? 5.359   5.304   11.466  1.00 21.96  ? 91  LYS A CA  1 
ATOM   738  C C   . LYS A 1 91  ? 6.575   5.824   10.726  1.00 22.65  ? 91  LYS A C   1 
ATOM   739  O O   . LYS A 1 91  ? 7.233   6.758   11.227  1.00 24.32  ? 91  LYS A O   1 
ATOM   740  C CB  . LYS A 1 91  ? 6.059   4.642   12.629  1.00 21.84  ? 91  LYS A CB  1 
ATOM   741  C CG  . LYS A 1 91  ? 5.160   3.925   13.466  1.00 23.79  ? 91  LYS A CG  1 
ATOM   742  C CD  . LYS A 1 91  ? 4.328   4.905   14.394  1.00 26.76  ? 91  LYS A CD  1 
ATOM   743  C CE  . LYS A 1 91  ? 3.458   3.992   15.372  1.00 29.44  ? 91  LYS A CE  1 
ATOM   744  N NZ  . LYS A 1 91  ? 3.505   4.621   16.735  1.00 32.68  ? 91  LYS A NZ  1 
ATOM   745  N N   . HIS A 1 92  ? 6.951   5.201   9.612   1.00 23.12  ? 92  HIS A N   1 
ATOM   746  C CA  . HIS A 1 92  ? 8.125   5.730   8.917   1.00 21.89  ? 92  HIS A CA  1 
ATOM   747  C C   . HIS A 1 92  ? 7.836   6.062   7.453   1.00 20.05  ? 92  HIS A C   1 
ATOM   748  O O   . HIS A 1 92  ? 7.340   5.181   6.809   1.00 18.47  ? 92  HIS A O   1 
ATOM   749  C CB  . HIS A 1 92  ? 9.295   4.713   8.907   1.00 22.03  ? 92  HIS A CB  1 
ATOM   750  C CG  . HIS A 1 92  ? 9.664   4.165   10.272  1.00 23.38  ? 92  HIS A CG  1 
ATOM   751  N ND1 . HIS A 1 92  ? 10.739  4.642   11.010  1.00 24.01  ? 92  HIS A ND1 1 
ATOM   752  C CD2 . HIS A 1 92  ? 9.119   3.153   11.004  1.00 22.99  ? 92  HIS A CD2 1 
ATOM   753  C CE1 . HIS A 1 92  ? 10.837  3.942   12.129  1.00 23.59  ? 92  HIS A CE1 1 
ATOM   754  N NE2 . HIS A 1 92  ? 9.863   3.032   12.155  1.00 23.17  ? 92  HIS A NE2 1 
ATOM   755  N N   . ALA A 1 93  ? 8.017   7.290   6.980   1.00 20.26  ? 93  ALA A N   1 
ATOM   756  C CA  . ALA A 1 93  ? 7.821   7.492   5.538   1.00 19.85  ? 93  ALA A CA  1 
ATOM   757  C C   . ALA A 1 93  ? 8.906   6.621   4.777   1.00 20.93  ? 93  ALA A C   1 
ATOM   758  O O   . ALA A 1 93  ? 8.565   5.674   4.019   1.00 20.02  ? 93  ALA A O   1 
ATOM   759  C CB  . ALA A 1 93  ? 7.927   8.900   5.189   1.00 15.87  ? 93  ALA A CB  1 
ATOM   760  N N   . ASP A 1 94  ? 10.182  6.784   5.172   1.00 20.61  ? 94  ASP A N   1 
ATOM   761  C CA  . ASP A 1 94  ? 11.322  6.150   4.519   1.00 18.17  ? 94  ASP A CA  1 
ATOM   762  C C   . ASP A 1 94  ? 11.265  6.589   3.021   1.00 16.95  ? 94  ASP A C   1 
ATOM   763  O O   . ASP A 1 94  ? 11.251  7.792   2.697   1.00 16.73  ? 94  ASP A O   1 
ATOM   764  C CB  . ASP A 1 94  ? 11.362  4.660   4.695   1.00 18.30  ? 94  ASP A CB  1 
ATOM   765  C CG  . ASP A 1 94  ? 11.927  4.216   6.127   1.00 18.31  ? 94  ASP A CG  1 
ATOM   766  O OD1 . ASP A 1 94  ? 12.058  5.097   7.021   1.00 17.27  ? 94  ASP A OD1 1 
ATOM   767  O OD2 . ASP A 1 94  ? 12.173  3.012   6.327   1.00 16.57  ? 94  ASP A OD2 1 
ATOM   768  N N   . GLY A 1 95  ? 11.131  5.625   2.129   1.00 16.25  ? 95  GLY A N   1 
ATOM   769  C CA  . GLY A 1 95  ? 11.111  5.934   0.695   1.00 17.37  ? 95  GLY A CA  1 
ATOM   770  C C   . GLY A 1 95  ? 9.714   6.099   0.148   1.00 16.60  ? 95  GLY A C   1 
ATOM   771  O O   . GLY A 1 95  ? 9.584   6.258   -1.028  1.00 16.87  ? 95  GLY A O   1 
ATOM   772  N N   . LEU A 1 96  ? 8.691   5.934   0.977   1.00 17.20  ? 96  LEU A N   1 
ATOM   773  C CA  . LEU A 1 96  ? 7.269   6.153   0.590   1.00 17.21  ? 96  LEU A CA  1 
ATOM   774  C C   . LEU A 1 96  ? 6.876   7.628   0.459   1.00 16.71  ? 96  LEU A C   1 
ATOM   775  O O   . LEU A 1 96  ? 7.388   8.533   1.154   1.00 18.07  ? 96  LEU A O   1 
ATOM   776  C CB  . LEU A 1 96  ? 6.317   5.571   1.673   1.00 15.11  ? 96  LEU A CB  1 
ATOM   777  C CG  . LEU A 1 96  ? 6.371   4.062   1.873   1.00 16.61  ? 96  LEU A CG  1 
ATOM   778  C CD1 . LEU A 1 96  ? 5.213   3.496   2.766   1.00 14.30  ? 96  LEU A CD1 1 
ATOM   779  C CD2 . LEU A 1 96  ? 6.365   3.270   0.491   1.00 19.27  ? 96  LEU A CD2 1 
ATOM   780  N N   . CYS A 1 97  ? 5.915   7.935   -0.434  1.00 15.75  ? 97  CYS A N   1 
ATOM   781  C CA  . CYS A 1 97  ? 5.460   9.292   -0.589  1.00 14.34  ? 97  CYS A CA  1 
ATOM   782  C C   . CYS A 1 97  ? 4.880   9.965   0.703   1.00 14.45  ? 97  CYS A C   1 
ATOM   783  O O   . CYS A 1 97  ? 4.824   11.219  0.855   1.00 13.35  ? 97  CYS A O   1 
ATOM   784  C CB  . CYS A 1 97  ? 4.395   9.430   -1.676  1.00 17.17  ? 97  CYS A CB  1 
ATOM   785  S SG  . CYS A 1 97  ? 2.882   8.488   -1.363  1.00 18.19  ? 97  CYS A SG  1 
ATOM   786  N N   . HIS A 1 98  ? 4.581   9.147   1.688   1.00 15.29  ? 98  HIS A N   1 
ATOM   787  C CA  . HIS A 1 98  ? 4.056   9.636   2.953   1.00 14.63  ? 98  HIS A CA  1 
ATOM   788  C C   . HIS A 1 98  ? 3.870   8.411   3.792   1.00 15.37  ? 98  HIS A C   1 
ATOM   789  O O   . HIS A 1 98  ? 3.854   7.259   3.271   1.00 15.65  ? 98  HIS A O   1 
ATOM   790  C CB  . HIS A 1 98  ? 2.616   10.158  2.822   1.00 14.33  ? 98  HIS A CB  1 
ATOM   791  C CG  . HIS A 1 98  ? 2.181   10.999  3.994   1.00 11.48  ? 98  HIS A CG  1 
ATOM   792  N ND1 . HIS A 1 98  ? 1.586   10.461  5.118   1.00 16.48  ? 98  HIS A ND1 1 
ATOM   793  C CD2 . HIS A 1 98  ? 2.243   12.326  4.211   1.00 13.83  ? 98  HIS A CD2 1 
ATOM   794  C CE1 . HIS A 1 98  ? 1.290   11.427  5.982   1.00 11.01  ? 98  HIS A CE1 1 
ATOM   795  N NE2 . HIS A 1 98  ? 1.674   12.567  5.450   1.00 15.10  ? 98  HIS A NE2 1 
ATOM   796  N N   . ARG A 1 99  ? 3.810   8.595   5.105   1.00 15.79  ? 99  ARG A N   1 
ATOM   797  C CA  . ARG A 1 99  ? 3.560   7.415   5.964   1.00 16.86  ? 99  ARG A CA  1 
ATOM   798  C C   . ARG A 1 99  ? 2.090   6.918   5.841   1.00 14.80  ? 99  ARG A C   1 
ATOM   799  O O   . ARG A 1 99  ? 1.217   7.727   5.578   1.00 19.10  ? 99  ARG A O   1 
ATOM   800  C CB  . ARG A 1 99  ? 3.957   7.698   7.446   1.00 16.59  ? 99  ARG A CB  1 
ATOM   801  C CG  . ARG A 1 99  ? 2.957   8.448   8.184   1.00 20.73  ? 99  ARG A CG  1 
ATOM   802  C CD  . ARG A 1 99  ? 3.344   8.741   9.727   1.00 22.82  ? 99  ARG A CD  1 
ATOM   803  N NE  . ARG A 1 99  ? 2.186   9.439   10.313  1.00 25.83  ? 99  ARG A NE  1 
ATOM   804  C CZ  . ARG A 1 99  ? 1.103   8.888   10.909  1.00 28.22  ? 99  ARG A CZ  1 
ATOM   805  N NH1 . ARG A 1 99  ? 0.953   7.562   11.112  1.00 30.43  ? 99  ARG A NH1 1 
ATOM   806  N NH2 . ARG A 1 99  ? 0.032   9.669   11.082  1.00 29.48  ? 99  ARG A NH2 1 
ATOM   807  N N   . LEU A 1 100 ? 1.871   5.617   6.043   1.00 18.67  ? 100 LEU A N   1 
ATOM   808  C CA  . LEU A 1 100 ? 0.555   4.980   6.047   1.00 18.40  ? 100 LEU A CA  1 
ATOM   809  C C   . LEU A 1 100 ? -0.286  5.640   7.155   1.00 19.00  ? 100 LEU A C   1 
ATOM   810  O O   . LEU A 1 100 ? 0.141   5.679   8.331   1.00 19.69  ? 100 LEU A O   1 
ATOM   811  C CB  . LEU A 1 100 ? 0.714   3.463   6.104   1.00 17.04  ? 100 LEU A CB  1 
ATOM   812  C CG  . LEU A 1 100 ? 1.455   2.887   4.870   1.00 14.09  ? 100 LEU A CG  1 
ATOM   813  C CD1 . LEU A 1 100 ? 1.290   1.407   4.952   1.00 12.86  ? 100 LEU A CD1 1 
ATOM   814  C CD2 . LEU A 1 100 ? 0.968   3.578   3.530   1.00 14.59  ? 100 LEU A CD2 1 
ATOM   815  N N   . THR A 1 101 ? -1.415  6.259   6.776   1.00 18.35  ? 101 THR A N   1 
ATOM   816  C CA  . THR A 1 101 ? -2.255  6.922   7.785   1.00 17.72  ? 101 THR A CA  1 
ATOM   817  C C   . THR A 1 101 ? -3.579  6.241   8.131   1.00 20.17  ? 101 THR A C   1 
ATOM   818  O O   . THR A 1 101 ? -3.727  5.593   9.154   1.00 21.33  ? 101 THR A O   1 
ATOM   819  C CB  . THR A 1 101 ? -2.496  8.393   7.492   1.00 19.60  ? 101 THR A CB  1 
ATOM   820  O OG1 . THR A 1 101 ? -3.175  8.542   6.230   1.00 21.25  ? 101 THR A OG1 1 
ATOM   821  C CG2 . THR A 1 101 ? -1.185  9.172   7.536   1.00 12.48  ? 101 THR A CG2 1 
ATOM   822  N N   . THR A 1 102 ? -4.450  6.182   7.143   1.00 21.64  ? 102 THR A N   1 
ATOM   823  C CA  . THR A 1 102 ? -5.777  5.637   7.320   1.00 21.88  ? 102 THR A CA  1 
ATOM   824  C C   . THR A 1 102 ? -6.177  4.673   6.172   1.00 20.28  ? 102 THR A C   1 
ATOM   825  O O   . THR A 1 102 ? -5.732  4.907   5.039   1.00 19.39  ? 102 THR A O   1 
ATOM   826  C CB  . THR A 1 102 ? -6.710  6.954   7.402   1.00 23.52  ? 102 THR A CB  1 
ATOM   827  O OG1 . THR A 1 102 ? -8.056  6.602   7.225   1.00 28.88  ? 102 THR A OG1 1 
ATOM   828  C CG2 . THR A 1 102 ? -6.391  8.040   6.332   1.00 25.11  ? 102 THR A CG2 1 
ATOM   829  N N   . VAL A 1 103 ? -7.019  3.681   6.462   1.00 18.98  ? 103 VAL A N   1 
ATOM   830  C CA  . VAL A 1 103 ? -7.526  2.730   5.493   1.00 19.45  ? 103 VAL A CA  1 
ATOM   831  C C   . VAL A 1 103 ? -8.513  3.426   4.479   1.00 19.55  ? 103 VAL A C   1 
ATOM   832  O O   . VAL A 1 103 ? -9.401  4.214   4.859   1.00 16.03  ? 103 VAL A O   1 
ATOM   833  C CB  . VAL A 1 103 ? -8.202  1.523   6.195   1.00 22.24  ? 103 VAL A CB  1 
ATOM   834  C CG1 . VAL A 1 103 ? -8.578  0.455   5.154   1.00 20.32  ? 103 VAL A CG1 1 
ATOM   835  C CG2 . VAL A 1 103 ? -7.236  0.991   7.359   1.00 24.82  ? 103 VAL A CG2 1 
ATOM   836  N N   . CYS A 1 104 ? -8.323  3.111   3.200   1.00 18.35  ? 104 CYS A N   1 
ATOM   837  C CA  . CYS A 1 104 ? -9.136  3.719   2.129   1.00 20.17  ? 104 CYS A CA  1 
ATOM   838  C C   . CYS A 1 104 ? -10.626 3.373   2.252   1.00 22.05  ? 104 CYS A C   1 
ATOM   839  O O   . CYS A 1 104 ? -10.914 2.220   2.465   1.00 20.38  ? 104 CYS A O   1 
ATOM   840  C CB  . CYS A 1 104 ? -8.935  3.045   0.741   1.00 17.91  ? 104 CYS A CB  1 
ATOM   841  S SG  . CYS A 1 104 ? -9.290  4.144   -0.543  1.00 19.64  ? 104 CYS A SG  1 
ATOM   842  N N   . PRO A 1 105 ? -11.541 4.369   2.172   1.00 25.55  ? 105 PRO A N   1 
ATOM   843  C CA  . PRO A 1 105 ? -12.953 4.025   2.277   1.00 28.46  ? 105 PRO A CA  1 
ATOM   844  C C   . PRO A 1 105 ? -13.287 3.268   1.006   1.00 32.54  ? 105 PRO A C   1 
ATOM   845  O O   . PRO A 1 105 ? -12.625 3.421   -0.017  1.00 32.74  ? 105 PRO A O   1 
ATOM   846  C CB  . PRO A 1 105 ? -13.656 5.383   2.066   1.00 28.47  ? 105 PRO A CB  1 
ATOM   847  C CG  . PRO A 1 105 ? -12.675 6.373   2.459   1.00 26.73  ? 105 PRO A CG  1 
ATOM   848  C CD  . PRO A 1 105 ? -11.395 5.795   1.852   1.00 24.48  ? 105 PRO A CD  1 
ATOM   849  N N   . THR A 1 106 ? -14.332 2.477   1.076   1.00 37.34  ? 106 THR A N   1 
ATOM   850  C CA  . THR A 1 106 ? -14.838 1.738   -0.079  1.00 42.64  ? 106 THR A CA  1 
ATOM   851  C C   . THR A 1 106 ? -15.995 2.497   -0.805  1.00 43.10  ? 106 THR A C   1 
ATOM   852  O O   . THR A 1 106 ? -16.365 2.080   -1.933  1.00 46.37  ? 106 THR A O   1 
ATOM   853  C CB  . THR A 1 106 ? -15.270 0.326   0.383   1.00 44.15  ? 106 THR A CB  1 
ATOM   854  O OG1 . THR A 1 106 ? -14.084 -0.470  0.643   1.00 46.00  ? 106 THR A OG1 1 
ATOM   855  C CG2 . THR A 1 106 ? -16.179 -0.339  -0.626  1.00 45.96  ? 106 THR A CG2 1 
HETATM 856  C C1  . 903 B 2 .   ? 4.510   -0.786  -9.583  1.00 37.43  ? 300 903 A C1  1 
HETATM 857  C C2  . 903 B 2 .   ? 3.708   -1.402  -8.591  1.00 34.98  ? 300 903 A C2  1 
HETATM 858  C C3  . 903 B 2 .   ? 2.610   -2.229  -9.046  1.00 34.85  ? 300 903 A C3  1 
HETATM 859  C C4  . 903 B 2 .   ? 2.433   -2.542  -10.459 1.00 32.65  ? 300 903 A C4  1 
HETATM 860  C C5  . 903 B 2 .   ? 3.329   -1.926  -11.493 1.00 36.60  ? 300 903 A C5  1 
HETATM 861  C C6  . 903 B 2 .   ? 4.322   -1.047  -11.024 1.00 37.24  ? 300 903 A C6  1 
HETATM 862  C C7  . 903 B 2 .   ? 5.572   0.235   -9.286  1.00 37.09  ? 300 903 A C7  1 
HETATM 863  C C8  . 903 B 2 .   ? 5.015   1.574   -9.725  1.00 38.60  ? 300 903 A C8  1 
HETATM 864  C C9  . 903 B 2 .   ? 6.041   2.683   -9.478  1.00 39.33  ? 300 903 A C9  1 
HETATM 865  N N10 . 903 B 2 .   ? 5.877   3.204   -8.170  1.00 37.71  ? 300 903 A N10 1 
HETATM 866  O O11 . 903 B 2 .   ? 6.914   3.026   -10.340 1.00 38.63  ? 300 903 A O11 1 
HETATM 867  N N12 . 903 B 2 .   ? 4.775   1.598   -11.217 1.00 41.52  ? 300 903 A N12 1 
HETATM 868  C C13 . 903 B 2 .   ? 3.636   2.146   -11.636 1.00 43.07  ? 300 903 A C13 1 
HETATM 869  O O14 . 903 B 2 .   ? 2.657   2.352   -10.894 1.00 44.26  ? 300 903 A O14 1 
HETATM 870  C C15 . 903 B 2 .   ? 3.621   2.426   -13.213 1.00 42.27  ? 300 903 A C15 1 
HETATM 871  C C16 . 903 B 2 .   ? 7.106   3.931   -7.734  1.00 35.77  ? 300 903 A C16 1 
HETATM 872  C C17 . 903 B 2 .   ? 8.384   2.992   -7.478  1.00 35.83  ? 300 903 A C17 1 
HETATM 873  N N18 . 903 B 2 .   ? 9.630   3.848   -7.225  1.00 33.02  ? 300 903 A N18 1 
HETATM 874  O O19 . 903 B 2 .   ? 8.388   1.715   -7.511  1.00 35.10  ? 300 903 A O19 1 
HETATM 875  C C20 . 903 B 2 .   ? 9.631   5.310   -6.923  1.00 31.32  ? 300 903 A C20 1 
HETATM 876  C C21 . 903 B 2 .   ? 8.725   5.801   -5.839  1.00 29.87  ? 300 903 A C21 1 
HETATM 877  C C22 . 903 B 2 .   ? 10.960  3.226   -7.081  1.00 31.95  ? 300 903 A C22 1 
HETATM 878  C C23 . 903 B 2 .   ? 11.077  2.995   -5.646  1.00 31.14  ? 300 903 A C23 1 
HETATM 879  C C24 . 903 B 2 .   ? 7.299   6.098   -6.328  1.00 30.92  ? 300 903 A C24 1 
HETATM 880  C C25 . 903 B 2 .   ? 6.489   4.874   -6.679  1.00 32.21  ? 300 903 A C25 1 
HETATM 881  C C26 . 903 B 2 .   ? 12.003  3.747   -4.940  1.00 30.38  ? 300 903 A C26 1 
HETATM 882  C C27 . 903 B 2 .   ? 11.927  3.687   -3.512  1.00 30.67  ? 300 903 A C27 1 
HETATM 883  C C28 . 903 B 2 .   ? 10.991  2.936   -2.822  1.00 29.97  ? 300 903 A C28 1 
HETATM 884  C C29 . 903 B 2 .   ? 10.043  2.152   -3.540  1.00 31.39  ? 300 903 A C29 1 
HETATM 885  C C30 . 903 B 2 .   ? 10.091  2.147   -4.973  1.00 32.66  ? 300 903 A C30 1 
HETATM 886  C C31 . 903 B 2 .   ? 11.099  2.689   -1.364  1.00 30.84  ? 300 903 A C31 1 
HETATM 887  C C32 . 903 B 2 .   ? 9.863   2.557   -0.559  1.00 29.71  ? 300 903 A C32 1 
HETATM 888  C C33 . 903 B 2 .   ? 9.963   2.475   0.863   1.00 29.57  ? 300 903 A C33 1 
HETATM 889  C C34 . 903 B 2 .   ? 11.248  2.499   1.462   1.00 30.53  ? 300 903 A C34 1 
HETATM 890  C C35 . 903 B 2 .   ? 12.430  2.442   0.644   1.00 32.14  ? 300 903 A C35 1 
HETATM 891  C C36 . 903 B 2 .   ? 12.415  2.553   -0.796  1.00 31.23  ? 300 903 A C36 1 
HETATM 892  C C37 . 903 B 2 .   ? 3.377   -2.168  -13.064 1.00 37.48  ? 300 903 A C37 1 
HETATM 893  O O38 . 903 B 2 .   ? 3.033   -0.992  -13.697 1.00 40.97  ? 300 903 A O38 1 
HETATM 894  O O39 . 903 B 2 .   ? 3.482   -3.256  -13.532 1.00 34.78  ? 300 903 A O39 1 
HETATM 895  C C40 . 903 B 2 .   ? 1.421   -3.698  -10.809 1.00 30.02  ? 300 903 A C40 1 
HETATM 896  C C41 . 903 B 2 .   ? 0.920   -3.896  -12.206 1.00 30.01  ? 300 903 A C41 1 
HETATM 897  O O42 . 903 B 2 .   ? 0.656   -2.570  -12.799 1.00 30.28  ? 300 903 A O42 1 
HETATM 898  O O43 . 903 B 2 .   ? 0.676   -5.047  -12.625 1.00 30.95  ? 300 903 A O43 1 
HETATM 899  C C75 . 903 B 2 .   ? -0.066  -3.094  -10.440 1.00 25.55  ? 300 903 A C75 1 
HETATM 900  O O76 . 903 B 2 .   ? -0.762  -3.906  -10.034 1.00 26.12  ? 300 903 A O76 1 
HETATM 901  O O77 . 903 B 2 .   ? -0.631  -1.955  -10.636 1.00 21.80  ? 300 903 A O77 1 
HETATM 902  F F80 . 903 B 2 .   ? 1.788   -5.240  -10.762 1.00 27.17  ? 300 903 A F80 1 
HETATM 903  C C81 . 903 B 2 .   ? 2.753   -0.154  -14.963 1.00 42.90  ? 300 903 A C81 1 
HETATM 904  O O   . HOH C 3 .   ? -2.282  12.539  6.635   1.00 10.74  ? 301 HOH A O   1 
HETATM 905  O O   . HOH C 3 .   ? 6.085   12.752  -0.915  1.00 27.75  ? 302 HOH A O   1 
HETATM 906  O O   . HOH C 3 .   ? 12.198  1.302   4.421   1.00 18.20  ? 303 HOH A O   1 
HETATM 907  O O   . HOH C 3 .   ? -11.395 -3.978  -9.376  1.00 27.47  ? 304 HOH A O   1 
HETATM 908  O O   . HOH C 3 .   ? -3.797  12.276  -0.271  1.00 21.96  ? 305 HOH A O   1 
HETATM 909  O O   . HOH C 3 .   ? -5.275  14.776  0.129   1.00 24.77  ? 306 HOH A O   1 
HETATM 910  O O   . HOH C 3 .   ? -5.534  -3.697  11.060  1.00 31.00  ? 307 HOH A O   1 
HETATM 911  O O   . HOH C 3 .   ? -2.759  -2.157  -15.068 1.00 29.67  ? 308 HOH A O   1 
HETATM 912  O O   . HOH C 3 .   ? 9.478   -4.027  -4.181  1.00 22.23  ? 309 HOH A O   1 
HETATM 913  O O   . HOH C 3 .   ? -2.350  -5.283  -16.034 1.00 18.66  ? 310 HOH A O   1 
HETATM 914  O O   . HOH C 3 .   ? 16.158  -1.082  7.638   1.00 42.85  ? 311 HOH A O   1 
HETATM 915  O O   . HOH C 3 .   ? 14.280  -0.384  9.415   1.00 25.72  ? 312 HOH A O   1 
HETATM 916  O O   . HOH C 3 .   ? 2.242   1.355   13.643  1.00 24.76  ? 313 HOH A O   1 
HETATM 917  O O   . HOH C 3 .   ? 15.034  0.930   3.988   1.00 27.36  ? 314 HOH A O   1 
HETATM 918  O O   . HOH C 3 .   ? 9.276   9.484   -1.988  1.00 29.14  ? 315 HOH A O   1 
HETATM 919  O O   . HOH C 3 .   ? -12.060 9.075   -8.277  1.00 31.87  ? 316 HOH A O   1 
HETATM 920  O O   . HOH C 3 .   ? -2.263  2.637   10.123  1.00 30.50  ? 317 HOH A O   1 
HETATM 921  O O   . HOH C 3 .   ? -2.504  9.509   -9.663  1.00 32.95  ? 318 HOH A O   1 
HETATM 922  O O   . HOH C 3 .   ? -7.328  8.299   -13.496 1.00 47.77  ? 319 HOH A O   1 
HETATM 923  O O   . HOH C 3 .   ? -9.369  6.155   -12.019 1.00 40.75  ? 320 HOH A O   1 
HETATM 924  O O   . HOH C 3 .   ? -4.772  -6.276  -9.012  1.00 35.12  ? 321 HOH A O   1 
HETATM 925  O O   . HOH C 3 .   ? -1.557  5.060   10.704  1.00 48.51  ? 322 HOH A O   1 
HETATM 926  O O   . HOH C 3 .   ? 5.701   -4.201  14.641  1.00 31.73  ? 323 HOH A O   1 
HETATM 927  O O   . HOH C 3 .   ? -6.271  -8.249  -9.446  1.00 36.58  ? 324 HOH A O   1 
HETATM 928  O O   . HOH C 3 .   ? -4.210  -10.072 -9.463  1.00 21.82  ? 325 HOH A O   1 
HETATM 929  O O   . HOH C 3 .   ? 4.588   14.490  -2.214  1.00 27.48  ? 326 HOH A O   1 
HETATM 930  O O   . HOH C 3 .   ? -1.578  4.836   -13.252 1.00 42.04  ? 327 HOH A O   1 
HETATM 931  O O   . HOH C 3 .   ? -8.770  1.126   9.780   1.00 46.29  ? 328 HOH A O   1 
HETATM 932  O O   . HOH C 3 .   ? -0.898  -11.676 -8.706  1.00 43.98  ? 329 HOH A O   1 
HETATM 933  O O   . HOH C 3 .   ? -12.431 0.358   -11.430 1.00 25.74  ? 330 HOH A O   1 
HETATM 934  O O   . HOH C 3 .   ? -13.163 6.205   -1.856  1.00 28.87  ? 331 HOH A O   1 
HETATM 935  O O   . HOH C 3 .   ? -13.665 8.321   -4.989  1.00 34.24  ? 332 HOH A O   1 
HETATM 936  O O   . HOH C 3 .   ? 2.633   12.333  -12.211 1.00 65.43  ? 333 HOH A O   1 
HETATM 937  O O   . HOH C 3 .   ? -2.858  -5.906  11.443  1.00 37.91  ? 334 HOH A O   1 
HETATM 938  O O   . HOH C 3 .   ? 6.975   -11.875 13.954  1.00 32.73  ? 335 HOH A O   1 
HETATM 939  O O   . HOH C 3 .   ? 3.443   11.264  -4.955  1.00 22.58  ? 336 HOH A O   1 
HETATM 940  O O   . HOH C 3 .   ? -12.888 0.810   3.597   1.00 26.18  ? 337 HOH A O   1 
HETATM 941  O O   . HOH C 3 .   ? 3.214   12.170  9.030   1.00 24.08  ? 338 HOH A O   1 
HETATM 942  O O   . HOH C 3 .   ? 10.188  -5.707  -6.730  1.00 55.53  ? 339 HOH A O   1 
HETATM 943  O O   . HOH C 3 .   ? 0.486   6.249   -10.383 1.00 42.96  ? 340 HOH A O   1 
HETATM 944  O O   . HOH C 3 .   ? -14.797 9.775   1.169   1.00 52.49  ? 341 HOH A O   1 
HETATM 945  O O   . HOH C 3 .   ? -7.898  3.940   9.181   1.00 46.67  ? 342 HOH A O   1 
HETATM 946  O O   . HOH C 3 .   ? -13.540 13.855  -4.732  1.00 33.61  ? 343 HOH A O   1 
HETATM 947  O O   . HOH C 3 .   ? -11.084 0.287   9.469   1.00 22.42  ? 344 HOH A O   1 
HETATM 948  O O   . HOH C 3 .   ? -12.171 -1.120  5.021   1.00 33.50  ? 345 HOH A O   1 
HETATM 949  O O   . HOH C 3 .   ? 19.420  -0.823  -1.962  1.00 44.53  ? 346 HOH A O   1 
HETATM 950  O O   . HOH C 3 .   ? 0.017   12.736  9.047   1.00 46.03  ? 347 HOH A O   1 
HETATM 951  O O   . HOH C 3 .   ? 3.384   -4.677  14.486  1.00 42.33  ? 348 HOH A O   1 
HETATM 952  O O   . HOH C 3 .   ? 23.031  0.741   -0.028  1.00 43.99  ? 349 HOH A O   1 
HETATM 953  O O   . HOH C 3 .   ? 4.487   -13.256 12.265  1.00 32.32  ? 350 HOH A O   1 
HETATM 954  O O   . HOH C 3 .   ? -11.283 -8.233  0.264   1.00 40.07  ? 351 HOH A O   1 
HETATM 955  O O   . HOH C 3 .   ? 4.633   14.190  5.310   1.00 36.35  ? 352 HOH A O   1 
HETATM 956  O O   . HOH C 3 .   ? -14.670 -7.179  -7.508  1.00 67.54  ? 353 HOH A O   1 
HETATM 957  O O   . HOH C 3 .   ? -14.312 11.343  -5.820  1.00 52.13  ? 354 HOH A O   1 
HETATM 958  O O   . HOH C 3 .   ? 18.409  -8.269  4.510   1.00 52.36  ? 355 HOH A O   1 
HETATM 959  O O   . HOH C 3 .   ? 19.323  -4.411  7.230   1.00 42.77  ? 356 HOH A O   1 
HETATM 960  O O   . HOH C 3 .   ? 3.124   -15.452 10.216  1.00 100.00 ? 357 HOH A O   1 
HETATM 961  O O   . HOH C 3 .   ? -12.778 8.162   0.092   1.00 54.04  ? 358 HOH A O   1 
HETATM 962  O O   . HOH C 3 .   ? -13.593 -1.346  7.821   1.00 76.85  ? 359 HOH A O   1 
HETATM 963  O O   . HOH C 3 .   ? -13.565 -2.505  -3.465  1.00 52.56  ? 360 HOH A O   1 
HETATM 964  O O   . HOH C 3 .   ? -5.560  -13.918 -8.409  1.00 35.85  ? 361 HOH A O   1 
HETATM 965  O O   . HOH C 3 .   ? -11.933 -4.886  1.189   1.00 34.64  ? 362 HOH A O   1 
HETATM 966  O O   . HOH C 3 .   ? -12.837 2.586   -12.426 1.00 39.27  ? 363 HOH A O   1 
HETATM 967  O O   . HOH C 3 .   ? 3.121   -5.672  -17.811 1.00 38.97  ? 364 HOH A O   1 
HETATM 968  O O   . HOH C 3 .   ? 4.066   10.477  -10.459 1.00 89.92  ? 365 HOH A O   1 
HETATM 969  O O   . HOH C 3 .   ? 0.833   21.299  -0.449  1.00 37.49  ? 366 HOH A O   1 
HETATM 970  O O   . HOH C 3 .   ? -7.881  -14.624 -6.173  1.00 44.87  ? 367 HOH A O   1 
HETATM 971  O O   . HOH C 3 .   ? -15.668 12.675  -1.520  1.00 43.58  ? 368 HOH A O   1 
HETATM 972  O O   . HOH C 3 .   ? 15.432  -6.297  6.932   1.00 19.86  ? 369 HOH A O   1 
HETATM 973  O O   . HOH C 3 .   ? 0.702   3.636   -15.560 1.00 33.35  ? 370 HOH A O   1 
HETATM 974  O O   . HOH C 3 .   ? 7.308   7.666   -9.110  1.00 55.19  ? 371 HOH A O   1 
HETATM 975  O O   . HOH C 3 .   ? 7.597   7.314   -3.100  1.00 22.21  ? 372 HOH A O   1 
HETATM 976  O O   . HOH C 3 .   ? 13.318  7.444   8.497   1.00 43.03  ? 373 HOH A O   1 
HETATM 977  O O   . HOH C 3 .   ? -7.673  15.761  -0.487  1.00 31.73  ? 374 HOH A O   1 
HETATM 978  O O   . HOH C 3 .   ? -10.710 9.180   3.933   1.00 37.74  ? 375 HOH A O   1 
HETATM 979  O O   . HOH C 3 .   ? -16.441 7.049   -9.012  1.00 29.35  ? 376 HOH A O   1 
HETATM 980  O O   . HOH C 3 .   ? 7.348   -0.425  -5.940  1.00 16.26  ? 377 HOH A O   1 
HETATM 981  O O   . HOH C 3 .   ? -9.878  -10.591 -3.214  1.00 30.45  ? 378 HOH A O   1 
HETATM 982  O O   . HOH C 3 .   ? -6.044  -11.831 -2.826  1.00 24.26  ? 379 HOH A O   1 
HETATM 983  O O   . HOH C 3 .   ? -12.655 -10.980 -9.488  1.00 47.56  ? 380 HOH A O   1 
HETATM 984  O O   . HOH C 3 .   ? -6.618  17.468  -5.051  1.00 36.70  ? 381 HOH A O   1 
HETATM 985  O O   . HOH C 3 .   ? 10.788  -6.794  10.791  1.00 16.41  ? 382 HOH A O   1 
HETATM 986  O O   . HOH C 3 .   ? -14.925 6.333   -3.847  1.00 57.17  ? 383 HOH A O   1 
HETATM 987  O O   . HOH C 3 .   ? -11.411 13.691  5.421   1.00 30.59  ? 384 HOH A O   1 
HETATM 988  O O   . HOH C 3 .   ? 2.430   14.362  -4.429  1.00 37.41  ? 385 HOH A O   1 
HETATM 989  O O   . HOH C 3 .   ? 3.544   21.279  -1.622  1.00 41.01  ? 386 HOH A O   1 
HETATM 990  O O   . HOH C 3 .   ? 3.080   4.803   -8.831  1.00 15.91  ? 387 HOH A O   1 
HETATM 991  O O   . HOH C 3 .   ? 10.571  -2.778  2.721   1.00 12.73  ? 388 HOH A O   1 
HETATM 992  O O   . HOH C 3 .   ? 1.407   -11.990 6.403   1.00 28.11  ? 389 HOH A O   1 
HETATM 993  O O   . HOH C 3 .   ? 6.251   -7.052  15.436  1.00 43.83  ? 390 HOH A O   1 
HETATM 994  O O   . HOH C 3 .   ? 10.115  9.430   0.691   1.00 20.49  ? 391 HOH A O   1 
HETATM 995  O O   . HOH C 3 .   ? -0.357  -13.982 -2.747  1.00 44.83  ? 392 HOH A O   1 
HETATM 996  O O   . HOH C 3 .   ? -12.202 -5.236  -2.399  1.00 35.55  ? 393 HOH A O   1 
HETATM 997  O O   . HOH C 3 .   ? -12.359 -8.554  -4.882  1.00 59.07  ? 394 HOH A O   1 
HETATM 998  O O   . HOH C 3 .   ? -11.758 5.210   -12.408 1.00 36.26  ? 395 HOH A O   1 
HETATM 999  O O   . HOH C 3 .   ? -9.010  13.741  -7.267  1.00 47.06  ? 396 HOH A O   1 
HETATM 1000 O O   . HOH C 3 .   ? -0.684  -11.517 -5.807  1.00 55.36  ? 397 HOH A O   1 
HETATM 1001 O O   . HOH C 3 .   ? -1.587  14.934  -10.529 1.00 34.31  ? 398 HOH A O   1 
HETATM 1002 O O   . HOH C 3 .   ? 9.018   -8.683  11.008  1.00 35.90  ? 399 HOH A O   1 
HETATM 1003 O O   . HOH C 3 .   ? 3.218   16.693  5.638   1.00 29.31  ? 400 HOH A O   1 
HETATM 1004 O O   . HOH C 3 .   ? -16.913 4.212   -4.176  1.00 46.33  ? 401 HOH A O   1 
HETATM 1005 O O   . HOH C 3 .   ? 3.524   14.852  1.279   1.00 23.55  ? 402 HOH A O   1 
HETATM 1006 O O   . HOH C 3 .   ? -1.534  7.608   -11.711 1.00 57.32  ? 403 HOH A O   1 
HETATM 1007 O O   . HOH C 3 .   ? 0.531   -12.891 12.052  1.00 54.52  ? 404 HOH A O   1 
HETATM 1008 O O   . HOH C 3 .   ? -0.558  -12.511 -11.556 1.00 39.27  ? 405 HOH A O   1 
HETATM 1009 O O   . HOH C 3 .   ? 4.188   14.891  8.739   1.00 41.57  ? 406 HOH A O   1 
HETATM 1010 O O   . HOH C 3 .   ? 3.633   -9.038  -17.642 1.00 50.23  ? 407 HOH A O   1 
HETATM 1011 O O   . HOH C 3 .   ? 0.113   10.630  -11.034 1.00 44.52  ? 408 HOH A O   1 
HETATM 1012 O O   . HOH C 3 .   ? -15.012 -10.625 -8.449  1.00 48.94  ? 409 HOH A O   1 
HETATM 1013 O O   . HOH C 3 .   ? -15.026 17.744  -3.895  1.00 63.72  ? 410 HOH A O   1 
HETATM 1014 O O   . HOH C 3 .   ? -12.537 -4.227  3.501   1.00 61.62  ? 411 HOH A O   1 
HETATM 1015 O O   . HOH C 3 .   ? -9.493  -10.274 0.661   1.00 51.25  ? 412 HOH A O   1 
HETATM 1016 O O   . HOH C 3 .   ? -16.965 -0.702  -3.341  1.00 37.74  ? 413 HOH A O   1 
HETATM 1017 O O   . HOH C 3 .   ? -7.547  -18.728 -3.669  1.00 41.27  ? 414 HOH A O   1 
HETATM 1018 O O   . HOH C 3 .   ? -1.824  -13.896 -7.041  1.00 76.30  ? 415 HOH A O   1 
HETATM 1019 O O   . HOH C 3 .   ? -2.584  -13.128 -3.905  1.00 40.13  ? 416 HOH A O   1 
HETATM 1020 O O   . HOH C 3 .   ? -13.333 7.612   -12.391 1.00 38.21  ? 417 HOH A O   1 
HETATM 1021 O O   . HOH C 3 .   ? -17.507 3.276   -11.074 1.00 46.72  ? 418 HOH A O   1 
HETATM 1022 O O   . HOH C 3 .   ? 3.719   16.824  -12.582 1.00 40.53  ? 419 HOH A O   1 
HETATM 1023 O O   . HOH C 3 .   ? 1.830   8.698   -9.430  1.00 71.21  ? 420 HOH A O   1 
HETATM 1024 O O   . HOH C 3 .   ? 5.246   5.983   -9.072  1.00 67.44  ? 421 HOH A O   1 
HETATM 1025 O O   . HOH C 3 .   ? 2.798   -13.971 7.926   1.00 48.45  ? 422 HOH A O   1 
HETATM 1026 O O   . HOH C 3 .   ? 1.724   -9.850  13.276  1.00 53.25  ? 423 HOH A O   1 
HETATM 1027 O O   . HOH C 3 .   ? -6.931  6.865   10.075  1.00 40.00  ? 424 HOH A O   1 
HETATM 1028 O O   . HOH C 3 .   ? -17.359 6.086   0.763   1.00 40.61  ? 425 HOH A O   1 
HETATM 1029 O O   . HOH C 3 .   ? 17.118  -11.188 0.295   1.00 44.14  ? 426 HOH A O   1 
HETATM 1030 O O   . HOH C 3 .   ? 5.236   25.598  -5.369  1.00 48.72  ? 427 HOH A O   1 
HETATM 1031 O O   . HOH C 3 .   ? 5.254   18.109  5.781   1.00 31.77  ? 428 HOH A O   1 
HETATM 1032 O O   . HOH C 3 .   ? 0.761   19.116  1.597   1.00 48.85  ? 429 HOH A O   1 
HETATM 1033 O O   . HOH C 3 .   ? -3.519  -8.948  13.171  1.00 49.14  ? 430 HOH A O   1 
HETATM 1034 O O   . HOH C 3 .   ? -0.037  -13.619 4.991   1.00 79.79  ? 431 HOH A O   1 
HETATM 1035 O O   . HOH C 3 .   ? 1.192   -17.119 12.821  1.00 57.99  ? 432 HOH A O   1 
HETATM 1036 O O   . HOH C 3 .   ? -1.654  -14.824 9.500   1.00 78.01  ? 433 HOH A O   1 
HETATM 1037 O O   . HOH C 3 .   ? 16.676  -14.422 -0.654  1.00 61.05  ? 434 HOH A O   1 
HETATM 1038 O O   . HOH C 3 .   ? -11.756 -11.525 0.127   1.00 55.13  ? 435 HOH A O   1 
HETATM 1039 O O   . HOH C 3 .   ? -3.427  -14.249 -0.639  1.00 57.55  ? 436 HOH A O   1 
HETATM 1040 O O   . HOH C 3 .   ? 12.996  -8.131  -9.164  1.00 38.79  ? 437 HOH A O   1 
HETATM 1041 O O   . HOH C 3 .   ? 2.251   -4.549  -20.598 1.00 60.76  ? 438 HOH A O   1 
HETATM 1042 O O   . HOH C 3 .   ? 1.437   14.892  7.247   1.00 48.57  ? 439 HOH A O   1 
HETATM 1043 O O   . HOH C 3 .   ? 6.819   -11.841 -4.366  1.00 44.24  ? 440 HOH A O   1 
HETATM 1044 O O   . HOH C 3 .   ? -15.472 15.124  -2.244  1.00 78.67  ? 441 HOH A O   1 
HETATM 1045 O O   . HOH C 3 .   ? 15.266  -10.695 -1.987  1.00 77.10  ? 442 HOH A O   1 
# 
loop_
_pdbx_poly_seq_scheme.asym_id 
_pdbx_poly_seq_scheme.entity_id 
_pdbx_poly_seq_scheme.seq_id 
_pdbx_poly_seq_scheme.mon_id 
_pdbx_poly_seq_scheme.ndb_seq_num 
_pdbx_poly_seq_scheme.pdb_seq_num 
_pdbx_poly_seq_scheme.auth_seq_num 
_pdbx_poly_seq_scheme.pdb_mon_id 
_pdbx_poly_seq_scheme.auth_mon_id 
_pdbx_poly_seq_scheme.pdb_strand_id 
_pdbx_poly_seq_scheme.pdb_ins_code 
_pdbx_poly_seq_scheme.hetero 
A 1 1   SER 1   1   1   SER SER A . n 
A 1 2   ILE 2   2   2   ILE ILE A . n 
A 1 3   GLN 3   3   3   GLN GLN A . n 
A 1 4   ALA 4   4   4   ALA ALA A . n 
A 1 5   GLU 5   5   5   GLU GLU A . n 
A 1 6   GLU 6   6   6   GLU GLU A . n 
A 1 7   TRP 7   7   7   TRP TRP A . n 
A 1 8   TYR 8   8   8   TYR TYR A . n 
A 1 9   PHE 9   9   9   PHE PHE A . n 
A 1 10  GLY 10  10  10  GLY GLY A . n 
A 1 11  LYS 11  11  11  LYS LYS A . n 
A 1 12  ILE 12  12  12  ILE ILE A . n 
A 1 13  THR 13  13  13  THR THR A . n 
A 1 14  ARG 14  14  14  ARG ARG A . n 
A 1 15  ARG 15  15  15  ARG ARG A . n 
A 1 16  GLU 16  16  16  GLU GLU A . n 
A 1 17  SER 17  17  17  SER SER A . n 
A 1 18  GLU 18  18  18  GLU GLU A . n 
A 1 19  ARG 19  19  19  ARG ARG A . n 
A 1 20  LEU 20  20  20  LEU LEU A . n 
A 1 21  LEU 21  21  21  LEU LEU A . n 
A 1 22  LEU 22  22  22  LEU LEU A . n 
A 1 23  ASN 23  23  23  ASN ASN A . n 
A 1 24  ALA 24  24  24  ALA ALA A . n 
A 1 25  GLU 25  25  25  GLU GLU A . n 
A 1 26  ASN 26  26  26  ASN ASN A . n 
A 1 27  PRO 27  27  27  PRO PRO A . n 
A 1 28  ARG 28  28  28  ARG ARG A . n 
A 1 29  GLY 29  29  29  GLY GLY A . n 
A 1 30  THR 30  30  30  THR THR A . n 
A 1 31  PHE 31  31  31  PHE PHE A . n 
A 1 32  LEU 32  32  32  LEU LEU A . n 
A 1 33  VAL 33  33  33  VAL VAL A . n 
A 1 34  ARG 34  34  34  ARG ARG A . n 
A 1 35  GLU 35  35  35  GLU GLU A . n 
A 1 36  SER 36  36  36  SER SER A . n 
A 1 37  GLU 37  37  37  GLU GLU A . n 
A 1 38  THR 38  38  38  THR THR A . n 
A 1 39  THR 39  39  39  THR THR A . n 
A 1 40  LYS 40  40  40  LYS LYS A . n 
A 1 41  GLY 41  41  41  GLY GLY A . n 
A 1 42  ALA 42  42  42  ALA ALA A . n 
A 1 43  TYR 43  43  43  TYR TYR A . n 
A 1 44  CYS 44  44  44  CYS CYS A . n 
A 1 45  LEU 45  45  45  LEU LEU A . n 
A 1 46  SER 46  46  46  SER SER A . n 
A 1 47  VAL 47  47  47  VAL VAL A . n 
A 1 48  SER 48  48  48  SER SER A . n 
A 1 49  ASP 49  49  49  ASP ASP A . n 
A 1 50  PHE 50  50  50  PHE PHE A . n 
A 1 51  ASP 51  51  51  ASP ASP A . n 
A 1 52  ASN 52  52  52  ASN ASN A . n 
A 1 53  ALA 53  53  53  ALA ALA A . n 
A 1 54  LYS 54  54  54  LYS LYS A . n 
A 1 55  GLY 55  55  55  GLY GLY A . n 
A 1 56  LEU 56  56  56  LEU LEU A . n 
A 1 57  ASN 57  57  57  ASN ASN A . n 
A 1 58  VAL 58  58  58  VAL VAL A . n 
A 1 59  LYS 59  59  59  LYS LYS A . n 
A 1 60  HIS 60  60  60  HIS HIS A . n 
A 1 61  TYR 61  61  61  TYR TYR A . n 
A 1 62  LYS 62  62  62  LYS LYS A . n 
A 1 63  ILE 63  63  63  ILE ILE A . n 
A 1 64  ARG 64  64  64  ARG ARG A . n 
A 1 65  LYS 65  65  65  LYS LYS A . n 
A 1 66  LEU 66  66  66  LEU LEU A . n 
A 1 67  ASP 67  67  67  ASP ASP A . n 
A 1 68  SER 68  68  68  SER SER A . n 
A 1 69  GLY 69  69  69  GLY GLY A . n 
A 1 70  GLY 70  70  70  GLY GLY A . n 
A 1 71  PHE 71  71  71  PHE PHE A . n 
A 1 72  TYR 72  72  72  TYR TYR A . n 
A 1 73  ILE 73  73  73  ILE ILE A . n 
A 1 74  THR 74  74  74  THR THR A . n 
A 1 75  SER 75  75  75  SER SER A . n 
A 1 76  ARG 76  76  76  ARG ARG A . n 
A 1 77  THR 77  77  77  THR THR A . n 
A 1 78  GLN 78  78  78  GLN GLN A . n 
A 1 79  PHE 79  79  79  PHE PHE A . n 
A 1 80  ASN 80  80  80  ASN ASN A . n 
A 1 81  SER 81  81  81  SER SER A . n 
A 1 82  LEU 82  82  82  LEU LEU A . n 
A 1 83  GLN 83  83  83  GLN GLN A . n 
A 1 84  GLN 84  84  84  GLN GLN A . n 
A 1 85  LEU 85  85  85  LEU LEU A . n 
A 1 86  VAL 86  86  86  VAL VAL A . n 
A 1 87  ALA 87  87  87  ALA ALA A . n 
A 1 88  TYR 88  88  88  TYR TYR A . n 
A 1 89  TYR 89  89  89  TYR TYR A . n 
A 1 90  SER 90  90  90  SER SER A . n 
A 1 91  LYS 91  91  91  LYS LYS A . n 
A 1 92  HIS 92  92  92  HIS HIS A . n 
A 1 93  ALA 93  93  93  ALA ALA A . n 
A 1 94  ASP 94  94  94  ASP ASP A . n 
A 1 95  GLY 95  95  95  GLY GLY A . n 
A 1 96  LEU 96  96  96  LEU LEU A . n 
A 1 97  CYS 97  97  97  CYS CYS A . n 
A 1 98  HIS 98  98  98  HIS HIS A . n 
A 1 99  ARG 99  99  99  ARG ARG A . n 
A 1 100 LEU 100 100 100 LEU LEU A . n 
A 1 101 THR 101 101 101 THR THR A . n 
A 1 102 THR 102 102 102 THR THR A . n 
A 1 103 VAL 103 103 103 VAL VAL A . n 
A 1 104 CYS 104 104 104 CYS CYS A . n 
A 1 105 PRO 105 105 105 PRO PRO A . n 
A 1 106 THR 106 106 106 THR THR A . n 
A 1 107 SER 107 107 ?   ?   ?   A . n 
A 1 108 LYS 108 108 ?   ?   ?   A . n 
# 
loop_
_pdbx_nonpoly_scheme.asym_id 
_pdbx_nonpoly_scheme.entity_id 
_pdbx_nonpoly_scheme.mon_id 
_pdbx_nonpoly_scheme.ndb_seq_num 
_pdbx_nonpoly_scheme.pdb_seq_num 
_pdbx_nonpoly_scheme.auth_seq_num 
_pdbx_nonpoly_scheme.pdb_mon_id 
_pdbx_nonpoly_scheme.auth_mon_id 
_pdbx_nonpoly_scheme.pdb_strand_id 
_pdbx_nonpoly_scheme.pdb_ins_code 
B 2 903 1   300 1   903 INH A . 
C 3 HOH 1   301 1   HOH HOH A . 
C 3 HOH 2   302 2   HOH HOH A . 
C 3 HOH 3   303 3   HOH HOH A . 
C 3 HOH 4   304 4   HOH HOH A . 
C 3 HOH 5   305 5   HOH HOH A . 
C 3 HOH 6   306 6   HOH HOH A . 
C 3 HOH 7   307 7   HOH HOH A . 
C 3 HOH 8   308 8   HOH HOH A . 
C 3 HOH 9   309 9   HOH HOH A . 
C 3 HOH 10  310 10  HOH HOH A . 
C 3 HOH 11  311 11  HOH HOH A . 
C 3 HOH 12  312 12  HOH HOH A . 
C 3 HOH 13  313 13  HOH HOH A . 
C 3 HOH 14  314 14  HOH HOH A . 
C 3 HOH 15  315 15  HOH HOH A . 
C 3 HOH 16  316 16  HOH HOH A . 
C 3 HOH 17  317 17  HOH HOH A . 
C 3 HOH 18  318 18  HOH HOH A . 
C 3 HOH 19  319 19  HOH HOH A . 
C 3 HOH 20  320 20  HOH HOH A . 
C 3 HOH 21  321 21  HOH HOH A . 
C 3 HOH 22  322 22  HOH HOH A . 
C 3 HOH 23  323 23  HOH HOH A . 
C 3 HOH 24  324 24  HOH HOH A . 
C 3 HOH 25  325 25  HOH HOH A . 
C 3 HOH 26  326 26  HOH HOH A . 
C 3 HOH 27  327 27  HOH HOH A . 
C 3 HOH 28  328 28  HOH HOH A . 
C 3 HOH 29  329 29  HOH HOH A . 
C 3 HOH 30  330 30  HOH HOH A . 
C 3 HOH 31  331 31  HOH HOH A . 
C 3 HOH 32  332 32  HOH HOH A . 
C 3 HOH 33  333 33  HOH HOH A . 
C 3 HOH 34  334 34  HOH HOH A . 
C 3 HOH 35  335 36  HOH HOH A . 
C 3 HOH 36  336 37  HOH HOH A . 
C 3 HOH 37  337 38  HOH HOH A . 
C 3 HOH 38  338 39  HOH HOH A . 
C 3 HOH 39  339 40  HOH HOH A . 
C 3 HOH 40  340 41  HOH HOH A . 
C 3 HOH 41  341 42  HOH HOH A . 
C 3 HOH 42  342 45  HOH HOH A . 
C 3 HOH 43  343 46  HOH HOH A . 
C 3 HOH 44  344 48  HOH HOH A . 
C 3 HOH 45  345 49  HOH HOH A . 
C 3 HOH 46  346 50  HOH HOH A . 
C 3 HOH 47  347 51  HOH HOH A . 
C 3 HOH 48  348 52  HOH HOH A . 
C 3 HOH 49  349 55  HOH HOH A . 
C 3 HOH 50  350 57  HOH HOH A . 
C 3 HOH 51  351 59  HOH HOH A . 
C 3 HOH 52  352 60  HOH HOH A . 
C 3 HOH 53  353 62  HOH HOH A . 
C 3 HOH 54  354 64  HOH HOH A . 
C 3 HOH 55  355 66  HOH HOH A . 
C 3 HOH 56  356 68  HOH HOH A . 
C 3 HOH 57  357 69  HOH HOH A . 
C 3 HOH 58  358 70  HOH HOH A . 
C 3 HOH 59  359 71  HOH HOH A . 
C 3 HOH 60  360 72  HOH HOH A . 
C 3 HOH 61  361 74  HOH HOH A . 
C 3 HOH 62  362 77  HOH HOH A . 
C 3 HOH 63  363 78  HOH HOH A . 
C 3 HOH 64  364 79  HOH HOH A . 
C 3 HOH 65  365 80  HOH HOH A . 
C 3 HOH 66  366 81  HOH HOH A . 
C 3 HOH 67  367 82  HOH HOH A . 
C 3 HOH 68  368 85  HOH HOH A . 
C 3 HOH 69  369 89  HOH HOH A . 
C 3 HOH 70  370 90  HOH HOH A . 
C 3 HOH 71  371 91  HOH HOH A . 
C 3 HOH 72  372 92  HOH HOH A . 
C 3 HOH 73  373 93  HOH HOH A . 
C 3 HOH 74  374 94  HOH HOH A . 
C 3 HOH 75  375 96  HOH HOH A . 
C 3 HOH 76  376 98  HOH HOH A . 
C 3 HOH 77  377 99  HOH HOH A . 
C 3 HOH 78  378 101 HOH HOH A . 
C 3 HOH 79  379 102 HOH HOH A . 
C 3 HOH 80  380 103 HOH HOH A . 
C 3 HOH 81  381 104 HOH HOH A . 
C 3 HOH 82  382 105 HOH HOH A . 
C 3 HOH 83  383 106 HOH HOH A . 
C 3 HOH 84  384 107 HOH HOH A . 
C 3 HOH 85  385 108 HOH HOH A . 
C 3 HOH 86  386 109 HOH HOH A . 
C 3 HOH 87  387 110 HOH HOH A . 
C 3 HOH 88  388 111 HOH HOH A . 
C 3 HOH 89  389 112 HOH HOH A . 
C 3 HOH 90  390 113 HOH HOH A . 
C 3 HOH 91  391 114 HOH HOH A . 
C 3 HOH 92  392 115 HOH HOH A . 
C 3 HOH 93  393 116 HOH HOH A . 
C 3 HOH 94  394 117 HOH HOH A . 
C 3 HOH 95  395 118 HOH HOH A . 
C 3 HOH 96  396 119 HOH HOH A . 
C 3 HOH 97  397 122 HOH HOH A . 
C 3 HOH 98  398 124 HOH HOH A . 
C 3 HOH 99  399 128 HOH HOH A . 
C 3 HOH 100 400 132 HOH HOH A . 
C 3 HOH 101 401 133 HOH HOH A . 
C 3 HOH 102 402 134 HOH HOH A . 
C 3 HOH 103 403 136 HOH HOH A . 
C 3 HOH 104 404 137 HOH HOH A . 
C 3 HOH 105 405 141 HOH HOH A . 
C 3 HOH 106 406 149 HOH HOH A . 
C 3 HOH 107 407 150 HOH HOH A . 
C 3 HOH 108 408 152 HOH HOH A . 
C 3 HOH 109 409 154 HOH HOH A . 
C 3 HOH 110 410 156 HOH HOH A . 
C 3 HOH 111 411 160 HOH HOH A . 
C 3 HOH 112 412 161 HOH HOH A . 
C 3 HOH 113 413 164 HOH HOH A . 
C 3 HOH 114 414 166 HOH HOH A . 
C 3 HOH 115 415 167 HOH HOH A . 
C 3 HOH 116 416 168 HOH HOH A . 
C 3 HOH 117 417 170 HOH HOH A . 
C 3 HOH 118 418 173 HOH HOH A . 
C 3 HOH 119 419 177 HOH HOH A . 
C 3 HOH 120 420 178 HOH HOH A . 
C 3 HOH 121 421 179 HOH HOH A . 
C 3 HOH 122 422 181 HOH HOH A . 
C 3 HOH 123 423 182 HOH HOH A . 
C 3 HOH 124 424 185 HOH HOH A . 
C 3 HOH 125 425 187 HOH HOH A . 
C 3 HOH 126 426 188 HOH HOH A . 
C 3 HOH 127 427 189 HOH HOH A . 
C 3 HOH 128 428 190 HOH HOH A . 
C 3 HOH 129 429 191 HOH HOH A . 
C 3 HOH 130 430 193 HOH HOH A . 
C 3 HOH 131 431 194 HOH HOH A . 
C 3 HOH 132 432 195 HOH HOH A . 
C 3 HOH 133 433 196 HOH HOH A . 
C 3 HOH 134 434 197 HOH HOH A . 
C 3 HOH 135 435 198 HOH HOH A . 
C 3 HOH 136 436 199 HOH HOH A . 
C 3 HOH 137 437 200 HOH HOH A . 
C 3 HOH 138 438 201 HOH HOH A . 
C 3 HOH 139 439 202 HOH HOH A . 
C 3 HOH 140 440 203 HOH HOH A . 
C 3 HOH 141 441 204 HOH HOH A . 
C 3 HOH 142 442 205 HOH HOH A . 
# 
_pdbx_struct_assembly.id                   1 
_pdbx_struct_assembly.details              author_and_software_defined_assembly 
_pdbx_struct_assembly.method_details       PISA 
_pdbx_struct_assembly.oligomeric_details   monomeric 
_pdbx_struct_assembly.oligomeric_count     1 
# 
_pdbx_struct_assembly_gen.assembly_id       1 
_pdbx_struct_assembly_gen.oper_expression   1 
_pdbx_struct_assembly_gen.asym_id_list      A,B,C 
# 
_pdbx_struct_oper_list.id                   1 
_pdbx_struct_oper_list.type                 'identity operation' 
_pdbx_struct_oper_list.name                 1_555 
_pdbx_struct_oper_list.symmetry_operation   x,y,z 
_pdbx_struct_oper_list.matrix[1][1]         1.0000000000 
_pdbx_struct_oper_list.matrix[1][2]         0.0000000000 
_pdbx_struct_oper_list.matrix[1][3]         0.0000000000 
_pdbx_struct_oper_list.vector[1]            0.0000000000 
_pdbx_struct_oper_list.matrix[2][1]         0.0000000000 
_pdbx_struct_oper_list.matrix[2][2]         1.0000000000 
_pdbx_struct_oper_list.matrix[2][3]         0.0000000000 
_pdbx_struct_oper_list.vector[2]            0.0000000000 
_pdbx_struct_oper_list.matrix[3][1]         0.0000000000 
_pdbx_struct_oper_list.matrix[3][2]         0.0000000000 
_pdbx_struct_oper_list.matrix[3][3]         1.0000000000 
_pdbx_struct_oper_list.vector[3]            0.0000000000 
# 
loop_
_pdbx_audit_revision_history.ordinal 
_pdbx_audit_revision_history.data_content_type 
_pdbx_audit_revision_history.major_revision 
_pdbx_audit_revision_history.minor_revision 
_pdbx_audit_revision_history.revision_date 
1 'Structure model' 1 0 2004-02-17 
2 'Structure model' 1 1 2008-04-26 
3 'Structure model' 1 2 2011-07-13 
4 'Structure model' 1 3 2014-12-10 
5 'Structure model' 1 4 2023-08-16 
# 
_pdbx_audit_revision_details.ordinal             1 
_pdbx_audit_revision_details.revision_ordinal    1 
_pdbx_audit_revision_details.data_content_type   'Structure model' 
_pdbx_audit_revision_details.provider            repository 
_pdbx_audit_revision_details.type                'Initial release' 
_pdbx_audit_revision_details.description         ? 
_pdbx_audit_revision_details.details             ? 
# 
loop_
_pdbx_audit_revision_group.ordinal 
_pdbx_audit_revision_group.revision_ordinal 
_pdbx_audit_revision_group.data_content_type 
_pdbx_audit_revision_group.group 
1 2 'Structure model' 'Version format compliance' 
2 3 'Structure model' 'Version format compliance' 
3 4 'Structure model' Other                       
4 4 'Structure model' 'Source and taxonomy'       
5 5 'Structure model' 'Data collection'           
6 5 'Structure model' 'Database references'       
7 5 'Structure model' 'Derived calculations'      
8 5 'Structure model' 'Refinement description'    
# 
loop_
_pdbx_audit_revision_category.ordinal 
_pdbx_audit_revision_category.revision_ordinal 
_pdbx_audit_revision_category.data_content_type 
_pdbx_audit_revision_category.category 
1 5 'Structure model' chem_comp_atom                
2 5 'Structure model' chem_comp_bond                
3 5 'Structure model' database_2                    
4 5 'Structure model' pdbx_initial_refinement_model 
5 5 'Structure model' struct_site                   
# 
loop_
_pdbx_audit_revision_item.ordinal 
_pdbx_audit_revision_item.revision_ordinal 
_pdbx_audit_revision_item.data_content_type 
_pdbx_audit_revision_item.item 
1 5 'Structure model' '_database_2.pdbx_DOI'                
2 5 'Structure model' '_database_2.pdbx_database_accession' 
3 5 'Structure model' '_struct_site.pdbx_auth_asym_id'      
4 5 'Structure model' '_struct_site.pdbx_auth_comp_id'      
5 5 'Structure model' '_struct_site.pdbx_auth_seq_id'       
# 
loop_
_software.name 
_software.classification 
_software.version 
_software.citation_id 
_software.pdbx_ordinal 
XDS    'data scaling'   .     ? 1 
XDS    'data reduction' .     ? 2 
X-PLOR 'model building' 3.851 ? 3 
X-PLOR refinement       3.851 ? 4 
X-PLOR phasing          3.851 ? 5 
# 
loop_
_pdbx_validate_rmsd_angle.id 
_pdbx_validate_rmsd_angle.PDB_model_num 
_pdbx_validate_rmsd_angle.auth_atom_id_1 
_pdbx_validate_rmsd_angle.auth_asym_id_1 
_pdbx_validate_rmsd_angle.auth_comp_id_1 
_pdbx_validate_rmsd_angle.auth_seq_id_1 
_pdbx_validate_rmsd_angle.PDB_ins_code_1 
_pdbx_validate_rmsd_angle.label_alt_id_1 
_pdbx_validate_rmsd_angle.auth_atom_id_2 
_pdbx_validate_rmsd_angle.auth_asym_id_2 
_pdbx_validate_rmsd_angle.auth_comp_id_2 
_pdbx_validate_rmsd_angle.auth_seq_id_2 
_pdbx_validate_rmsd_angle.PDB_ins_code_2 
_pdbx_validate_rmsd_angle.label_alt_id_2 
_pdbx_validate_rmsd_angle.auth_atom_id_3 
_pdbx_validate_rmsd_angle.auth_asym_id_3 
_pdbx_validate_rmsd_angle.auth_comp_id_3 
_pdbx_validate_rmsd_angle.auth_seq_id_3 
_pdbx_validate_rmsd_angle.PDB_ins_code_3 
_pdbx_validate_rmsd_angle.label_alt_id_3 
_pdbx_validate_rmsd_angle.angle_value 
_pdbx_validate_rmsd_angle.angle_target_value 
_pdbx_validate_rmsd_angle.angle_deviation 
_pdbx_validate_rmsd_angle.angle_standard_deviation 
_pdbx_validate_rmsd_angle.linker_flag 
1 1 NE A ARG 14  ? ? CZ A ARG 14  ? ? NH1 A ARG 14  ? ? 115.59 120.30 -4.71  0.50 N 
2 1 CA A GLU 25  ? ? CB A GLU 25  ? ? CG  A GLU 25  ? ? 88.43  113.40 -24.97 2.20 N 
3 1 CB A ASP 51  ? ? CA A ASP 51  ? ? C   A ASP 51  ? ? 122.58 110.40 12.18  2.00 N 
4 1 CB A LYS 54  ? ? CA A LYS 54  ? ? C   A LYS 54  ? ? 96.88  110.40 -13.52 2.00 N 
5 1 CA A LYS 59  ? ? CB A LYS 59  ? ? CG  A LYS 59  ? ? 99.73  113.40 -13.67 2.20 N 
6 1 CB A ASP 67  ? ? CA A ASP 67  ? ? C   A ASP 67  ? ? 125.29 110.40 14.89  2.00 N 
7 1 CA A GLN 83  ? ? CB A GLN 83  ? ? CG  A GLN 83  ? ? 92.71  113.40 -20.69 2.20 N 
8 1 NE A ARG 99  ? ? CZ A ARG 99  ? ? NH1 A ARG 99  ? ? 123.70 120.30 3.40   0.50 N 
9 1 CB A CYS 104 ? ? CA A CYS 104 ? ? C   A CYS 104 ? ? 95.66  110.40 -14.74 2.00 N 
# 
loop_
_pdbx_validate_torsion.id 
_pdbx_validate_torsion.PDB_model_num 
_pdbx_validate_torsion.auth_comp_id 
_pdbx_validate_torsion.auth_asym_id 
_pdbx_validate_torsion.auth_seq_id 
_pdbx_validate_torsion.PDB_ins_code 
_pdbx_validate_torsion.label_alt_id 
_pdbx_validate_torsion.phi 
_pdbx_validate_torsion.psi 
1 1 LEU A 22  ? ? -79.83  36.49   
2 1 ASP A 94  ? ? 56.75   -118.94 
3 1 THR A 101 ? ? -107.75 -64.61  
# 
loop_
_pdbx_unobs_or_zero_occ_residues.id 
_pdbx_unobs_or_zero_occ_residues.PDB_model_num 
_pdbx_unobs_or_zero_occ_residues.polymer_flag 
_pdbx_unobs_or_zero_occ_residues.occupancy_flag 
_pdbx_unobs_or_zero_occ_residues.auth_asym_id 
_pdbx_unobs_or_zero_occ_residues.auth_comp_id 
_pdbx_unobs_or_zero_occ_residues.auth_seq_id 
_pdbx_unobs_or_zero_occ_residues.PDB_ins_code 
_pdbx_unobs_or_zero_occ_residues.label_asym_id 
_pdbx_unobs_or_zero_occ_residues.label_comp_id 
_pdbx_unobs_or_zero_occ_residues.label_seq_id 
1 1 Y 1 A SER 107 ? A SER 107 
2 1 Y 1 A LYS 108 ? A LYS 108 
# 
loop_
_chem_comp_atom.comp_id 
_chem_comp_atom.atom_id 
_chem_comp_atom.type_symbol 
_chem_comp_atom.pdbx_aromatic_flag 
_chem_comp_atom.pdbx_stereo_config 
_chem_comp_atom.pdbx_ordinal 
903 C1   C Y N 1   
903 C2   C Y N 2   
903 C3   C Y N 3   
903 C4   C Y N 4   
903 C5   C Y N 5   
903 C6   C Y N 6   
903 C7   C N N 7   
903 C8   C N S 8   
903 C9   C N N 9   
903 N10  N N N 10  
903 O11  O N N 11  
903 N12  N N N 12  
903 C13  C N N 13  
903 O14  O N N 14  
903 C15  C N N 15  
903 C16  C N S 16  
903 C17  C N N 17  
903 N18  N N N 18  
903 O19  O N N 19  
903 C20  C N N 20  
903 C21  C N N 21  
903 C22  C N N 22  
903 C23  C Y N 23  
903 C24  C N N 24  
903 C25  C N N 25  
903 C26  C Y N 26  
903 C27  C Y N 27  
903 C28  C Y N 28  
903 C29  C Y N 29  
903 C30  C Y N 30  
903 C31  C Y N 31  
903 C32  C Y N 32  
903 C33  C Y N 33  
903 C34  C Y N 34  
903 C35  C Y N 35  
903 C36  C Y N 36  
903 C37  C N N 37  
903 O38  O N N 38  
903 O39  O N N 39  
903 C40  C N N 40  
903 C41  C N N 41  
903 O42  O N N 42  
903 O43  O N N 43  
903 C75  C N N 44  
903 O76  O N N 45  
903 O77  O N N 46  
903 F80  F N N 47  
903 C81  C N N 48  
903 H2   H N N 49  
903 H3   H N N 50  
903 H6   H N N 51  
903 H71  H N N 52  
903 H72  H N N 53  
903 H8   H N N 54  
903 H10  H N N 55  
903 H12  H N N 56  
903 H151 H N N 57  
903 H152 H N N 58  
903 H153 H N N 59  
903 H16  H N N 60  
903 H201 H N N 61  
903 H202 H N N 62  
903 H211 H N N 63  
903 H212 H N N 64  
903 H221 H N N 65  
903 H222 H N N 66  
903 H241 H N N 67  
903 H242 H N N 68  
903 H251 H N N 69  
903 H252 H N N 70  
903 H26  H N N 71  
903 H27  H N N 72  
903 H29  H N N 73  
903 H30  H N N 74  
903 H32  H N N 75  
903 H33  H N N 76  
903 H34  H N N 77  
903 H35  H N N 78  
903 H36  H N N 79  
903 H42  H N N 80  
903 H76  H N N 81  
903 H811 H N N 82  
903 H812 H N N 83  
903 H813 H N N 84  
ALA N    N N N 85  
ALA CA   C N S 86  
ALA C    C N N 87  
ALA O    O N N 88  
ALA CB   C N N 89  
ALA OXT  O N N 90  
ALA H    H N N 91  
ALA H2   H N N 92  
ALA HA   H N N 93  
ALA HB1  H N N 94  
ALA HB2  H N N 95  
ALA HB3  H N N 96  
ALA HXT  H N N 97  
ARG N    N N N 98  
ARG CA   C N S 99  
ARG C    C N N 100 
ARG O    O N N 101 
ARG CB   C N N 102 
ARG CG   C N N 103 
ARG CD   C N N 104 
ARG NE   N N N 105 
ARG CZ   C N N 106 
ARG NH1  N N N 107 
ARG NH2  N N N 108 
ARG OXT  O N N 109 
ARG H    H N N 110 
ARG H2   H N N 111 
ARG HA   H N N 112 
ARG HB2  H N N 113 
ARG HB3  H N N 114 
ARG HG2  H N N 115 
ARG HG3  H N N 116 
ARG HD2  H N N 117 
ARG HD3  H N N 118 
ARG HE   H N N 119 
ARG HH11 H N N 120 
ARG HH12 H N N 121 
ARG HH21 H N N 122 
ARG HH22 H N N 123 
ARG HXT  H N N 124 
ASN N    N N N 125 
ASN CA   C N S 126 
ASN C    C N N 127 
ASN O    O N N 128 
ASN CB   C N N 129 
ASN CG   C N N 130 
ASN OD1  O N N 131 
ASN ND2  N N N 132 
ASN OXT  O N N 133 
ASN H    H N N 134 
ASN H2   H N N 135 
ASN HA   H N N 136 
ASN HB2  H N N 137 
ASN HB3  H N N 138 
ASN HD21 H N N 139 
ASN HD22 H N N 140 
ASN HXT  H N N 141 
ASP N    N N N 142 
ASP CA   C N S 143 
ASP C    C N N 144 
ASP O    O N N 145 
ASP CB   C N N 146 
ASP CG   C N N 147 
ASP OD1  O N N 148 
ASP OD2  O N N 149 
ASP OXT  O N N 150 
ASP H    H N N 151 
ASP H2   H N N 152 
ASP HA   H N N 153 
ASP HB2  H N N 154 
ASP HB3  H N N 155 
ASP HD2  H N N 156 
ASP HXT  H N N 157 
CYS N    N N N 158 
CYS CA   C N R 159 
CYS C    C N N 160 
CYS O    O N N 161 
CYS CB   C N N 162 
CYS SG   S N N 163 
CYS OXT  O N N 164 
CYS H    H N N 165 
CYS H2   H N N 166 
CYS HA   H N N 167 
CYS HB2  H N N 168 
CYS HB3  H N N 169 
CYS HG   H N N 170 
CYS HXT  H N N 171 
GLN N    N N N 172 
GLN CA   C N S 173 
GLN C    C N N 174 
GLN O    O N N 175 
GLN CB   C N N 176 
GLN CG   C N N 177 
GLN CD   C N N 178 
GLN OE1  O N N 179 
GLN NE2  N N N 180 
GLN OXT  O N N 181 
GLN H    H N N 182 
GLN H2   H N N 183 
GLN HA   H N N 184 
GLN HB2  H N N 185 
GLN HB3  H N N 186 
GLN HG2  H N N 187 
GLN HG3  H N N 188 
GLN HE21 H N N 189 
GLN HE22 H N N 190 
GLN HXT  H N N 191 
GLU N    N N N 192 
GLU CA   C N S 193 
GLU C    C N N 194 
GLU O    O N N 195 
GLU CB   C N N 196 
GLU CG   C N N 197 
GLU CD   C N N 198 
GLU OE1  O N N 199 
GLU OE2  O N N 200 
GLU OXT  O N N 201 
GLU H    H N N 202 
GLU H2   H N N 203 
GLU HA   H N N 204 
GLU HB2  H N N 205 
GLU HB3  H N N 206 
GLU HG2  H N N 207 
GLU HG3  H N N 208 
GLU HE2  H N N 209 
GLU HXT  H N N 210 
GLY N    N N N 211 
GLY CA   C N N 212 
GLY C    C N N 213 
GLY O    O N N 214 
GLY OXT  O N N 215 
GLY H    H N N 216 
GLY H2   H N N 217 
GLY HA2  H N N 218 
GLY HA3  H N N 219 
GLY HXT  H N N 220 
HIS N    N N N 221 
HIS CA   C N S 222 
HIS C    C N N 223 
HIS O    O N N 224 
HIS CB   C N N 225 
HIS CG   C Y N 226 
HIS ND1  N Y N 227 
HIS CD2  C Y N 228 
HIS CE1  C Y N 229 
HIS NE2  N Y N 230 
HIS OXT  O N N 231 
HIS H    H N N 232 
HIS H2   H N N 233 
HIS HA   H N N 234 
HIS HB2  H N N 235 
HIS HB3  H N N 236 
HIS HD1  H N N 237 
HIS HD2  H N N 238 
HIS HE1  H N N 239 
HIS HE2  H N N 240 
HIS HXT  H N N 241 
HOH O    O N N 242 
HOH H1   H N N 243 
HOH H2   H N N 244 
ILE N    N N N 245 
ILE CA   C N S 246 
ILE C    C N N 247 
ILE O    O N N 248 
ILE CB   C N S 249 
ILE CG1  C N N 250 
ILE CG2  C N N 251 
ILE CD1  C N N 252 
ILE OXT  O N N 253 
ILE H    H N N 254 
ILE H2   H N N 255 
ILE HA   H N N 256 
ILE HB   H N N 257 
ILE HG12 H N N 258 
ILE HG13 H N N 259 
ILE HG21 H N N 260 
ILE HG22 H N N 261 
ILE HG23 H N N 262 
ILE HD11 H N N 263 
ILE HD12 H N N 264 
ILE HD13 H N N 265 
ILE HXT  H N N 266 
LEU N    N N N 267 
LEU CA   C N S 268 
LEU C    C N N 269 
LEU O    O N N 270 
LEU CB   C N N 271 
LEU CG   C N N 272 
LEU CD1  C N N 273 
LEU CD2  C N N 274 
LEU OXT  O N N 275 
LEU H    H N N 276 
LEU H2   H N N 277 
LEU HA   H N N 278 
LEU HB2  H N N 279 
LEU HB3  H N N 280 
LEU HG   H N N 281 
LEU HD11 H N N 282 
LEU HD12 H N N 283 
LEU HD13 H N N 284 
LEU HD21 H N N 285 
LEU HD22 H N N 286 
LEU HD23 H N N 287 
LEU HXT  H N N 288 
LYS N    N N N 289 
LYS CA   C N S 290 
LYS C    C N N 291 
LYS O    O N N 292 
LYS CB   C N N 293 
LYS CG   C N N 294 
LYS CD   C N N 295 
LYS CE   C N N 296 
LYS NZ   N N N 297 
LYS OXT  O N N 298 
LYS H    H N N 299 
LYS H2   H N N 300 
LYS HA   H N N 301 
LYS HB2  H N N 302 
LYS HB3  H N N 303 
LYS HG2  H N N 304 
LYS HG3  H N N 305 
LYS HD2  H N N 306 
LYS HD3  H N N 307 
LYS HE2  H N N 308 
LYS HE3  H N N 309 
LYS HZ1  H N N 310 
LYS HZ2  H N N 311 
LYS HZ3  H N N 312 
LYS HXT  H N N 313 
PHE N    N N N 314 
PHE CA   C N S 315 
PHE C    C N N 316 
PHE O    O N N 317 
PHE CB   C N N 318 
PHE CG   C Y N 319 
PHE CD1  C Y N 320 
PHE CD2  C Y N 321 
PHE CE1  C Y N 322 
PHE CE2  C Y N 323 
PHE CZ   C Y N 324 
PHE OXT  O N N 325 
PHE H    H N N 326 
PHE H2   H N N 327 
PHE HA   H N N 328 
PHE HB2  H N N 329 
PHE HB3  H N N 330 
PHE HD1  H N N 331 
PHE HD2  H N N 332 
PHE HE1  H N N 333 
PHE HE2  H N N 334 
PHE HZ   H N N 335 
PHE HXT  H N N 336 
PRO N    N N N 337 
PRO CA   C N S 338 
PRO C    C N N 339 
PRO O    O N N 340 
PRO CB   C N N 341 
PRO CG   C N N 342 
PRO CD   C N N 343 
PRO OXT  O N N 344 
PRO H    H N N 345 
PRO HA   H N N 346 
PRO HB2  H N N 347 
PRO HB3  H N N 348 
PRO HG2  H N N 349 
PRO HG3  H N N 350 
PRO HD2  H N N 351 
PRO HD3  H N N 352 
PRO HXT  H N N 353 
SER N    N N N 354 
SER CA   C N S 355 
SER C    C N N 356 
SER O    O N N 357 
SER CB   C N N 358 
SER OG   O N N 359 
SER OXT  O N N 360 
SER H    H N N 361 
SER H2   H N N 362 
SER HA   H N N 363 
SER HB2  H N N 364 
SER HB3  H N N 365 
SER HG   H N N 366 
SER HXT  H N N 367 
THR N    N N N 368 
THR CA   C N S 369 
THR C    C N N 370 
THR O    O N N 371 
THR CB   C N R 372 
THR OG1  O N N 373 
THR CG2  C N N 374 
THR OXT  O N N 375 
THR H    H N N 376 
THR H2   H N N 377 
THR HA   H N N 378 
THR HB   H N N 379 
THR HG1  H N N 380 
THR HG21 H N N 381 
THR HG22 H N N 382 
THR HG23 H N N 383 
THR HXT  H N N 384 
TRP N    N N N 385 
TRP CA   C N S 386 
TRP C    C N N 387 
TRP O    O N N 388 
TRP CB   C N N 389 
TRP CG   C Y N 390 
TRP CD1  C Y N 391 
TRP CD2  C Y N 392 
TRP NE1  N Y N 393 
TRP CE2  C Y N 394 
TRP CE3  C Y N 395 
TRP CZ2  C Y N 396 
TRP CZ3  C Y N 397 
TRP CH2  C Y N 398 
TRP OXT  O N N 399 
TRP H    H N N 400 
TRP H2   H N N 401 
TRP HA   H N N 402 
TRP HB2  H N N 403 
TRP HB3  H N N 404 
TRP HD1  H N N 405 
TRP HE1  H N N 406 
TRP HE3  H N N 407 
TRP HZ2  H N N 408 
TRP HZ3  H N N 409 
TRP HH2  H N N 410 
TRP HXT  H N N 411 
TYR N    N N N 412 
TYR CA   C N S 413 
TYR C    C N N 414 
TYR O    O N N 415 
TYR CB   C N N 416 
TYR CG   C Y N 417 
TYR CD1  C Y N 418 
TYR CD2  C Y N 419 
TYR CE1  C Y N 420 
TYR CE2  C Y N 421 
TYR CZ   C Y N 422 
TYR OH   O N N 423 
TYR OXT  O N N 424 
TYR H    H N N 425 
TYR H2   H N N 426 
TYR HA   H N N 427 
TYR HB2  H N N 428 
TYR HB3  H N N 429 
TYR HD1  H N N 430 
TYR HD2  H N N 431 
TYR HE1  H N N 432 
TYR HE2  H N N 433 
TYR HH   H N N 434 
TYR HXT  H N N 435 
VAL N    N N N 436 
VAL CA   C N S 437 
VAL C    C N N 438 
VAL O    O N N 439 
VAL CB   C N N 440 
VAL CG1  C N N 441 
VAL CG2  C N N 442 
VAL OXT  O N N 443 
VAL H    H N N 444 
VAL H2   H N N 445 
VAL HA   H N N 446 
VAL HB   H N N 447 
VAL HG11 H N N 448 
VAL HG12 H N N 449 
VAL HG13 H N N 450 
VAL HG21 H N N 451 
VAL HG22 H N N 452 
VAL HG23 H N N 453 
VAL HXT  H N N 454 
# 
loop_
_chem_comp_bond.comp_id 
_chem_comp_bond.atom_id_1 
_chem_comp_bond.atom_id_2 
_chem_comp_bond.value_order 
_chem_comp_bond.pdbx_aromatic_flag 
_chem_comp_bond.pdbx_stereo_config 
_chem_comp_bond.pdbx_ordinal 
903 C1  C2   doub Y N 1   
903 C1  C6   sing Y N 2   
903 C1  C7   sing N N 3   
903 C2  C3   sing Y N 4   
903 C2  H2   sing N N 5   
903 C3  C4   doub Y N 6   
903 C3  H3   sing N N 7   
903 C4  C5   sing Y N 8   
903 C4  C40  sing N N 9   
903 C5  C6   doub Y N 10  
903 C5  C37  sing N N 11  
903 C6  H6   sing N N 12  
903 C7  C8   sing N N 13  
903 C7  H71  sing N N 14  
903 C7  H72  sing N N 15  
903 C8  C9   sing N N 16  
903 C8  N12  sing N N 17  
903 C8  H8   sing N N 18  
903 C9  N10  sing N N 19  
903 C9  O11  doub N N 20  
903 N10 C16  sing N N 21  
903 N10 H10  sing N N 22  
903 N12 C13  sing N N 23  
903 N12 H12  sing N N 24  
903 C13 O14  doub N N 25  
903 C13 C15  sing N N 26  
903 C15 H151 sing N N 27  
903 C15 H152 sing N N 28  
903 C15 H153 sing N N 29  
903 C16 C17  sing N N 30  
903 C16 C25  sing N N 31  
903 C16 H16  sing N N 32  
903 C17 N18  sing N N 33  
903 C17 O19  doub N N 34  
903 N18 C20  sing N N 35  
903 N18 C22  sing N N 36  
903 C20 C21  sing N N 37  
903 C20 H201 sing N N 38  
903 C20 H202 sing N N 39  
903 C21 C24  sing N N 40  
903 C21 H211 sing N N 41  
903 C21 H212 sing N N 42  
903 C22 C23  sing N N 43  
903 C22 H221 sing N N 44  
903 C22 H222 sing N N 45  
903 C23 C26  doub Y N 46  
903 C23 C30  sing Y N 47  
903 C24 C25  sing N N 48  
903 C24 H241 sing N N 49  
903 C24 H242 sing N N 50  
903 C25 H251 sing N N 51  
903 C25 H252 sing N N 52  
903 C26 C27  sing Y N 53  
903 C26 H26  sing N N 54  
903 C27 C28  doub Y N 55  
903 C27 H27  sing N N 56  
903 C28 C29  sing Y N 57  
903 C28 C31  sing Y N 58  
903 C29 C30  doub Y N 59  
903 C29 H29  sing N N 60  
903 C30 H30  sing N N 61  
903 C31 C32  sing Y N 62  
903 C31 C36  doub Y N 63  
903 C32 C33  doub Y N 64  
903 C32 H32  sing N N 65  
903 C33 C34  sing Y N 66  
903 C33 H33  sing N N 67  
903 C34 C35  doub Y N 68  
903 C34 H34  sing N N 69  
903 C35 C36  sing Y N 70  
903 C35 H35  sing N N 71  
903 C36 H36  sing N N 72  
903 C37 O38  sing N N 73  
903 C37 O39  doub N N 74  
903 O38 C81  sing N N 75  
903 C40 C41  sing N N 76  
903 C40 C75  sing N N 77  
903 C40 F80  sing N N 78  
903 C41 O42  sing N N 79  
903 C41 O43  doub N N 80  
903 O42 H42  sing N N 81  
903 C75 O76  sing N N 82  
903 C75 O77  doub N N 83  
903 O76 H76  sing N N 84  
903 C81 H811 sing N N 85  
903 C81 H812 sing N N 86  
903 C81 H813 sing N N 87  
ALA N   CA   sing N N 88  
ALA N   H    sing N N 89  
ALA N   H2   sing N N 90  
ALA CA  C    sing N N 91  
ALA CA  CB   sing N N 92  
ALA CA  HA   sing N N 93  
ALA C   O    doub N N 94  
ALA C   OXT  sing N N 95  
ALA CB  HB1  sing N N 96  
ALA CB  HB2  sing N N 97  
ALA CB  HB3  sing N N 98  
ALA OXT HXT  sing N N 99  
ARG N   CA   sing N N 100 
ARG N   H    sing N N 101 
ARG N   H2   sing N N 102 
ARG CA  C    sing N N 103 
ARG CA  CB   sing N N 104 
ARG CA  HA   sing N N 105 
ARG C   O    doub N N 106 
ARG C   OXT  sing N N 107 
ARG CB  CG   sing N N 108 
ARG CB  HB2  sing N N 109 
ARG CB  HB3  sing N N 110 
ARG CG  CD   sing N N 111 
ARG CG  HG2  sing N N 112 
ARG CG  HG3  sing N N 113 
ARG CD  NE   sing N N 114 
ARG CD  HD2  sing N N 115 
ARG CD  HD3  sing N N 116 
ARG NE  CZ   sing N N 117 
ARG NE  HE   sing N N 118 
ARG CZ  NH1  sing N N 119 
ARG CZ  NH2  doub N N 120 
ARG NH1 HH11 sing N N 121 
ARG NH1 HH12 sing N N 122 
ARG NH2 HH21 sing N N 123 
ARG NH2 HH22 sing N N 124 
ARG OXT HXT  sing N N 125 
ASN N   CA   sing N N 126 
ASN N   H    sing N N 127 
ASN N   H2   sing N N 128 
ASN CA  C    sing N N 129 
ASN CA  CB   sing N N 130 
ASN CA  HA   sing N N 131 
ASN C   O    doub N N 132 
ASN C   OXT  sing N N 133 
ASN CB  CG   sing N N 134 
ASN CB  HB2  sing N N 135 
ASN CB  HB3  sing N N 136 
ASN CG  OD1  doub N N 137 
ASN CG  ND2  sing N N 138 
ASN ND2 HD21 sing N N 139 
ASN ND2 HD22 sing N N 140 
ASN OXT HXT  sing N N 141 
ASP N   CA   sing N N 142 
ASP N   H    sing N N 143 
ASP N   H2   sing N N 144 
ASP CA  C    sing N N 145 
ASP CA  CB   sing N N 146 
ASP CA  HA   sing N N 147 
ASP C   O    doub N N 148 
ASP C   OXT  sing N N 149 
ASP CB  CG   sing N N 150 
ASP CB  HB2  sing N N 151 
ASP CB  HB3  sing N N 152 
ASP CG  OD1  doub N N 153 
ASP CG  OD2  sing N N 154 
ASP OD2 HD2  sing N N 155 
ASP OXT HXT  sing N N 156 
CYS N   CA   sing N N 157 
CYS N   H    sing N N 158 
CYS N   H2   sing N N 159 
CYS CA  C    sing N N 160 
CYS CA  CB   sing N N 161 
CYS CA  HA   sing N N 162 
CYS C   O    doub N N 163 
CYS C   OXT  sing N N 164 
CYS CB  SG   sing N N 165 
CYS CB  HB2  sing N N 166 
CYS CB  HB3  sing N N 167 
CYS SG  HG   sing N N 168 
CYS OXT HXT  sing N N 169 
GLN N   CA   sing N N 170 
GLN N   H    sing N N 171 
GLN N   H2   sing N N 172 
GLN CA  C    sing N N 173 
GLN CA  CB   sing N N 174 
GLN CA  HA   sing N N 175 
GLN C   O    doub N N 176 
GLN C   OXT  sing N N 177 
GLN CB  CG   sing N N 178 
GLN CB  HB2  sing N N 179 
GLN CB  HB3  sing N N 180 
GLN CG  CD   sing N N 181 
GLN CG  HG2  sing N N 182 
GLN CG  HG3  sing N N 183 
GLN CD  OE1  doub N N 184 
GLN CD  NE2  sing N N 185 
GLN NE2 HE21 sing N N 186 
GLN NE2 HE22 sing N N 187 
GLN OXT HXT  sing N N 188 
GLU N   CA   sing N N 189 
GLU N   H    sing N N 190 
GLU N   H2   sing N N 191 
GLU CA  C    sing N N 192 
GLU CA  CB   sing N N 193 
GLU CA  HA   sing N N 194 
GLU C   O    doub N N 195 
GLU C   OXT  sing N N 196 
GLU CB  CG   sing N N 197 
GLU CB  HB2  sing N N 198 
GLU CB  HB3  sing N N 199 
GLU CG  CD   sing N N 200 
GLU CG  HG2  sing N N 201 
GLU CG  HG3  sing N N 202 
GLU CD  OE1  doub N N 203 
GLU CD  OE2  sing N N 204 
GLU OE2 HE2  sing N N 205 
GLU OXT HXT  sing N N 206 
GLY N   CA   sing N N 207 
GLY N   H    sing N N 208 
GLY N   H2   sing N N 209 
GLY CA  C    sing N N 210 
GLY CA  HA2  sing N N 211 
GLY CA  HA3  sing N N 212 
GLY C   O    doub N N 213 
GLY C   OXT  sing N N 214 
GLY OXT HXT  sing N N 215 
HIS N   CA   sing N N 216 
HIS N   H    sing N N 217 
HIS N   H2   sing N N 218 
HIS CA  C    sing N N 219 
HIS CA  CB   sing N N 220 
HIS CA  HA   sing N N 221 
HIS C   O    doub N N 222 
HIS C   OXT  sing N N 223 
HIS CB  CG   sing N N 224 
HIS CB  HB2  sing N N 225 
HIS CB  HB3  sing N N 226 
HIS CG  ND1  sing Y N 227 
HIS CG  CD2  doub Y N 228 
HIS ND1 CE1  doub Y N 229 
HIS ND1 HD1  sing N N 230 
HIS CD2 NE2  sing Y N 231 
HIS CD2 HD2  sing N N 232 
HIS CE1 NE2  sing Y N 233 
HIS CE1 HE1  sing N N 234 
HIS NE2 HE2  sing N N 235 
HIS OXT HXT  sing N N 236 
HOH O   H1   sing N N 237 
HOH O   H2   sing N N 238 
ILE N   CA   sing N N 239 
ILE N   H    sing N N 240 
ILE N   H2   sing N N 241 
ILE CA  C    sing N N 242 
ILE CA  CB   sing N N 243 
ILE CA  HA   sing N N 244 
ILE C   O    doub N N 245 
ILE C   OXT  sing N N 246 
ILE CB  CG1  sing N N 247 
ILE CB  CG2  sing N N 248 
ILE CB  HB   sing N N 249 
ILE CG1 CD1  sing N N 250 
ILE CG1 HG12 sing N N 251 
ILE CG1 HG13 sing N N 252 
ILE CG2 HG21 sing N N 253 
ILE CG2 HG22 sing N N 254 
ILE CG2 HG23 sing N N 255 
ILE CD1 HD11 sing N N 256 
ILE CD1 HD12 sing N N 257 
ILE CD1 HD13 sing N N 258 
ILE OXT HXT  sing N N 259 
LEU N   CA   sing N N 260 
LEU N   H    sing N N 261 
LEU N   H2   sing N N 262 
LEU CA  C    sing N N 263 
LEU CA  CB   sing N N 264 
LEU CA  HA   sing N N 265 
LEU C   O    doub N N 266 
LEU C   OXT  sing N N 267 
LEU CB  CG   sing N N 268 
LEU CB  HB2  sing N N 269 
LEU CB  HB3  sing N N 270 
LEU CG  CD1  sing N N 271 
LEU CG  CD2  sing N N 272 
LEU CG  HG   sing N N 273 
LEU CD1 HD11 sing N N 274 
LEU CD1 HD12 sing N N 275 
LEU CD1 HD13 sing N N 276 
LEU CD2 HD21 sing N N 277 
LEU CD2 HD22 sing N N 278 
LEU CD2 HD23 sing N N 279 
LEU OXT HXT  sing N N 280 
LYS N   CA   sing N N 281 
LYS N   H    sing N N 282 
LYS N   H2   sing N N 283 
LYS CA  C    sing N N 284 
LYS CA  CB   sing N N 285 
LYS CA  HA   sing N N 286 
LYS C   O    doub N N 287 
LYS C   OXT  sing N N 288 
LYS CB  CG   sing N N 289 
LYS CB  HB2  sing N N 290 
LYS CB  HB3  sing N N 291 
LYS CG  CD   sing N N 292 
LYS CG  HG2  sing N N 293 
LYS CG  HG3  sing N N 294 
LYS CD  CE   sing N N 295 
LYS CD  HD2  sing N N 296 
LYS CD  HD3  sing N N 297 
LYS CE  NZ   sing N N 298 
LYS CE  HE2  sing N N 299 
LYS CE  HE3  sing N N 300 
LYS NZ  HZ1  sing N N 301 
LYS NZ  HZ2  sing N N 302 
LYS NZ  HZ3  sing N N 303 
LYS OXT HXT  sing N N 304 
PHE N   CA   sing N N 305 
PHE N   H    sing N N 306 
PHE N   H2   sing N N 307 
PHE CA  C    sing N N 308 
PHE CA  CB   sing N N 309 
PHE CA  HA   sing N N 310 
PHE C   O    doub N N 311 
PHE C   OXT  sing N N 312 
PHE CB  CG   sing N N 313 
PHE CB  HB2  sing N N 314 
PHE CB  HB3  sing N N 315 
PHE CG  CD1  doub Y N 316 
PHE CG  CD2  sing Y N 317 
PHE CD1 CE1  sing Y N 318 
PHE CD1 HD1  sing N N 319 
PHE CD2 CE2  doub Y N 320 
PHE CD2 HD2  sing N N 321 
PHE CE1 CZ   doub Y N 322 
PHE CE1 HE1  sing N N 323 
PHE CE2 CZ   sing Y N 324 
PHE CE2 HE2  sing N N 325 
PHE CZ  HZ   sing N N 326 
PHE OXT HXT  sing N N 327 
PRO N   CA   sing N N 328 
PRO N   CD   sing N N 329 
PRO N   H    sing N N 330 
PRO CA  C    sing N N 331 
PRO CA  CB   sing N N 332 
PRO CA  HA   sing N N 333 
PRO C   O    doub N N 334 
PRO C   OXT  sing N N 335 
PRO CB  CG   sing N N 336 
PRO CB  HB2  sing N N 337 
PRO CB  HB3  sing N N 338 
PRO CG  CD   sing N N 339 
PRO CG  HG2  sing N N 340 
PRO CG  HG3  sing N N 341 
PRO CD  HD2  sing N N 342 
PRO CD  HD3  sing N N 343 
PRO OXT HXT  sing N N 344 
SER N   CA   sing N N 345 
SER N   H    sing N N 346 
SER N   H2   sing N N 347 
SER CA  C    sing N N 348 
SER CA  CB   sing N N 349 
SER CA  HA   sing N N 350 
SER C   O    doub N N 351 
SER C   OXT  sing N N 352 
SER CB  OG   sing N N 353 
SER CB  HB2  sing N N 354 
SER CB  HB3  sing N N 355 
SER OG  HG   sing N N 356 
SER OXT HXT  sing N N 357 
THR N   CA   sing N N 358 
THR N   H    sing N N 359 
THR N   H2   sing N N 360 
THR CA  C    sing N N 361 
THR CA  CB   sing N N 362 
THR CA  HA   sing N N 363 
THR C   O    doub N N 364 
THR C   OXT  sing N N 365 
THR CB  OG1  sing N N 366 
THR CB  CG2  sing N N 367 
THR CB  HB   sing N N 368 
THR OG1 HG1  sing N N 369 
THR CG2 HG21 sing N N 370 
THR CG2 HG22 sing N N 371 
THR CG2 HG23 sing N N 372 
THR OXT HXT  sing N N 373 
TRP N   CA   sing N N 374 
TRP N   H    sing N N 375 
TRP N   H2   sing N N 376 
TRP CA  C    sing N N 377 
TRP CA  CB   sing N N 378 
TRP CA  HA   sing N N 379 
TRP C   O    doub N N 380 
TRP C   OXT  sing N N 381 
TRP CB  CG   sing N N 382 
TRP CB  HB2  sing N N 383 
TRP CB  HB3  sing N N 384 
TRP CG  CD1  doub Y N 385 
TRP CG  CD2  sing Y N 386 
TRP CD1 NE1  sing Y N 387 
TRP CD1 HD1  sing N N 388 
TRP CD2 CE2  doub Y N 389 
TRP CD2 CE3  sing Y N 390 
TRP NE1 CE2  sing Y N 391 
TRP NE1 HE1  sing N N 392 
TRP CE2 CZ2  sing Y N 393 
TRP CE3 CZ3  doub Y N 394 
TRP CE3 HE3  sing N N 395 
TRP CZ2 CH2  doub Y N 396 
TRP CZ2 HZ2  sing N N 397 
TRP CZ3 CH2  sing Y N 398 
TRP CZ3 HZ3  sing N N 399 
TRP CH2 HH2  sing N N 400 
TRP OXT HXT  sing N N 401 
TYR N   CA   sing N N 402 
TYR N   H    sing N N 403 
TYR N   H2   sing N N 404 
TYR CA  C    sing N N 405 
TYR CA  CB   sing N N 406 
TYR CA  HA   sing N N 407 
TYR C   O    doub N N 408 
TYR C   OXT  sing N N 409 
TYR CB  CG   sing N N 410 
TYR CB  HB2  sing N N 411 
TYR CB  HB3  sing N N 412 
TYR CG  CD1  doub Y N 413 
TYR CG  CD2  sing Y N 414 
TYR CD1 CE1  sing Y N 415 
TYR CD1 HD1  sing N N 416 
TYR CD2 CE2  doub Y N 417 
TYR CD2 HD2  sing N N 418 
TYR CE1 CZ   doub Y N 419 
TYR CE1 HE1  sing N N 420 
TYR CE2 CZ   sing Y N 421 
TYR CE2 HE2  sing N N 422 
TYR CZ  OH   sing N N 423 
TYR OH  HH   sing N N 424 
TYR OXT HXT  sing N N 425 
VAL N   CA   sing N N 426 
VAL N   H    sing N N 427 
VAL N   H2   sing N N 428 
VAL CA  C    sing N N 429 
VAL CA  CB   sing N N 430 
VAL CA  HA   sing N N 431 
VAL C   O    doub N N 432 
VAL C   OXT  sing N N 433 
VAL CB  CG1  sing N N 434 
VAL CB  CG2  sing N N 435 
VAL CB  HB   sing N N 436 
VAL CG1 HG11 sing N N 437 
VAL CG1 HG12 sing N N 438 
VAL CG1 HG13 sing N N 439 
VAL CG2 HG21 sing N N 440 
VAL CG2 HG22 sing N N 441 
VAL CG2 HG23 sing N N 442 
VAL OXT HXT  sing N N 443 
# 
loop_
_pdbx_entity_nonpoly.entity_id 
_pdbx_entity_nonpoly.name 
_pdbx_entity_nonpoly.comp_id 
2 
'2-{4-[2-ACETYLAMINO-2-(1-BIPHENYL-4-YLMETHYL-2-OXO-AZEPAN-3-YLCARBAMOYL)-ETHYL]-2-METHOXYCARBONYL-PHENYL}-2-FLUORO-MALONIC ACID' 
903 
3 water HOH 
# 
_pdbx_initial_refinement_model.id               1 
_pdbx_initial_refinement_model.entity_id_list   ? 
_pdbx_initial_refinement_model.type             'experimental model' 
_pdbx_initial_refinement_model.source_name      PDB 
_pdbx_initial_refinement_model.accession_code   1SHD 
_pdbx_initial_refinement_model.details          'PDB entry 1SHD' 
# 
